data_1KLX
# 
_entry.id   1KLX 
# 
_audit_conform.dict_name       mmcif_pdbx.dic 
_audit_conform.dict_version    5.398 
_audit_conform.dict_location   http://mmcif.pdb.org/dictionaries/ascii/mmcif_pdbx.dic 
# 
loop_
_database_2.database_id 
_database_2.database_code 
_database_2.pdbx_database_accession 
_database_2.pdbx_DOI 
PDB   1KLX         pdb_00001klx 10.2210/pdb1klx/pdb 
RCSB  RCSB015091   ?            ?                   
WWPDB D_1000015091 ?            ?                   
# 
loop_
_pdbx_audit_revision_history.ordinal 
_pdbx_audit_revision_history.data_content_type 
_pdbx_audit_revision_history.major_revision 
_pdbx_audit_revision_history.minor_revision 
_pdbx_audit_revision_history.revision_date 
1 'Structure model' 1 0 2002-09-11 
2 'Structure model' 1 1 2008-04-27 
3 'Structure model' 1 2 2011-07-13 
4 'Structure model' 1 3 2019-07-24 
5 'Structure model' 1 4 2024-11-06 
# 
_pdbx_audit_revision_details.ordinal             1 
_pdbx_audit_revision_details.revision_ordinal    1 
_pdbx_audit_revision_details.data_content_type   'Structure model' 
_pdbx_audit_revision_details.provider            repository 
_pdbx_audit_revision_details.type                'Initial release' 
_pdbx_audit_revision_details.description         ? 
_pdbx_audit_revision_details.details             ? 
# 
loop_
_pdbx_audit_revision_group.ordinal 
_pdbx_audit_revision_group.revision_ordinal 
_pdbx_audit_revision_group.data_content_type 
_pdbx_audit_revision_group.group 
1 2 'Structure model' 'Version format compliance' 
2 3 'Structure model' 'Version format compliance' 
3 4 'Structure model' 'Data collection'           
4 4 'Structure model' 'Refinement description'    
5 5 'Structure model' 'Data collection'           
6 5 'Structure model' 'Database references'       
7 5 'Structure model' 'Structure summary'         
# 
loop_
_pdbx_audit_revision_category.ordinal 
_pdbx_audit_revision_category.revision_ordinal 
_pdbx_audit_revision_category.data_content_type 
_pdbx_audit_revision_category.category 
1 4 'Structure model' software                  
2 5 'Structure model' chem_comp_atom            
3 5 'Structure model' chem_comp_bond            
4 5 'Structure model' database_2                
5 5 'Structure model' pdbx_entry_details        
6 5 'Structure model' pdbx_modification_feature 
# 
loop_
_pdbx_audit_revision_item.ordinal 
_pdbx_audit_revision_item.revision_ordinal 
_pdbx_audit_revision_item.data_content_type 
_pdbx_audit_revision_item.item 
1 4 'Structure model' '_software.classification'            
2 4 'Structure model' '_software.name'                      
3 4 'Structure model' '_software.version'                   
4 5 'Structure model' '_database_2.pdbx_DOI'                
5 5 'Structure model' '_database_2.pdbx_database_accession' 
# 
_pdbx_database_status.status_code                     REL 
_pdbx_database_status.entry_id                        1KLX 
_pdbx_database_status.recvd_initial_deposition_date   2001-12-13 
_pdbx_database_status.deposit_site                    RCSB 
_pdbx_database_status.process_site                    RCSB 
_pdbx_database_status.status_code_sf                  REL 
_pdbx_database_status.SG_entry                        . 
_pdbx_database_status.pdb_format_compatible           Y 
_pdbx_database_status.status_code_mr                  ? 
_pdbx_database_status.status_code_cs                  ? 
_pdbx_database_status.methods_development_category    ? 
_pdbx_database_status.status_code_nmr_data            ? 
# 
loop_
_audit_author.name 
_audit_author.pdbx_ordinal 
'Luethy, L.'     1 
'Gruetter, M.G.' 2 
'Mittl, P.R.E.'  3 
# 
_citation.id                        primary 
_citation.title                     
'The crystal structure of Helicobacter pylori cysteine-rich protein B reveals a novel fold for a penicillin-binding protein.' 
_citation.journal_abbrev            J.Biol.Chem. 
_citation.journal_volume            277 
_citation.page_first                10187 
_citation.page_last                 10193 
_citation.year                      2002 
_citation.journal_id_ASTM           JBCHA3 
_citation.country                   US 
_citation.journal_id_ISSN           0021-9258 
_citation.journal_id_CSD            0071 
_citation.book_publisher            ? 
_citation.pdbx_database_id_PubMed   11777911 
_citation.pdbx_database_id_DOI      10.1074/jbc.M108993200 
# 
loop_
_citation_author.citation_id 
_citation_author.name 
_citation_author.ordinal 
_citation_author.identifier_ORCID 
primary 'Luthy, L.'     1 ? 
primary 'Grutter, M.G.' 2 ? 
primary 'Mittl, P.R.'   3 ? 
# 
loop_
_entity.id 
_entity.type 
_entity.src_method 
_entity.pdbx_description 
_entity.formula_weight 
_entity.pdbx_number_of_molecules 
_entity.pdbx_ec 
_entity.pdbx_mutation 
_entity.pdbx_fragment 
_entity.details 
1 polymer man 'Cysteine Rich Protein B' 15367.736 1   ? ? ? ? 
2 water   nat water                     18.015    189 ? ? ? ? 
# 
_entity_poly.entity_id                      1 
_entity_poly.type                           'polypeptide(L)' 
_entity_poly.nstd_linkage                   no 
_entity_poly.nstd_monomer                   no 
_entity_poly.pdbx_seq_one_letter_code       
;MVGGGTVKKDLKKAIQYYVKACELNEMFGCLSLVSNSQINKQKLFQYLSKACELNSGNGCRFLGDFYENGKYVKKDLRKA
AQYYSKACGLNDQDGCLILGYKQYAGKGVVKNEKQAVKTFEKACRLGSEDACGILNNY
;
_entity_poly.pdbx_seq_one_letter_code_can   
;MVGGGTVKKDLKKAIQYYVKACELNEMFGCLSLVSNSQINKQKLFQYLSKACELNSGNGCRFLGDFYENGKYVKKDLRKA
AQYYSKACGLNDQDGCLILGYKQYAGKGVVKNEKQAVKTFEKACRLGSEDACGILNNY
;
_entity_poly.pdbx_strand_id                 A 
_entity_poly.pdbx_target_identifier         ? 
# 
_pdbx_entity_nonpoly.entity_id   2 
_pdbx_entity_nonpoly.name        water 
_pdbx_entity_nonpoly.comp_id     HOH 
# 
loop_
_entity_poly_seq.entity_id 
_entity_poly_seq.num 
_entity_poly_seq.mon_id 
_entity_poly_seq.hetero 
1 1   MET n 
1 2   VAL n 
1 3   GLY n 
1 4   GLY n 
1 5   GLY n 
1 6   THR n 
1 7   VAL n 
1 8   LYS n 
1 9   LYS n 
1 10  ASP n 
1 11  LEU n 
1 12  LYS n 
1 13  LYS n 
1 14  ALA n 
1 15  ILE n 
1 16  GLN n 
1 17  TYR n 
1 18  TYR n 
1 19  VAL n 
1 20  LYS n 
1 21  ALA n 
1 22  CYS n 
1 23  GLU n 
1 24  LEU n 
1 25  ASN n 
1 26  GLU n 
1 27  MET n 
1 28  PHE n 
1 29  GLY n 
1 30  CYS n 
1 31  LEU n 
1 32  SER n 
1 33  LEU n 
1 34  VAL n 
1 35  SER n 
1 36  ASN n 
1 37  SER n 
1 38  GLN n 
1 39  ILE n 
1 40  ASN n 
1 41  LYS n 
1 42  GLN n 
1 43  LYS n 
1 44  LEU n 
1 45  PHE n 
1 46  GLN n 
1 47  TYR n 
1 48  LEU n 
1 49  SER n 
1 50  LYS n 
1 51  ALA n 
1 52  CYS n 
1 53  GLU n 
1 54  LEU n 
1 55  ASN n 
1 56  SER n 
1 57  GLY n 
1 58  ASN n 
1 59  GLY n 
1 60  CYS n 
1 61  ARG n 
1 62  PHE n 
1 63  LEU n 
1 64  GLY n 
1 65  ASP n 
1 66  PHE n 
1 67  TYR n 
1 68  GLU n 
1 69  ASN n 
1 70  GLY n 
1 71  LYS n 
1 72  TYR n 
1 73  VAL n 
1 74  LYS n 
1 75  LYS n 
1 76  ASP n 
1 77  LEU n 
1 78  ARG n 
1 79  LYS n 
1 80  ALA n 
1 81  ALA n 
1 82  GLN n 
1 83  TYR n 
1 84  TYR n 
1 85  SER n 
1 86  LYS n 
1 87  ALA n 
1 88  CYS n 
1 89  GLY n 
1 90  LEU n 
1 91  ASN n 
1 92  ASP n 
1 93  GLN n 
1 94  ASP n 
1 95  GLY n 
1 96  CYS n 
1 97  LEU n 
1 98  ILE n 
1 99  LEU n 
1 100 GLY n 
1 101 TYR n 
1 102 LYS n 
1 103 GLN n 
1 104 TYR n 
1 105 ALA n 
1 106 GLY n 
1 107 LYS n 
1 108 GLY n 
1 109 VAL n 
1 110 VAL n 
1 111 LYS n 
1 112 ASN n 
1 113 GLU n 
1 114 LYS n 
1 115 GLN n 
1 116 ALA n 
1 117 VAL n 
1 118 LYS n 
1 119 THR n 
1 120 PHE n 
1 121 GLU n 
1 122 LYS n 
1 123 ALA n 
1 124 CYS n 
1 125 ARG n 
1 126 LEU n 
1 127 GLY n 
1 128 SER n 
1 129 GLU n 
1 130 ASP n 
1 131 ALA n 
1 132 CYS n 
1 133 GLY n 
1 134 ILE n 
1 135 LEU n 
1 136 ASN n 
1 137 ASN n 
1 138 TYR n 
# 
_entity_src_gen.entity_id                          1 
_entity_src_gen.pdbx_src_id                        1 
_entity_src_gen.pdbx_alt_source_flag               sample 
_entity_src_gen.pdbx_seq_type                      ? 
_entity_src_gen.pdbx_beg_seq_num                   ? 
_entity_src_gen.pdbx_end_seq_num                   ? 
_entity_src_gen.gene_src_common_name               ? 
_entity_src_gen.gene_src_genus                     Helicobacter 
_entity_src_gen.pdbx_gene_src_gene                 HP0336 
_entity_src_gen.gene_src_species                   ? 
_entity_src_gen.gene_src_strain                    ? 
_entity_src_gen.gene_src_tissue                    ? 
_entity_src_gen.gene_src_tissue_fraction           ? 
_entity_src_gen.gene_src_details                   ? 
_entity_src_gen.pdbx_gene_src_fragment             ? 
_entity_src_gen.pdbx_gene_src_scientific_name      'Helicobacter pylori' 
_entity_src_gen.pdbx_gene_src_ncbi_taxonomy_id     210 
_entity_src_gen.pdbx_gene_src_variant              ? 
_entity_src_gen.pdbx_gene_src_cell_line            ? 
_entity_src_gen.pdbx_gene_src_atcc                 ? 
_entity_src_gen.pdbx_gene_src_organ                ? 
_entity_src_gen.pdbx_gene_src_organelle            ? 
_entity_src_gen.pdbx_gene_src_cell                 ? 
_entity_src_gen.pdbx_gene_src_cellular_location    ? 
_entity_src_gen.host_org_common_name               ? 
_entity_src_gen.pdbx_host_org_scientific_name      'Escherichia coli BL21(DE3)' 
_entity_src_gen.pdbx_host_org_ncbi_taxonomy_id     469008 
_entity_src_gen.host_org_genus                     Escherichia 
_entity_src_gen.pdbx_host_org_gene                 ? 
_entity_src_gen.pdbx_host_org_organ                ? 
_entity_src_gen.host_org_species                   'Escherichia coli' 
_entity_src_gen.pdbx_host_org_tissue               ? 
_entity_src_gen.pdbx_host_org_tissue_fraction      ? 
_entity_src_gen.pdbx_host_org_strain               'BL21(DE3)' 
_entity_src_gen.pdbx_host_org_variant              ? 
_entity_src_gen.pdbx_host_org_cell_line            ? 
_entity_src_gen.pdbx_host_org_atcc                 ? 
_entity_src_gen.pdbx_host_org_culture_collection   ? 
_entity_src_gen.pdbx_host_org_cell                 ? 
_entity_src_gen.pdbx_host_org_organelle            ? 
_entity_src_gen.pdbx_host_org_cellular_location    ? 
_entity_src_gen.pdbx_host_org_vector_type          Plasmid 
_entity_src_gen.pdbx_host_org_vector               ? 
_entity_src_gen.host_org_details                   ? 
_entity_src_gen.expression_system_id               ? 
_entity_src_gen.plasmid_name                       pTFT74 
_entity_src_gen.plasmid_details                    ? 
_entity_src_gen.pdbx_description                   ? 
# 
loop_
_chem_comp.id 
_chem_comp.type 
_chem_comp.mon_nstd_flag 
_chem_comp.name 
_chem_comp.pdbx_synonyms 
_chem_comp.formula 
_chem_comp.formula_weight 
ALA 'L-peptide linking' y ALANINE         ? 'C3 H7 N O2'     89.093  
ARG 'L-peptide linking' y ARGININE        ? 'C6 H15 N4 O2 1' 175.209 
ASN 'L-peptide linking' y ASPARAGINE      ? 'C4 H8 N2 O3'    132.118 
ASP 'L-peptide linking' y 'ASPARTIC ACID' ? 'C4 H7 N O4'     133.103 
CYS 'L-peptide linking' y CYSTEINE        ? 'C3 H7 N O2 S'   121.158 
GLN 'L-peptide linking' y GLUTAMINE       ? 'C5 H10 N2 O3'   146.144 
GLU 'L-peptide linking' y 'GLUTAMIC ACID' ? 'C5 H9 N O4'     147.129 
GLY 'peptide linking'   y GLYCINE         ? 'C2 H5 N O2'     75.067  
HOH non-polymer         . WATER           ? 'H2 O'           18.015  
ILE 'L-peptide linking' y ISOLEUCINE      ? 'C6 H13 N O2'    131.173 
LEU 'L-peptide linking' y LEUCINE         ? 'C6 H13 N O2'    131.173 
LYS 'L-peptide linking' y LYSINE          ? 'C6 H15 N2 O2 1' 147.195 
MET 'L-peptide linking' y METHIONINE      ? 'C5 H11 N O2 S'  149.211 
PHE 'L-peptide linking' y PHENYLALANINE   ? 'C9 H11 N O2'    165.189 
SER 'L-peptide linking' y SERINE          ? 'C3 H7 N O3'     105.093 
THR 'L-peptide linking' y THREONINE       ? 'C4 H9 N O3'     119.119 
TYR 'L-peptide linking' y TYROSINE        ? 'C9 H11 N O3'    181.189 
VAL 'L-peptide linking' y VALINE          ? 'C5 H11 N O2'    117.146 
# 
loop_
_pdbx_poly_seq_scheme.asym_id 
_pdbx_poly_seq_scheme.entity_id 
_pdbx_poly_seq_scheme.seq_id 
_pdbx_poly_seq_scheme.mon_id 
_pdbx_poly_seq_scheme.ndb_seq_num 
_pdbx_poly_seq_scheme.pdb_seq_num 
_pdbx_poly_seq_scheme.auth_seq_num 
_pdbx_poly_seq_scheme.pdb_mon_id 
_pdbx_poly_seq_scheme.auth_mon_id 
_pdbx_poly_seq_scheme.pdb_strand_id 
_pdbx_poly_seq_scheme.pdb_ins_code 
_pdbx_poly_seq_scheme.hetero 
A 1 1   MET 1   1   ?   ?   ?   A . n 
A 1 2   VAL 2   2   ?   ?   ?   A . n 
A 1 3   GLY 3   3   3   GLY GLY A . n 
A 1 4   GLY 4   4   4   GLY GLY A . n 
A 1 5   GLY 5   5   5   GLY GLY A . n 
A 1 6   THR 6   6   6   THR THR A . n 
A 1 7   VAL 7   7   7   VAL VAL A . n 
A 1 8   LYS 8   8   8   LYS LYS A . n 
A 1 9   LYS 9   9   9   LYS LYS A . n 
A 1 10  ASP 10  10  10  ASP ASP A . n 
A 1 11  LEU 11  11  11  LEU LEU A . n 
A 1 12  LYS 12  12  12  LYS LYS A . n 
A 1 13  LYS 13  13  13  LYS LYS A . n 
A 1 14  ALA 14  14  14  ALA ALA A . n 
A 1 15  ILE 15  15  15  ILE ILE A . n 
A 1 16  GLN 16  16  16  GLN GLN A . n 
A 1 17  TYR 17  17  17  TYR TYR A . n 
A 1 18  TYR 18  18  18  TYR TYR A . n 
A 1 19  VAL 19  19  19  VAL VAL A . n 
A 1 20  LYS 20  20  20  LYS LYS A . n 
A 1 21  ALA 21  21  21  ALA ALA A . n 
A 1 22  CYS 22  22  22  CYS CYS A . n 
A 1 23  GLU 23  23  23  GLU GLU A . n 
A 1 24  LEU 24  24  24  LEU LEU A . n 
A 1 25  ASN 25  25  25  ASN ASN A . n 
A 1 26  GLU 26  26  26  GLU GLU A . n 
A 1 27  MET 27  27  27  MET MET A . n 
A 1 28  PHE 28  28  28  PHE PHE A . n 
A 1 29  GLY 29  29  29  GLY GLY A . n 
A 1 30  CYS 30  30  30  CYS CYS A . n 
A 1 31  LEU 31  31  31  LEU LEU A . n 
A 1 32  SER 32  32  32  SER SER A . n 
A 1 33  LEU 33  33  33  LEU LEU A . n 
A 1 34  VAL 34  34  34  VAL VAL A . n 
A 1 35  SER 35  35  35  SER SER A . n 
A 1 36  ASN 36  36  36  ASN ASN A . n 
A 1 37  SER 37  37  37  SER SER A . n 
A 1 38  GLN 38  38  38  GLN GLN A . n 
A 1 39  ILE 39  39  39  ILE ILE A . n 
A 1 40  ASN 40  40  40  ASN ASN A . n 
A 1 41  LYS 41  41  41  LYS LYS A . n 
A 1 42  GLN 42  42  42  GLN GLN A . n 
A 1 43  LYS 43  43  43  LYS LYS A . n 
A 1 44  LEU 44  44  44  LEU LEU A . n 
A 1 45  PHE 45  45  45  PHE PHE A . n 
A 1 46  GLN 46  46  46  GLN GLN A . n 
A 1 47  TYR 47  47  47  TYR TYR A . n 
A 1 48  LEU 48  48  48  LEU LEU A . n 
A 1 49  SER 49  49  49  SER SER A . n 
A 1 50  LYS 50  50  50  LYS LYS A . n 
A 1 51  ALA 51  51  51  ALA ALA A . n 
A 1 52  CYS 52  52  52  CYS CYS A . n 
A 1 53  GLU 53  53  53  GLU GLU A . n 
A 1 54  LEU 54  54  54  LEU LEU A . n 
A 1 55  ASN 55  55  55  ASN ASN A . n 
A 1 56  SER 56  56  56  SER SER A . n 
A 1 57  GLY 57  57  57  GLY GLY A . n 
A 1 58  ASN 58  58  58  ASN ASN A . n 
A 1 59  GLY 59  59  59  GLY GLY A . n 
A 1 60  CYS 60  60  60  CYS CYS A . n 
A 1 61  ARG 61  61  61  ARG ARG A . n 
A 1 62  PHE 62  62  62  PHE PHE A . n 
A 1 63  LEU 63  63  63  LEU LEU A . n 
A 1 64  GLY 64  64  64  GLY GLY A . n 
A 1 65  ASP 65  65  65  ASP ASP A . n 
A 1 66  PHE 66  66  66  PHE PHE A . n 
A 1 67  TYR 67  67  67  TYR TYR A . n 
A 1 68  GLU 68  68  68  GLU GLU A . n 
A 1 69  ASN 69  69  69  ASN ASN A . n 
A 1 70  GLY 70  70  70  GLY GLY A . n 
A 1 71  LYS 71  71  71  LYS LYS A . n 
A 1 72  TYR 72  72  72  TYR TYR A . n 
A 1 73  VAL 73  73  73  VAL VAL A . n 
A 1 74  LYS 74  74  74  LYS LYS A . n 
A 1 75  LYS 75  75  75  LYS LYS A . n 
A 1 76  ASP 76  76  76  ASP ASP A . n 
A 1 77  LEU 77  77  77  LEU LEU A . n 
A 1 78  ARG 78  78  78  ARG ARG A . n 
A 1 79  LYS 79  79  79  LYS LYS A . n 
A 1 80  ALA 80  80  80  ALA ALA A . n 
A 1 81  ALA 81  81  81  ALA ALA A . n 
A 1 82  GLN 82  82  82  GLN GLN A . n 
A 1 83  TYR 83  83  83  TYR TYR A . n 
A 1 84  TYR 84  84  84  TYR TYR A . n 
A 1 85  SER 85  85  85  SER SER A . n 
A 1 86  LYS 86  86  86  LYS LYS A . n 
A 1 87  ALA 87  87  87  ALA ALA A . n 
A 1 88  CYS 88  88  88  CYS CYS A . n 
A 1 89  GLY 89  89  89  GLY GLY A . n 
A 1 90  LEU 90  90  90  LEU LEU A . n 
A 1 91  ASN 91  91  91  ASN ASN A . n 
A 1 92  ASP 92  92  92  ASP ASP A . n 
A 1 93  GLN 93  93  93  GLN GLN A . n 
A 1 94  ASP 94  94  94  ASP ASP A . n 
A 1 95  GLY 95  95  95  GLY GLY A . n 
A 1 96  CYS 96  96  96  CYS CYS A . n 
A 1 97  LEU 97  97  97  LEU LEU A . n 
A 1 98  ILE 98  98  98  ILE ILE A . n 
A 1 99  LEU 99  99  99  LEU LEU A . n 
A 1 100 GLY 100 100 100 GLY GLY A . n 
A 1 101 TYR 101 101 101 TYR TYR A . n 
A 1 102 LYS 102 102 102 LYS LYS A . n 
A 1 103 GLN 103 103 103 GLN GLN A . n 
A 1 104 TYR 104 104 104 TYR TYR A . n 
A 1 105 ALA 105 105 105 ALA ALA A . n 
A 1 106 GLY 106 106 106 GLY GLY A . n 
A 1 107 LYS 107 107 107 LYS LYS A . n 
A 1 108 GLY 108 108 108 GLY GLY A . n 
A 1 109 VAL 109 109 109 VAL VAL A . n 
A 1 110 VAL 110 110 110 VAL VAL A . n 
A 1 111 LYS 111 111 111 LYS LYS A . n 
A 1 112 ASN 112 112 112 ASN ASN A . n 
A 1 113 GLU 113 113 113 GLU GLU A . n 
A 1 114 LYS 114 114 114 LYS LYS A . n 
A 1 115 GLN 115 115 115 GLN GLN A . n 
A 1 116 ALA 116 116 116 ALA ALA A . n 
A 1 117 VAL 117 117 117 VAL VAL A . n 
A 1 118 LYS 118 118 118 LYS LYS A . n 
A 1 119 THR 119 119 119 THR THR A . n 
A 1 120 PHE 120 120 120 PHE PHE A . n 
A 1 121 GLU 121 121 121 GLU GLU A . n 
A 1 122 LYS 122 122 122 LYS LYS A . n 
A 1 123 ALA 123 123 123 ALA ALA A . n 
A 1 124 CYS 124 124 124 CYS CYS A . n 
A 1 125 ARG 125 125 125 ARG ARG A . n 
A 1 126 LEU 126 126 126 LEU LEU A . n 
A 1 127 GLY 127 127 127 GLY GLY A . n 
A 1 128 SER 128 128 128 SER SER A . n 
A 1 129 GLU 129 129 129 GLU GLU A . n 
A 1 130 ASP 130 130 130 ASP ASP A . n 
A 1 131 ALA 131 131 131 ALA ALA A . n 
A 1 132 CYS 132 132 132 CYS CYS A . n 
A 1 133 GLY 133 133 133 GLY GLY A . n 
A 1 134 ILE 134 134 134 ILE ILE A . n 
A 1 135 LEU 135 135 135 LEU LEU A . n 
A 1 136 ASN 136 136 ?   ?   ?   A . n 
A 1 137 ASN 137 137 ?   ?   ?   A . n 
A 1 138 TYR 138 138 ?   ?   ?   A . n 
# 
loop_
_pdbx_nonpoly_scheme.asym_id 
_pdbx_nonpoly_scheme.entity_id 
_pdbx_nonpoly_scheme.mon_id 
_pdbx_nonpoly_scheme.ndb_seq_num 
_pdbx_nonpoly_scheme.pdb_seq_num 
_pdbx_nonpoly_scheme.auth_seq_num 
_pdbx_nonpoly_scheme.pdb_mon_id 
_pdbx_nonpoly_scheme.auth_mon_id 
_pdbx_nonpoly_scheme.pdb_strand_id 
_pdbx_nonpoly_scheme.pdb_ins_code 
B 2 HOH 1   139 136 HOH HOH A . 
B 2 HOH 2   140 137 HOH HOH A . 
B 2 HOH 3   141 138 HOH HOH A . 
B 2 HOH 4   142 139 HOH HOH A . 
B 2 HOH 5   143 140 HOH HOH A . 
B 2 HOH 6   144 141 HOH HOH A . 
B 2 HOH 7   145 142 HOH HOH A . 
B 2 HOH 8   146 143 HOH HOH A . 
B 2 HOH 9   147 145 HOH HOH A . 
B 2 HOH 10  148 146 HOH HOH A . 
B 2 HOH 11  149 147 HOH HOH A . 
B 2 HOH 12  150 148 HOH HOH A . 
B 2 HOH 13  151 149 HOH HOH A . 
B 2 HOH 14  152 150 HOH HOH A . 
B 2 HOH 15  153 151 HOH HOH A . 
B 2 HOH 16  154 152 HOH HOH A . 
B 2 HOH 17  155 153 HOH HOH A . 
B 2 HOH 18  156 154 HOH HOH A . 
B 2 HOH 19  157 155 HOH HOH A . 
B 2 HOH 20  158 156 HOH HOH A . 
B 2 HOH 21  159 157 HOH HOH A . 
B 2 HOH 22  160 158 HOH HOH A . 
B 2 HOH 23  161 159 HOH HOH A . 
B 2 HOH 24  162 160 HOH HOH A . 
B 2 HOH 25  163 161 HOH HOH A . 
B 2 HOH 26  164 162 HOH HOH A . 
B 2 HOH 27  165 163 HOH HOH A . 
B 2 HOH 28  166 164 HOH HOH A . 
B 2 HOH 29  167 165 HOH HOH A . 
B 2 HOH 30  168 166 HOH HOH A . 
B 2 HOH 31  169 167 HOH HOH A . 
B 2 HOH 32  170 168 HOH HOH A . 
B 2 HOH 33  171 169 HOH HOH A . 
B 2 HOH 34  172 170 HOH HOH A . 
B 2 HOH 35  173 171 HOH HOH A . 
B 2 HOH 36  174 172 HOH HOH A . 
B 2 HOH 37  175 173 HOH HOH A . 
B 2 HOH 38  176 174 HOH HOH A . 
B 2 HOH 39  177 175 HOH HOH A . 
B 2 HOH 40  178 176 HOH HOH A . 
B 2 HOH 41  179 177 HOH HOH A . 
B 2 HOH 42  180 178 HOH HOH A . 
B 2 HOH 43  181 179 HOH HOH A . 
B 2 HOH 44  182 180 HOH HOH A . 
B 2 HOH 45  183 181 HOH HOH A . 
B 2 HOH 46  184 182 HOH HOH A . 
B 2 HOH 47  185 183 HOH HOH A . 
B 2 HOH 48  186 184 HOH HOH A . 
B 2 HOH 49  187 185 HOH HOH A . 
B 2 HOH 50  188 186 HOH HOH A . 
B 2 HOH 51  189 187 HOH HOH A . 
B 2 HOH 52  190 188 HOH HOH A . 
B 2 HOH 53  191 189 HOH HOH A . 
B 2 HOH 54  192 190 HOH HOH A . 
B 2 HOH 55  193 191 HOH HOH A . 
B 2 HOH 56  194 192 HOH HOH A . 
B 2 HOH 57  195 193 HOH HOH A . 
B 2 HOH 58  196 194 HOH HOH A . 
B 2 HOH 59  197 195 HOH HOH A . 
B 2 HOH 60  198 196 HOH HOH A . 
B 2 HOH 61  199 197 HOH HOH A . 
B 2 HOH 62  200 198 HOH HOH A . 
B 2 HOH 63  201 199 HOH HOH A . 
B 2 HOH 64  202 200 HOH HOH A . 
B 2 HOH 65  203 201 HOH HOH A . 
B 2 HOH 66  204 202 HOH HOH A . 
B 2 HOH 67  205 203 HOH HOH A . 
B 2 HOH 68  206 204 HOH HOH A . 
B 2 HOH 69  207 205 HOH HOH A . 
B 2 HOH 70  208 206 HOH HOH A . 
B 2 HOH 71  209 207 HOH HOH A . 
B 2 HOH 72  210 208 HOH HOH A . 
B 2 HOH 73  211 209 HOH HOH A . 
B 2 HOH 74  212 210 HOH HOH A . 
B 2 HOH 75  213 211 HOH HOH A . 
B 2 HOH 76  214 212 HOH HOH A . 
B 2 HOH 77  215 213 HOH HOH A . 
B 2 HOH 78  216 214 HOH HOH A . 
B 2 HOH 79  217 215 HOH HOH A . 
B 2 HOH 80  218 216 HOH HOH A . 
B 2 HOH 81  219 217 HOH HOH A . 
B 2 HOH 82  220 218 HOH HOH A . 
B 2 HOH 83  221 219 HOH HOH A . 
B 2 HOH 84  222 220 HOH HOH A . 
B 2 HOH 85  223 221 HOH HOH A . 
B 2 HOH 86  224 222 HOH HOH A . 
B 2 HOH 87  225 223 HOH HOH A . 
B 2 HOH 88  226 224 HOH HOH A . 
B 2 HOH 89  227 225 HOH HOH A . 
B 2 HOH 90  228 226 HOH HOH A . 
B 2 HOH 91  229 227 HOH HOH A . 
B 2 HOH 92  230 228 HOH HOH A . 
B 2 HOH 93  231 229 HOH HOH A . 
B 2 HOH 94  232 230 HOH HOH A . 
B 2 HOH 95  233 231 HOH HOH A . 
B 2 HOH 96  234 232 HOH HOH A . 
B 2 HOH 97  235 233 HOH HOH A . 
B 2 HOH 98  236 234 HOH HOH A . 
B 2 HOH 99  237 235 HOH HOH A . 
B 2 HOH 100 238 236 HOH HOH A . 
B 2 HOH 101 239 237 HOH HOH A . 
B 2 HOH 102 240 238 HOH HOH A . 
B 2 HOH 103 241 239 HOH HOH A . 
B 2 HOH 104 242 240 HOH HOH A . 
B 2 HOH 105 243 241 HOH HOH A . 
B 2 HOH 106 244 242 HOH HOH A . 
B 2 HOH 107 245 243 HOH HOH A . 
B 2 HOH 108 246 244 HOH HOH A . 
B 2 HOH 109 247 245 HOH HOH A . 
B 2 HOH 110 248 246 HOH HOH A . 
B 2 HOH 111 249 247 HOH HOH A . 
B 2 HOH 112 250 248 HOH HOH A . 
B 2 HOH 113 251 249 HOH HOH A . 
B 2 HOH 114 252 250 HOH HOH A . 
B 2 HOH 115 253 251 HOH HOH A . 
B 2 HOH 116 254 252 HOH HOH A . 
B 2 HOH 117 255 253 HOH HOH A . 
B 2 HOH 118 256 254 HOH HOH A . 
B 2 HOH 119 257 255 HOH HOH A . 
B 2 HOH 120 258 256 HOH HOH A . 
B 2 HOH 121 259 257 HOH HOH A . 
B 2 HOH 122 260 258 HOH HOH A . 
B 2 HOH 123 261 259 HOH HOH A . 
B 2 HOH 124 262 260 HOH HOH A . 
B 2 HOH 125 263 261 HOH HOH A . 
B 2 HOH 126 264 262 HOH HOH A . 
B 2 HOH 127 265 263 HOH HOH A . 
B 2 HOH 128 266 264 HOH HOH A . 
B 2 HOH 129 267 265 HOH HOH A . 
B 2 HOH 130 268 266 HOH HOH A . 
B 2 HOH 131 269 267 HOH HOH A . 
B 2 HOH 132 270 268 HOH HOH A . 
B 2 HOH 133 271 269 HOH HOH A . 
B 2 HOH 134 272 270 HOH HOH A . 
B 2 HOH 135 273 271 HOH HOH A . 
B 2 HOH 136 274 272 HOH HOH A . 
B 2 HOH 137 275 273 HOH HOH A . 
B 2 HOH 138 276 274 HOH HOH A . 
B 2 HOH 139 277 275 HOH HOH A . 
B 2 HOH 140 278 276 HOH HOH A . 
B 2 HOH 141 279 277 HOH HOH A . 
B 2 HOH 142 280 278 HOH HOH A . 
B 2 HOH 143 281 279 HOH HOH A . 
B 2 HOH 144 282 280 HOH HOH A . 
B 2 HOH 145 283 281 HOH HOH A . 
B 2 HOH 146 284 282 HOH HOH A . 
B 2 HOH 147 285 283 HOH HOH A . 
B 2 HOH 148 286 284 HOH HOH A . 
B 2 HOH 149 287 285 HOH HOH A . 
B 2 HOH 150 288 286 HOH HOH A . 
B 2 HOH 151 289 287 HOH HOH A . 
B 2 HOH 152 290 288 HOH HOH A . 
B 2 HOH 153 291 289 HOH HOH A . 
B 2 HOH 154 292 290 HOH HOH A . 
B 2 HOH 155 293 291 HOH HOH A . 
B 2 HOH 156 294 292 HOH HOH A . 
B 2 HOH 157 295 293 HOH HOH A . 
B 2 HOH 158 296 294 HOH HOH A . 
B 2 HOH 159 297 295 HOH HOH A . 
B 2 HOH 160 298 296 HOH HOH A . 
B 2 HOH 161 299 297 HOH HOH A . 
B 2 HOH 162 300 298 HOH HOH A . 
B 2 HOH 163 301 299 HOH HOH A . 
B 2 HOH 164 302 300 HOH HOH A . 
B 2 HOH 165 303 301 HOH HOH A . 
B 2 HOH 166 304 302 HOH HOH A . 
B 2 HOH 167 305 303 HOH HOH A . 
B 2 HOH 168 306 304 HOH HOH A . 
B 2 HOH 169 307 305 HOH HOH A . 
B 2 HOH 170 308 306 HOH HOH A . 
B 2 HOH 171 309 307 HOH HOH A . 
B 2 HOH 172 310 308 HOH HOH A . 
B 2 HOH 173 311 309 HOH HOH A . 
B 2 HOH 174 312 310 HOH HOH A . 
B 2 HOH 175 313 311 HOH HOH A . 
B 2 HOH 176 314 312 HOH HOH A . 
B 2 HOH 177 315 313 HOH HOH A . 
B 2 HOH 178 316 314 HOH HOH A . 
B 2 HOH 179 317 315 HOH HOH A . 
B 2 HOH 180 318 316 HOH HOH A . 
B 2 HOH 181 319 317 HOH HOH A . 
B 2 HOH 182 320 318 HOH HOH A . 
B 2 HOH 183 321 319 HOH HOH A . 
B 2 HOH 184 322 320 HOH HOH A . 
B 2 HOH 185 323 321 HOH HOH A . 
B 2 HOH 186 324 322 HOH HOH A . 
B 2 HOH 187 325 323 HOH HOH A . 
B 2 HOH 188 326 324 HOH HOH A . 
B 2 HOH 189 327 325 HOH HOH A . 
# 
loop_
_software.name 
_software.classification 
_software.version 
_software.citation_id 
_software.pdbx_ordinal 
REFMAC    refinement       5.0 ? 1 
SCALEPACK 'data scaling'   .   ? 2 
CNS       refinement       .   ? 3 
DENZO     'data reduction' .   ? 4 
CNS       phasing          .   ? 5 
# 
_cell.entry_id           1KLX 
_cell.length_a           51.360 
_cell.length_b           51.360 
_cell.length_c           205.941 
_cell.angle_alpha        90.00 
_cell.angle_beta         90.00 
_cell.angle_gamma        120.00 
_cell.Z_PDB              12 
_cell.pdbx_unique_axis   ? 
# 
_symmetry.entry_id                         1KLX 
_symmetry.space_group_name_H-M             'P 65 2 2' 
_symmetry.pdbx_full_space_group_name_H-M   ? 
_symmetry.cell_setting                     ? 
_symmetry.Int_Tables_number                179 
# 
_exptl.entry_id          1KLX 
_exptl.method            'X-RAY DIFFRACTION' 
_exptl.crystals_number   2 
# 
_exptl_crystal.id                    1 
_exptl_crystal.density_meas          ? 
_exptl_crystal.density_percent_sol   48.9 
_exptl_crystal.density_Matthews      2.4 
_exptl_crystal.description           ? 
# 
_exptl_crystal_grow.crystal_id      1 
_exptl_crystal_grow.method          'VAPOR DIFFUSION, SITTING DROP' 
_exptl_crystal_grow.temp            293 
_exptl_crystal_grow.temp_details    ? 
_exptl_crystal_grow.pH              3 
_exptl_crystal_grow.pdbx_details    'PEG 8000, sodium citrate, pH 3, VAPOR DIFFUSION, SITTING DROP, temperature 293K' 
_exptl_crystal_grow.pdbx_pH_range   ? 
# 
loop_
_diffrn.id 
_diffrn.ambient_temp 
_diffrn.ambient_temp_details 
_diffrn.crystal_id 
1 ? ? 1 
2 ? ? 1 
# 
_diffrn_radiation.diffrn_id                        1 
_diffrn_radiation.wavelength_id                    1 
_diffrn_radiation.monochromator                    ? 
_diffrn_radiation.pdbx_monochromatic_or_laue_m_l   M 
_diffrn_radiation.pdbx_diffrn_protocol             'SINGLE WAVELENGTH' 
_diffrn_radiation.pdbx_scattering_type             x-ray 
# 
loop_
_diffrn_radiation_wavelength.id 
_diffrn_radiation_wavelength.wavelength 
_diffrn_radiation_wavelength.wt 
1 0.9791 1.0 
2 0.9794 1.0 
3 0.8856 1.0 
4 0.9330 1.0 
# 
loop_
_diffrn_source.diffrn_id 
_diffrn_source.source 
_diffrn_source.type 
_diffrn_source.pdbx_synchrotron_site 
_diffrn_source.pdbx_synchrotron_beamline 
_diffrn_source.pdbx_wavelength 
_diffrn_source.pdbx_wavelength_list 
1 SYNCHROTRON 'ESRF BEAMLINE BM14'   ESRF BM14   ? '0.9791, 0.9794, 0.8856' 
2 SYNCHROTRON 'ESRF BEAMLINE ID14-3' ESRF ID14-3 ? 0.9330                   
# 
_reflns.entry_id                     1KLX 
_reflns.observed_criterion_sigma_I   2 
_reflns.observed_criterion_sigma_F   2 
_reflns.d_resolution_low             30 
_reflns.d_resolution_high            1.95 
_reflns.number_obs                   12049 
_reflns.number_all                   12606 
_reflns.percent_possible_obs         95.6 
_reflns.pdbx_Rmerge_I_obs            ? 
_reflns.pdbx_Rsym_value              ? 
_reflns.pdbx_netI_over_sigmaI        ? 
_reflns.B_iso_Wilson_estimate        ? 
_reflns.pdbx_redundancy              ? 
_reflns.R_free_details               ? 
_reflns.limit_h_max                  ? 
_reflns.limit_h_min                  ? 
_reflns.limit_k_max                  ? 
_reflns.limit_k_min                  ? 
_reflns.limit_l_max                  ? 
_reflns.limit_l_min                  ? 
_reflns.observed_criterion_F_max     ? 
_reflns.observed_criterion_F_min     ? 
_reflns.pdbx_diffrn_id               1 
_reflns.pdbx_ordinal                 1 
# 
_reflns_shell.d_res_high             1.95 
_reflns_shell.d_res_low              2.001 
_reflns_shell.percent_possible_all   95.6 
_reflns_shell.Rmerge_I_obs           ? 
_reflns_shell.pdbx_Rsym_value        ? 
_reflns_shell.meanI_over_sigI_obs    ? 
_reflns_shell.pdbx_redundancy        ? 
_reflns_shell.percent_possible_obs   ? 
_reflns_shell.number_unique_all      ? 
_reflns_shell.pdbx_diffrn_id         ? 
_reflns_shell.pdbx_ordinal           1 
# 
_refine.entry_id                                 1KLX 
_refine.ls_number_reflns_obs                     12049 
_refine.ls_number_reflns_all                     12606 
_refine.pdbx_ls_sigma_I                          ? 
_refine.pdbx_ls_sigma_F                          0 
_refine.pdbx_data_cutoff_high_absF               ? 
_refine.pdbx_data_cutoff_low_absF                ? 
_refine.ls_d_res_low                             30 
_refine.ls_d_res_high                            1.950 
_refine.ls_percent_reflns_obs                    95.58 
_refine.ls_R_factor_obs                          0.19232 
_refine.ls_R_factor_all                          ? 
_refine.ls_R_factor_R_work                       0.18672 
_refine.ls_R_factor_R_free                       0.23844 
_refine.ls_R_factor_R_free_error                 ? 
_refine.ls_R_factor_R_free_error_details         ? 
_refine.ls_percent_reflns_R_free                 10.28 
_refine.ls_number_reflns_R_free                  1239 
_refine.ls_number_parameters                     ? 
_refine.ls_number_restraints                     ? 
_refine.occupancy_min                            ? 
_refine.occupancy_max                            ? 
_refine.B_iso_mean                               32.926 
_refine.aniso_B[1][1]                            0.78 
_refine.aniso_B[2][2]                            0.78 
_refine.aniso_B[3][3]                            -1.17 
_refine.aniso_B[1][2]                            0.39 
_refine.aniso_B[1][3]                            0.00 
_refine.aniso_B[2][3]                            0.00 
_refine.solvent_model_details                    'BABINET MODEL WITH MASK' 
_refine.solvent_model_param_ksol                 ? 
_refine.solvent_model_param_bsol                 ? 
_refine.pdbx_ls_cross_valid_method               THROUGHOUT 
_refine.details                                  ? 
_refine.pdbx_starting_model                      ? 
_refine.pdbx_method_to_determine_struct          MAD 
_refine.pdbx_isotropic_thermal_model             ? 
_refine.pdbx_stereochemistry_target_values       ? 
_refine.pdbx_stereochem_target_val_spec_case     ? 
_refine.pdbx_R_Free_selection_details            RANDOM 
_refine.pdbx_overall_ESU_R_Free                  0.164 
_refine.overall_SU_B                             3.738 
_refine.ls_redundancy_reflns_obs                 ? 
_refine.B_iso_min                                ? 
_refine.B_iso_max                                ? 
_refine.correlation_coeff_Fo_to_Fc               0.951 
_refine.overall_SU_R_Cruickshank_DPI             ? 
_refine.overall_SU_R_free                        ? 
_refine.overall_SU_ML                            0.108 
_refine.pdbx_overall_ESU_R                       0.173 
_refine.pdbx_data_cutoff_high_rms_absF           ? 
_refine.correlation_coeff_Fo_to_Fc_free          ? 
_refine.pdbx_solvent_vdw_probe_radii             ? 
_refine.pdbx_solvent_ion_probe_radii             ? 
_refine.pdbx_solvent_shrinkage_radii             ? 
_refine.pdbx_refine_id                           'X-RAY DIFFRACTION' 
_refine.pdbx_diffrn_id                           1 
_refine.pdbx_TLS_residual_ADP_flag               ? 
_refine.pdbx_overall_phase_error                 ? 
_refine.pdbx_overall_SU_R_free_Cruickshank_DPI   ? 
_refine.pdbx_overall_SU_R_Blow_DPI               ? 
_refine.pdbx_overall_SU_R_free_Blow_DPI          ? 
# 
_refine_hist.pdbx_refine_id                   'X-RAY DIFFRACTION' 
_refine_hist.cycle_id                         LAST 
_refine_hist.pdbx_number_atoms_protein        1029 
_refine_hist.pdbx_number_atoms_nucleic_acid   0 
_refine_hist.pdbx_number_atoms_ligand         0 
_refine_hist.number_atoms_solvent             189 
_refine_hist.number_atoms_total               1218 
_refine_hist.d_res_high                       1.950 
_refine_hist.d_res_low                        30 
# 
loop_
_refine_ls_restr.type 
_refine_ls_restr.dev_ideal 
_refine_ls_restr.dev_ideal_target 
_refine_ls_restr.weight 
_refine_ls_restr.number 
_refine_ls_restr.pdbx_refine_id 
_refine_ls_restr.pdbx_restraint_function 
r_bond_refined_d         0.040  0.022  ? 1047 'X-RAY DIFFRACTION' ? 
r_bond_other_d           ?      ?      ? ?    'X-RAY DIFFRACTION' ? 
r_angle_refined_deg      2.438  1.988  ? 1396 'X-RAY DIFFRACTION' ? 
r_angle_other_deg        ?      ?      ? ?    'X-RAY DIFFRACTION' ? 
r_dihedral_angle_1_deg   3.741  3.000  ? 132  'X-RAY DIFFRACTION' ? 
r_dihedral_angle_3_deg   12.891 15.000 ? 206  'X-RAY DIFFRACTION' ? 
r_chiral_restr           0.225  0.200  ? 145  'X-RAY DIFFRACTION' ? 
r_gen_planes_refined     0.015  0.020  ? 770  'X-RAY DIFFRACTION' ? 
r_gen_planes_other       ?      ?      ? ?    'X-RAY DIFFRACTION' ? 
r_nbd_refined            0.234  0.300  ? 533  'X-RAY DIFFRACTION' ? 
r_nbd_other              ?      ?      ? ?    'X-RAY DIFFRACTION' ? 
r_nbtor_other            ?      ?      ? ?    'X-RAY DIFFRACTION' ? 
r_xyhbond_nbd_refined    0.225  0.500  ? 109  'X-RAY DIFFRACTION' ? 
r_symmetry_vdw_refined   0.237  0.300  ? 45   'X-RAY DIFFRACTION' ? 
r_symmetry_vdw_other     ?      ?      ? ?    'X-RAY DIFFRACTION' ? 
r_symmetry_hbond_refined 0.220  0.500  ? 19   'X-RAY DIFFRACTION' ? 
r_mcbond_it              2.043  1.500  ? 650  'X-RAY DIFFRACTION' ? 
r_mcangle_it             3.344  2.000  ? 1020 'X-RAY DIFFRACTION' ? 
r_scbond_it              5.829  3.000  ? 397  'X-RAY DIFFRACTION' ? 
r_scangle_it             9.609  4.500  ? 376  'X-RAY DIFFRACTION' ? 
r_rigid_bond_restr       ?      ?      ? ?    'X-RAY DIFFRACTION' ? 
r_sphericity_free        ?      ?      ? ?    'X-RAY DIFFRACTION' ? 
r_sphericity_bonded      ?      ?      ? ?    'X-RAY DIFFRACTION' ? 
# 
_refine_ls_shell.pdbx_total_number_of_bins_used   20 
_refine_ls_shell.d_res_high                       1.950 
_refine_ls_shell.d_res_low                        2.001 
_refine_ls_shell.number_reflns_R_work             730 
_refine_ls_shell.R_factor_R_work                  0.199 
_refine_ls_shell.percent_reflns_obs               ? 
_refine_ls_shell.R_factor_R_free                  0.238 
_refine_ls_shell.R_factor_R_free_error            ? 
_refine_ls_shell.percent_reflns_R_free            ? 
_refine_ls_shell.number_reflns_R_free             62 
_refine_ls_shell.number_reflns_obs                ? 
_refine_ls_shell.redundancy_reflns_obs            ? 
_refine_ls_shell.number_reflns_all                ? 
_refine_ls_shell.pdbx_refine_id                   'X-RAY DIFFRACTION' 
_refine_ls_shell.R_factor_all                     ? 
# 
_struct.entry_id                  1KLX 
_struct.title                     'Helicobacter pylori cysteine rich protein B (hcpB)' 
_struct.pdbx_model_details        ? 
_struct.pdbx_CASP_flag            ? 
_struct.pdbx_model_type_details   ? 
# 
_struct_keywords.entry_id        1KLX 
_struct_keywords.pdbx_keywords   HYDROLASE 
_struct_keywords.text            
;Structural Genomics, helix-turn-helix, right handed super helix, modular structure', HYDROLASE
;
# 
loop_
_struct_asym.id 
_struct_asym.pdbx_blank_PDB_chainid_flag 
_struct_asym.pdbx_modified 
_struct_asym.entity_id 
_struct_asym.details 
A N N 1 ? 
B N N 2 ? 
# 
_struct_ref.id                         1 
_struct_ref.db_name                    UNP 
_struct_ref.db_code                    HCPB_HELPY 
_struct_ref.entity_id                  1 
_struct_ref.pdbx_seq_one_letter_code   
;MVGGGTVKKDLKKAIQYYVKACELNEMFGCLSLVSNSQINKQKLFQYLSKACELNSGNGCRFLGDFYENGKYVKKDLRKA
AQYYSKACGLNDQDGCLILGYKQYAGKGVVKNEKQAVKTFEKACRLGSEDACGILNNY
;
_struct_ref.pdbx_align_begin           1 
_struct_ref.pdbx_db_accession          O25103 
_struct_ref.pdbx_db_isoform            ? 
# 
_struct_ref_seq.align_id                      1 
_struct_ref_seq.ref_id                        1 
_struct_ref_seq.pdbx_PDB_id_code              1KLX 
_struct_ref_seq.pdbx_strand_id                A 
_struct_ref_seq.seq_align_beg                 1 
_struct_ref_seq.pdbx_seq_align_beg_ins_code   ? 
_struct_ref_seq.seq_align_end                 138 
_struct_ref_seq.pdbx_seq_align_end_ins_code   ? 
_struct_ref_seq.pdbx_db_accession             O25103 
_struct_ref_seq.db_align_beg                  1 
_struct_ref_seq.pdbx_db_align_beg_ins_code    ? 
_struct_ref_seq.db_align_end                  138 
_struct_ref_seq.pdbx_db_align_end_ins_code    ? 
_struct_ref_seq.pdbx_auth_seq_align_beg       1 
_struct_ref_seq.pdbx_auth_seq_align_end       138 
# 
_pdbx_struct_assembly.id                   1 
_pdbx_struct_assembly.details              author_defined_assembly 
_pdbx_struct_assembly.method_details       ? 
_pdbx_struct_assembly.oligomeric_details   monomeric 
_pdbx_struct_assembly.oligomeric_count     1 
# 
_pdbx_struct_assembly_gen.assembly_id       1 
_pdbx_struct_assembly_gen.oper_expression   1 
_pdbx_struct_assembly_gen.asym_id_list      A,B 
# 
_pdbx_struct_oper_list.id                   1 
_pdbx_struct_oper_list.type                 'identity operation' 
_pdbx_struct_oper_list.name                 1_555 
_pdbx_struct_oper_list.symmetry_operation   x,y,z 
_pdbx_struct_oper_list.matrix[1][1]         1.0000000000 
_pdbx_struct_oper_list.matrix[1][2]         0.0000000000 
_pdbx_struct_oper_list.matrix[1][3]         0.0000000000 
_pdbx_struct_oper_list.vector[1]            0.0000000000 
_pdbx_struct_oper_list.matrix[2][1]         0.0000000000 
_pdbx_struct_oper_list.matrix[2][2]         1.0000000000 
_pdbx_struct_oper_list.matrix[2][3]         0.0000000000 
_pdbx_struct_oper_list.vector[2]            0.0000000000 
_pdbx_struct_oper_list.matrix[3][1]         0.0000000000 
_pdbx_struct_oper_list.matrix[3][2]         0.0000000000 
_pdbx_struct_oper_list.matrix[3][3]         1.0000000000 
_pdbx_struct_oper_list.vector[3]            0.0000000000 
# 
_struct_biol.id                    1 
_struct_biol.pdbx_parent_biol_id   ? 
_struct_biol.details               ? 
# 
loop_
_struct_conf.conf_type_id 
_struct_conf.id 
_struct_conf.pdbx_PDB_helix_id 
_struct_conf.beg_label_comp_id 
_struct_conf.beg_label_asym_id 
_struct_conf.beg_label_seq_id 
_struct_conf.pdbx_beg_PDB_ins_code 
_struct_conf.end_label_comp_id 
_struct_conf.end_label_asym_id 
_struct_conf.end_label_seq_id 
_struct_conf.pdbx_end_PDB_ins_code 
_struct_conf.beg_auth_comp_id 
_struct_conf.beg_auth_asym_id 
_struct_conf.beg_auth_seq_id 
_struct_conf.end_auth_comp_id 
_struct_conf.end_auth_asym_id 
_struct_conf.end_auth_seq_id 
_struct_conf.pdbx_PDB_helix_class 
_struct_conf.details 
_struct_conf.pdbx_PDB_helix_length 
HELX_P HELX_P1 1 THR A 6   ? LEU A 24  ? THR A 6   LEU A 24  1 ? 19 
HELX_P HELX_P2 2 PHE A 28  ? SER A 35  ? PHE A 28  SER A 35  1 ? 8  
HELX_P HELX_P3 3 ASN A 40  ? LEU A 54  ? ASN A 40  LEU A 54  1 ? 15 
HELX_P HELX_P4 4 SER A 56  ? GLY A 70  ? SER A 56  GLY A 70  1 ? 15 
HELX_P HELX_P5 5 ASP A 76  ? LEU A 90  ? ASP A 76  LEU A 90  1 ? 15 
HELX_P HELX_P6 6 ASP A 92  ? GLY A 106 ? ASP A 92  GLY A 106 1 ? 15 
HELX_P HELX_P7 7 ASN A 112 ? LEU A 126 ? ASN A 112 LEU A 126 1 ? 15 
HELX_P HELX_P8 8 SER A 128 ? LEU A 135 ? SER A 128 LEU A 135 1 ? 8  
# 
_struct_conf_type.id          HELX_P 
_struct_conf_type.criteria    ? 
_struct_conf_type.reference   ? 
# 
loop_
_struct_conn.id 
_struct_conn.conn_type_id 
_struct_conn.pdbx_leaving_atom_flag 
_struct_conn.pdbx_PDB_id 
_struct_conn.ptnr1_label_asym_id 
_struct_conn.ptnr1_label_comp_id 
_struct_conn.ptnr1_label_seq_id 
_struct_conn.ptnr1_label_atom_id 
_struct_conn.pdbx_ptnr1_label_alt_id 
_struct_conn.pdbx_ptnr1_PDB_ins_code 
_struct_conn.pdbx_ptnr1_standard_comp_id 
_struct_conn.ptnr1_symmetry 
_struct_conn.ptnr2_label_asym_id 
_struct_conn.ptnr2_label_comp_id 
_struct_conn.ptnr2_label_seq_id 
_struct_conn.ptnr2_label_atom_id 
_struct_conn.pdbx_ptnr2_label_alt_id 
_struct_conn.pdbx_ptnr2_PDB_ins_code 
_struct_conn.ptnr1_auth_asym_id 
_struct_conn.ptnr1_auth_comp_id 
_struct_conn.ptnr1_auth_seq_id 
_struct_conn.ptnr2_auth_asym_id 
_struct_conn.ptnr2_auth_comp_id 
_struct_conn.ptnr2_auth_seq_id 
_struct_conn.ptnr2_symmetry 
_struct_conn.pdbx_ptnr3_label_atom_id 
_struct_conn.pdbx_ptnr3_label_seq_id 
_struct_conn.pdbx_ptnr3_label_comp_id 
_struct_conn.pdbx_ptnr3_label_asym_id 
_struct_conn.pdbx_ptnr3_label_alt_id 
_struct_conn.pdbx_ptnr3_PDB_ins_code 
_struct_conn.details 
_struct_conn.pdbx_dist_value 
_struct_conn.pdbx_value_order 
_struct_conn.pdbx_role 
disulf1 disulf ? ? A CYS 22  SG ? ? ? 1_555 A CYS 30  SG ? ? A CYS 22  A CYS 30  1_555 ? ? ? ? ? ? ? 1.968 ? ? 
disulf2 disulf ? ? A CYS 52  SG ? ? ? 1_555 A CYS 60  SG ? ? A CYS 52  A CYS 60  1_555 ? ? ? ? ? ? ? 2.038 ? ? 
disulf3 disulf ? ? A CYS 88  SG ? ? ? 1_555 A CYS 96  SG ? ? A CYS 88  A CYS 96  1_555 ? ? ? ? ? ? ? 1.981 ? ? 
disulf4 disulf ? ? A CYS 124 SG ? ? ? 1_555 A CYS 132 SG ? ? A CYS 124 A CYS 132 1_555 ? ? ? ? ? ? ? 1.942 ? ? 
# 
_struct_conn_type.id          disulf 
_struct_conn_type.criteria    ? 
_struct_conn_type.reference   ? 
# 
loop_
_pdbx_modification_feature.ordinal 
_pdbx_modification_feature.label_comp_id 
_pdbx_modification_feature.label_asym_id 
_pdbx_modification_feature.label_seq_id 
_pdbx_modification_feature.label_alt_id 
_pdbx_modification_feature.modified_residue_label_comp_id 
_pdbx_modification_feature.modified_residue_label_asym_id 
_pdbx_modification_feature.modified_residue_label_seq_id 
_pdbx_modification_feature.modified_residue_label_alt_id 
_pdbx_modification_feature.auth_comp_id 
_pdbx_modification_feature.auth_asym_id 
_pdbx_modification_feature.auth_seq_id 
_pdbx_modification_feature.PDB_ins_code 
_pdbx_modification_feature.symmetry 
_pdbx_modification_feature.modified_residue_auth_comp_id 
_pdbx_modification_feature.modified_residue_auth_asym_id 
_pdbx_modification_feature.modified_residue_auth_seq_id 
_pdbx_modification_feature.modified_residue_PDB_ins_code 
_pdbx_modification_feature.modified_residue_symmetry 
_pdbx_modification_feature.comp_id_linking_atom 
_pdbx_modification_feature.modified_residue_id_linking_atom 
_pdbx_modification_feature.modified_residue_id 
_pdbx_modification_feature.ref_pcm_id 
_pdbx_modification_feature.ref_comp_id 
_pdbx_modification_feature.type 
_pdbx_modification_feature.category 
1 CYS A 22  ? CYS A 30  ? CYS A 22  ? 1_555 CYS A 30  ? 1_555 SG SG . . . None 'Disulfide bridge' 
2 CYS A 52  ? CYS A 60  ? CYS A 52  ? 1_555 CYS A 60  ? 1_555 SG SG . . . None 'Disulfide bridge' 
3 CYS A 88  ? CYS A 96  ? CYS A 88  ? 1_555 CYS A 96  ? 1_555 SG SG . . . None 'Disulfide bridge' 
4 CYS A 124 ? CYS A 132 ? CYS A 124 ? 1_555 CYS A 132 ? 1_555 SG SG . . . None 'Disulfide bridge' 
# 
_pdbx_entry_details.entry_id                   1KLX 
_pdbx_entry_details.compound_details           ? 
_pdbx_entry_details.source_details             ? 
_pdbx_entry_details.nonpolymer_details         ? 
_pdbx_entry_details.sequence_details           ? 
_pdbx_entry_details.has_ligand_of_interest     ? 
_pdbx_entry_details.has_protein_modification   Y 
# 
loop_
_pdbx_validate_close_contact.id 
_pdbx_validate_close_contact.PDB_model_num 
_pdbx_validate_close_contact.auth_atom_id_1 
_pdbx_validate_close_contact.auth_asym_id_1 
_pdbx_validate_close_contact.auth_comp_id_1 
_pdbx_validate_close_contact.auth_seq_id_1 
_pdbx_validate_close_contact.PDB_ins_code_1 
_pdbx_validate_close_contact.label_alt_id_1 
_pdbx_validate_close_contact.auth_atom_id_2 
_pdbx_validate_close_contact.auth_asym_id_2 
_pdbx_validate_close_contact.auth_comp_id_2 
_pdbx_validate_close_contact.auth_seq_id_2 
_pdbx_validate_close_contact.PDB_ins_code_2 
_pdbx_validate_close_contact.label_alt_id_2 
_pdbx_validate_close_contact.dist 
1 1 O   A HOH 318 ? ? O A HOH 319 ? ? 2.03 
2 1 OE1 A GLU 113 ? ? O A HOH 232 ? ? 2.06 
3 1 O   A HOH 144 ? ? O A HOH 148 ? ? 2.17 
4 1 O   A HOH 160 ? ? O A HOH 221 ? ? 2.18 
# 
loop_
_pdbx_validate_symm_contact.id 
_pdbx_validate_symm_contact.PDB_model_num 
_pdbx_validate_symm_contact.auth_atom_id_1 
_pdbx_validate_symm_contact.auth_asym_id_1 
_pdbx_validate_symm_contact.auth_comp_id_1 
_pdbx_validate_symm_contact.auth_seq_id_1 
_pdbx_validate_symm_contact.PDB_ins_code_1 
_pdbx_validate_symm_contact.label_alt_id_1 
_pdbx_validate_symm_contact.site_symmetry_1 
_pdbx_validate_symm_contact.auth_atom_id_2 
_pdbx_validate_symm_contact.auth_asym_id_2 
_pdbx_validate_symm_contact.auth_comp_id_2 
_pdbx_validate_symm_contact.auth_seq_id_2 
_pdbx_validate_symm_contact.PDB_ins_code_2 
_pdbx_validate_symm_contact.label_alt_id_2 
_pdbx_validate_symm_contact.site_symmetry_2 
_pdbx_validate_symm_contact.dist 
1 1 O A HOH 200 ? ? 1_555 O A HOH 277 ? ? 10_665 2.12 
2 1 O A HOH 200 ? ? 1_555 O A HOH 327 ? ? 10_665 2.16 
# 
loop_
_pdbx_validate_rmsd_bond.id 
_pdbx_validate_rmsd_bond.PDB_model_num 
_pdbx_validate_rmsd_bond.auth_atom_id_1 
_pdbx_validate_rmsd_bond.auth_asym_id_1 
_pdbx_validate_rmsd_bond.auth_comp_id_1 
_pdbx_validate_rmsd_bond.auth_seq_id_1 
_pdbx_validate_rmsd_bond.PDB_ins_code_1 
_pdbx_validate_rmsd_bond.label_alt_id_1 
_pdbx_validate_rmsd_bond.auth_atom_id_2 
_pdbx_validate_rmsd_bond.auth_asym_id_2 
_pdbx_validate_rmsd_bond.auth_comp_id_2 
_pdbx_validate_rmsd_bond.auth_seq_id_2 
_pdbx_validate_rmsd_bond.PDB_ins_code_2 
_pdbx_validate_rmsd_bond.label_alt_id_2 
_pdbx_validate_rmsd_bond.bond_value 
_pdbx_validate_rmsd_bond.bond_target_value 
_pdbx_validate_rmsd_bond.bond_deviation 
_pdbx_validate_rmsd_bond.bond_standard_deviation 
_pdbx_validate_rmsd_bond.linker_flag 
1 1 CD1 A TYR 47  ? ? CE1 A TYR 47  ? ? 1.502 1.389 0.113  0.015 N 
2 1 CE2 A TYR 67  ? ? CD2 A TYR 67  ? ? 1.510 1.389 0.121  0.015 N 
3 1 CB  A VAL 73  ? ? CG1 A VAL 73  ? ? 1.384 1.524 -0.140 0.021 N 
4 1 CB  A VAL 73  ? ? CG2 A VAL 73  ? ? 1.690 1.524 0.166  0.021 N 
5 1 CE2 A TYR 83  ? ? CD2 A TYR 83  ? ? 1.500 1.389 0.111  0.015 N 
6 1 CA  A ALA 87  ? ? CB  A ALA 87  ? ? 1.661 1.520 0.141  0.021 N 
7 1 CG  A TYR 101 ? ? CD2 A TYR 101 ? ? 1.479 1.387 0.092  0.013 N 
8 1 CD  A GLN 115 ? ? NE2 A GLN 115 ? ? 1.502 1.324 0.178  0.025 N 
# 
loop_
_pdbx_validate_rmsd_angle.id 
_pdbx_validate_rmsd_angle.PDB_model_num 
_pdbx_validate_rmsd_angle.auth_atom_id_1 
_pdbx_validate_rmsd_angle.auth_asym_id_1 
_pdbx_validate_rmsd_angle.auth_comp_id_1 
_pdbx_validate_rmsd_angle.auth_seq_id_1 
_pdbx_validate_rmsd_angle.PDB_ins_code_1 
_pdbx_validate_rmsd_angle.label_alt_id_1 
_pdbx_validate_rmsd_angle.auth_atom_id_2 
_pdbx_validate_rmsd_angle.auth_asym_id_2 
_pdbx_validate_rmsd_angle.auth_comp_id_2 
_pdbx_validate_rmsd_angle.auth_seq_id_2 
_pdbx_validate_rmsd_angle.PDB_ins_code_2 
_pdbx_validate_rmsd_angle.label_alt_id_2 
_pdbx_validate_rmsd_angle.auth_atom_id_3 
_pdbx_validate_rmsd_angle.auth_asym_id_3 
_pdbx_validate_rmsd_angle.auth_comp_id_3 
_pdbx_validate_rmsd_angle.auth_seq_id_3 
_pdbx_validate_rmsd_angle.PDB_ins_code_3 
_pdbx_validate_rmsd_angle.label_alt_id_3 
_pdbx_validate_rmsd_angle.angle_value 
_pdbx_validate_rmsd_angle.angle_target_value 
_pdbx_validate_rmsd_angle.angle_deviation 
_pdbx_validate_rmsd_angle.angle_standard_deviation 
_pdbx_validate_rmsd_angle.linker_flag 
1 1 CA A THR 6  ? ? CB A THR 6  ? ? CG2 A THR 6  ? ? 122.71 112.40 10.31 1.40 N 
2 1 CB A TYR 17 ? ? CG A TYR 17 ? ? CD2 A TYR 17 ? ? 124.74 121.00 3.74  0.60 N 
3 1 CB A ASP 76 ? ? CG A ASP 76 ? ? OD1 A ASP 76 ? ? 124.10 118.30 5.80  0.90 N 
# 
loop_
_pdbx_unobs_or_zero_occ_residues.id 
_pdbx_unobs_or_zero_occ_residues.PDB_model_num 
_pdbx_unobs_or_zero_occ_residues.polymer_flag 
_pdbx_unobs_or_zero_occ_residues.occupancy_flag 
_pdbx_unobs_or_zero_occ_residues.auth_asym_id 
_pdbx_unobs_or_zero_occ_residues.auth_comp_id 
_pdbx_unobs_or_zero_occ_residues.auth_seq_id 
_pdbx_unobs_or_zero_occ_residues.PDB_ins_code 
_pdbx_unobs_or_zero_occ_residues.label_asym_id 
_pdbx_unobs_or_zero_occ_residues.label_comp_id 
_pdbx_unobs_or_zero_occ_residues.label_seq_id 
1 1 Y 1 A MET 1   ? A MET 1   
2 1 Y 1 A VAL 2   ? A VAL 2   
3 1 Y 1 A ASN 136 ? A ASN 136 
4 1 Y 1 A ASN 137 ? A ASN 137 
5 1 Y 1 A TYR 138 ? A TYR 138 
# 
loop_
_chem_comp_atom.comp_id 
_chem_comp_atom.atom_id 
_chem_comp_atom.type_symbol 
_chem_comp_atom.pdbx_aromatic_flag 
_chem_comp_atom.pdbx_stereo_config 
_chem_comp_atom.pdbx_ordinal 
ALA N    N N N 1   
ALA CA   C N S 2   
ALA C    C N N 3   
ALA O    O N N 4   
ALA CB   C N N 5   
ALA OXT  O N N 6   
ALA H    H N N 7   
ALA H2   H N N 8   
ALA HA   H N N 9   
ALA HB1  H N N 10  
ALA HB2  H N N 11  
ALA HB3  H N N 12  
ALA HXT  H N N 13  
ARG N    N N N 14  
ARG CA   C N S 15  
ARG C    C N N 16  
ARG O    O N N 17  
ARG CB   C N N 18  
ARG CG   C N N 19  
ARG CD   C N N 20  
ARG NE   N N N 21  
ARG CZ   C N N 22  
ARG NH1  N N N 23  
ARG NH2  N N N 24  
ARG OXT  O N N 25  
ARG H    H N N 26  
ARG H2   H N N 27  
ARG HA   H N N 28  
ARG HB2  H N N 29  
ARG HB3  H N N 30  
ARG HG2  H N N 31  
ARG HG3  H N N 32  
ARG HD2  H N N 33  
ARG HD3  H N N 34  
ARG HE   H N N 35  
ARG HH11 H N N 36  
ARG HH12 H N N 37  
ARG HH21 H N N 38  
ARG HH22 H N N 39  
ARG HXT  H N N 40  
ASN N    N N N 41  
ASN CA   C N S 42  
ASN C    C N N 43  
ASN O    O N N 44  
ASN CB   C N N 45  
ASN CG   C N N 46  
ASN OD1  O N N 47  
ASN ND2  N N N 48  
ASN OXT  O N N 49  
ASN H    H N N 50  
ASN H2   H N N 51  
ASN HA   H N N 52  
ASN HB2  H N N 53  
ASN HB3  H N N 54  
ASN HD21 H N N 55  
ASN HD22 H N N 56  
ASN HXT  H N N 57  
ASP N    N N N 58  
ASP CA   C N S 59  
ASP C    C N N 60  
ASP O    O N N 61  
ASP CB   C N N 62  
ASP CG   C N N 63  
ASP OD1  O N N 64  
ASP OD2  O N N 65  
ASP OXT  O N N 66  
ASP H    H N N 67  
ASP H2   H N N 68  
ASP HA   H N N 69  
ASP HB2  H N N 70  
ASP HB3  H N N 71  
ASP HD2  H N N 72  
ASP HXT  H N N 73  
CYS N    N N N 74  
CYS CA   C N R 75  
CYS C    C N N 76  
CYS O    O N N 77  
CYS CB   C N N 78  
CYS SG   S N N 79  
CYS OXT  O N N 80  
CYS H    H N N 81  
CYS H2   H N N 82  
CYS HA   H N N 83  
CYS HB2  H N N 84  
CYS HB3  H N N 85  
CYS HG   H N N 86  
CYS HXT  H N N 87  
GLN N    N N N 88  
GLN CA   C N S 89  
GLN C    C N N 90  
GLN O    O N N 91  
GLN CB   C N N 92  
GLN CG   C N N 93  
GLN CD   C N N 94  
GLN OE1  O N N 95  
GLN NE2  N N N 96  
GLN OXT  O N N 97  
GLN H    H N N 98  
GLN H2   H N N 99  
GLN HA   H N N 100 
GLN HB2  H N N 101 
GLN HB3  H N N 102 
GLN HG2  H N N 103 
GLN HG3  H N N 104 
GLN HE21 H N N 105 
GLN HE22 H N N 106 
GLN HXT  H N N 107 
GLU N    N N N 108 
GLU CA   C N S 109 
GLU C    C N N 110 
GLU O    O N N 111 
GLU CB   C N N 112 
GLU CG   C N N 113 
GLU CD   C N N 114 
GLU OE1  O N N 115 
GLU OE2  O N N 116 
GLU OXT  O N N 117 
GLU H    H N N 118 
GLU H2   H N N 119 
GLU HA   H N N 120 
GLU HB2  H N N 121 
GLU HB3  H N N 122 
GLU HG2  H N N 123 
GLU HG3  H N N 124 
GLU HE2  H N N 125 
GLU HXT  H N N 126 
GLY N    N N N 127 
GLY CA   C N N 128 
GLY C    C N N 129 
GLY O    O N N 130 
GLY OXT  O N N 131 
GLY H    H N N 132 
GLY H2   H N N 133 
GLY HA2  H N N 134 
GLY HA3  H N N 135 
GLY HXT  H N N 136 
HOH O    O N N 137 
HOH H1   H N N 138 
HOH H2   H N N 139 
ILE N    N N N 140 
ILE CA   C N S 141 
ILE C    C N N 142 
ILE O    O N N 143 
ILE CB   C N S 144 
ILE CG1  C N N 145 
ILE CG2  C N N 146 
ILE CD1  C N N 147 
ILE OXT  O N N 148 
ILE H    H N N 149 
ILE H2   H N N 150 
ILE HA   H N N 151 
ILE HB   H N N 152 
ILE HG12 H N N 153 
ILE HG13 H N N 154 
ILE HG21 H N N 155 
ILE HG22 H N N 156 
ILE HG23 H N N 157 
ILE HD11 H N N 158 
ILE HD12 H N N 159 
ILE HD13 H N N 160 
ILE HXT  H N N 161 
LEU N    N N N 162 
LEU CA   C N S 163 
LEU C    C N N 164 
LEU O    O N N 165 
LEU CB   C N N 166 
LEU CG   C N N 167 
LEU CD1  C N N 168 
LEU CD2  C N N 169 
LEU OXT  O N N 170 
LEU H    H N N 171 
LEU H2   H N N 172 
LEU HA   H N N 173 
LEU HB2  H N N 174 
LEU HB3  H N N 175 
LEU HG   H N N 176 
LEU HD11 H N N 177 
LEU HD12 H N N 178 
LEU HD13 H N N 179 
LEU HD21 H N N 180 
LEU HD22 H N N 181 
LEU HD23 H N N 182 
LEU HXT  H N N 183 
LYS N    N N N 184 
LYS CA   C N S 185 
LYS C    C N N 186 
LYS O    O N N 187 
LYS CB   C N N 188 
LYS CG   C N N 189 
LYS CD   C N N 190 
LYS CE   C N N 191 
LYS NZ   N N N 192 
LYS OXT  O N N 193 
LYS H    H N N 194 
LYS H2   H N N 195 
LYS HA   H N N 196 
LYS HB2  H N N 197 
LYS HB3  H N N 198 
LYS HG2  H N N 199 
LYS HG3  H N N 200 
LYS HD2  H N N 201 
LYS HD3  H N N 202 
LYS HE2  H N N 203 
LYS HE3  H N N 204 
LYS HZ1  H N N 205 
LYS HZ2  H N N 206 
LYS HZ3  H N N 207 
LYS HXT  H N N 208 
MET N    N N N 209 
MET CA   C N S 210 
MET C    C N N 211 
MET O    O N N 212 
MET CB   C N N 213 
MET CG   C N N 214 
MET SD   S N N 215 
MET CE   C N N 216 
MET OXT  O N N 217 
MET H    H N N 218 
MET H2   H N N 219 
MET HA   H N N 220 
MET HB2  H N N 221 
MET HB3  H N N 222 
MET HG2  H N N 223 
MET HG3  H N N 224 
MET HE1  H N N 225 
MET HE2  H N N 226 
MET HE3  H N N 227 
MET HXT  H N N 228 
PHE N    N N N 229 
PHE CA   C N S 230 
PHE C    C N N 231 
PHE O    O N N 232 
PHE CB   C N N 233 
PHE CG   C Y N 234 
PHE CD1  C Y N 235 
PHE CD2  C Y N 236 
PHE CE1  C Y N 237 
PHE CE2  C Y N 238 
PHE CZ   C Y N 239 
PHE OXT  O N N 240 
PHE H    H N N 241 
PHE H2   H N N 242 
PHE HA   H N N 243 
PHE HB2  H N N 244 
PHE HB3  H N N 245 
PHE HD1  H N N 246 
PHE HD2  H N N 247 
PHE HE1  H N N 248 
PHE HE2  H N N 249 
PHE HZ   H N N 250 
PHE HXT  H N N 251 
SER N    N N N 252 
SER CA   C N S 253 
SER C    C N N 254 
SER O    O N N 255 
SER CB   C N N 256 
SER OG   O N N 257 
SER OXT  O N N 258 
SER H    H N N 259 
SER H2   H N N 260 
SER HA   H N N 261 
SER HB2  H N N 262 
SER HB3  H N N 263 
SER HG   H N N 264 
SER HXT  H N N 265 
THR N    N N N 266 
THR CA   C N S 267 
THR C    C N N 268 
THR O    O N N 269 
THR CB   C N R 270 
THR OG1  O N N 271 
THR CG2  C N N 272 
THR OXT  O N N 273 
THR H    H N N 274 
THR H2   H N N 275 
THR HA   H N N 276 
THR HB   H N N 277 
THR HG1  H N N 278 
THR HG21 H N N 279 
THR HG22 H N N 280 
THR HG23 H N N 281 
THR HXT  H N N 282 
TYR N    N N N 283 
TYR CA   C N S 284 
TYR C    C N N 285 
TYR O    O N N 286 
TYR CB   C N N 287 
TYR CG   C Y N 288 
TYR CD1  C Y N 289 
TYR CD2  C Y N 290 
TYR CE1  C Y N 291 
TYR CE2  C Y N 292 
TYR CZ   C Y N 293 
TYR OH   O N N 294 
TYR OXT  O N N 295 
TYR H    H N N 296 
TYR H2   H N N 297 
TYR HA   H N N 298 
TYR HB2  H N N 299 
TYR HB3  H N N 300 
TYR HD1  H N N 301 
TYR HD2  H N N 302 
TYR HE1  H N N 303 
TYR HE2  H N N 304 
TYR HH   H N N 305 
TYR HXT  H N N 306 
VAL N    N N N 307 
VAL CA   C N S 308 
VAL C    C N N 309 
VAL O    O N N 310 
VAL CB   C N N 311 
VAL CG1  C N N 312 
VAL CG2  C N N 313 
VAL OXT  O N N 314 
VAL H    H N N 315 
VAL H2   H N N 316 
VAL HA   H N N 317 
VAL HB   H N N 318 
VAL HG11 H N N 319 
VAL HG12 H N N 320 
VAL HG13 H N N 321 
VAL HG21 H N N 322 
VAL HG22 H N N 323 
VAL HG23 H N N 324 
VAL HXT  H N N 325 
# 
loop_
_chem_comp_bond.comp_id 
_chem_comp_bond.atom_id_1 
_chem_comp_bond.atom_id_2 
_chem_comp_bond.value_order 
_chem_comp_bond.pdbx_aromatic_flag 
_chem_comp_bond.pdbx_stereo_config 
_chem_comp_bond.pdbx_ordinal 
ALA N   CA   sing N N 1   
ALA N   H    sing N N 2   
ALA N   H2   sing N N 3   
ALA CA  C    sing N N 4   
ALA CA  CB   sing N N 5   
ALA CA  HA   sing N N 6   
ALA C   O    doub N N 7   
ALA C   OXT  sing N N 8   
ALA CB  HB1  sing N N 9   
ALA CB  HB2  sing N N 10  
ALA CB  HB3  sing N N 11  
ALA OXT HXT  sing N N 12  
ARG N   CA   sing N N 13  
ARG N   H    sing N N 14  
ARG N   H2   sing N N 15  
ARG CA  C    sing N N 16  
ARG CA  CB   sing N N 17  
ARG CA  HA   sing N N 18  
ARG C   O    doub N N 19  
ARG C   OXT  sing N N 20  
ARG CB  CG   sing N N 21  
ARG CB  HB2  sing N N 22  
ARG CB  HB3  sing N N 23  
ARG CG  CD   sing N N 24  
ARG CG  HG2  sing N N 25  
ARG CG  HG3  sing N N 26  
ARG CD  NE   sing N N 27  
ARG CD  HD2  sing N N 28  
ARG CD  HD3  sing N N 29  
ARG NE  CZ   sing N N 30  
ARG NE  HE   sing N N 31  
ARG CZ  NH1  sing N N 32  
ARG CZ  NH2  doub N N 33  
ARG NH1 HH11 sing N N 34  
ARG NH1 HH12 sing N N 35  
ARG NH2 HH21 sing N N 36  
ARG NH2 HH22 sing N N 37  
ARG OXT HXT  sing N N 38  
ASN N   CA   sing N N 39  
ASN N   H    sing N N 40  
ASN N   H2   sing N N 41  
ASN CA  C    sing N N 42  
ASN CA  CB   sing N N 43  
ASN CA  HA   sing N N 44  
ASN C   O    doub N N 45  
ASN C   OXT  sing N N 46  
ASN CB  CG   sing N N 47  
ASN CB  HB2  sing N N 48  
ASN CB  HB3  sing N N 49  
ASN CG  OD1  doub N N 50  
ASN CG  ND2  sing N N 51  
ASN ND2 HD21 sing N N 52  
ASN ND2 HD22 sing N N 53  
ASN OXT HXT  sing N N 54  
ASP N   CA   sing N N 55  
ASP N   H    sing N N 56  
ASP N   H2   sing N N 57  
ASP CA  C    sing N N 58  
ASP CA  CB   sing N N 59  
ASP CA  HA   sing N N 60  
ASP C   O    doub N N 61  
ASP C   OXT  sing N N 62  
ASP CB  CG   sing N N 63  
ASP CB  HB2  sing N N 64  
ASP CB  HB3  sing N N 65  
ASP CG  OD1  doub N N 66  
ASP CG  OD2  sing N N 67  
ASP OD2 HD2  sing N N 68  
ASP OXT HXT  sing N N 69  
CYS N   CA   sing N N 70  
CYS N   H    sing N N 71  
CYS N   H2   sing N N 72  
CYS CA  C    sing N N 73  
CYS CA  CB   sing N N 74  
CYS CA  HA   sing N N 75  
CYS C   O    doub N N 76  
CYS C   OXT  sing N N 77  
CYS CB  SG   sing N N 78  
CYS CB  HB2  sing N N 79  
CYS CB  HB3  sing N N 80  
CYS SG  HG   sing N N 81  
CYS OXT HXT  sing N N 82  
GLN N   CA   sing N N 83  
GLN N   H    sing N N 84  
GLN N   H2   sing N N 85  
GLN CA  C    sing N N 86  
GLN CA  CB   sing N N 87  
GLN CA  HA   sing N N 88  
GLN C   O    doub N N 89  
GLN C   OXT  sing N N 90  
GLN CB  CG   sing N N 91  
GLN CB  HB2  sing N N 92  
GLN CB  HB3  sing N N 93  
GLN CG  CD   sing N N 94  
GLN CG  HG2  sing N N 95  
GLN CG  HG3  sing N N 96  
GLN CD  OE1  doub N N 97  
GLN CD  NE2  sing N N 98  
GLN NE2 HE21 sing N N 99  
GLN NE2 HE22 sing N N 100 
GLN OXT HXT  sing N N 101 
GLU N   CA   sing N N 102 
GLU N   H    sing N N 103 
GLU N   H2   sing N N 104 
GLU CA  C    sing N N 105 
GLU CA  CB   sing N N 106 
GLU CA  HA   sing N N 107 
GLU C   O    doub N N 108 
GLU C   OXT  sing N N 109 
GLU CB  CG   sing N N 110 
GLU CB  HB2  sing N N 111 
GLU CB  HB3  sing N N 112 
GLU CG  CD   sing N N 113 
GLU CG  HG2  sing N N 114 
GLU CG  HG3  sing N N 115 
GLU CD  OE1  doub N N 116 
GLU CD  OE2  sing N N 117 
GLU OE2 HE2  sing N N 118 
GLU OXT HXT  sing N N 119 
GLY N   CA   sing N N 120 
GLY N   H    sing N N 121 
GLY N   H2   sing N N 122 
GLY CA  C    sing N N 123 
GLY CA  HA2  sing N N 124 
GLY CA  HA3  sing N N 125 
GLY C   O    doub N N 126 
GLY C   OXT  sing N N 127 
GLY OXT HXT  sing N N 128 
HOH O   H1   sing N N 129 
HOH O   H2   sing N N 130 
ILE N   CA   sing N N 131 
ILE N   H    sing N N 132 
ILE N   H2   sing N N 133 
ILE CA  C    sing N N 134 
ILE CA  CB   sing N N 135 
ILE CA  HA   sing N N 136 
ILE C   O    doub N N 137 
ILE C   OXT  sing N N 138 
ILE CB  CG1  sing N N 139 
ILE CB  CG2  sing N N 140 
ILE CB  HB   sing N N 141 
ILE CG1 CD1  sing N N 142 
ILE CG1 HG12 sing N N 143 
ILE CG1 HG13 sing N N 144 
ILE CG2 HG21 sing N N 145 
ILE CG2 HG22 sing N N 146 
ILE CG2 HG23 sing N N 147 
ILE CD1 HD11 sing N N 148 
ILE CD1 HD12 sing N N 149 
ILE CD1 HD13 sing N N 150 
ILE OXT HXT  sing N N 151 
LEU N   CA   sing N N 152 
LEU N   H    sing N N 153 
LEU N   H2   sing N N 154 
LEU CA  C    sing N N 155 
LEU CA  CB   sing N N 156 
LEU CA  HA   sing N N 157 
LEU C   O    doub N N 158 
LEU C   OXT  sing N N 159 
LEU CB  CG   sing N N 160 
LEU CB  HB2  sing N N 161 
LEU CB  HB3  sing N N 162 
LEU CG  CD1  sing N N 163 
LEU CG  CD2  sing N N 164 
LEU CG  HG   sing N N 165 
LEU CD1 HD11 sing N N 166 
LEU CD1 HD12 sing N N 167 
LEU CD1 HD13 sing N N 168 
LEU CD2 HD21 sing N N 169 
LEU CD2 HD22 sing N N 170 
LEU CD2 HD23 sing N N 171 
LEU OXT HXT  sing N N 172 
LYS N   CA   sing N N 173 
LYS N   H    sing N N 174 
LYS N   H2   sing N N 175 
LYS CA  C    sing N N 176 
LYS CA  CB   sing N N 177 
LYS CA  HA   sing N N 178 
LYS C   O    doub N N 179 
LYS C   OXT  sing N N 180 
LYS CB  CG   sing N N 181 
LYS CB  HB2  sing N N 182 
LYS CB  HB3  sing N N 183 
LYS CG  CD   sing N N 184 
LYS CG  HG2  sing N N 185 
LYS CG  HG3  sing N N 186 
LYS CD  CE   sing N N 187 
LYS CD  HD2  sing N N 188 
LYS CD  HD3  sing N N 189 
LYS CE  NZ   sing N N 190 
LYS CE  HE2  sing N N 191 
LYS CE  HE3  sing N N 192 
LYS NZ  HZ1  sing N N 193 
LYS NZ  HZ2  sing N N 194 
LYS NZ  HZ3  sing N N 195 
LYS OXT HXT  sing N N 196 
MET N   CA   sing N N 197 
MET N   H    sing N N 198 
MET N   H2   sing N N 199 
MET CA  C    sing N N 200 
MET CA  CB   sing N N 201 
MET CA  HA   sing N N 202 
MET C   O    doub N N 203 
MET C   OXT  sing N N 204 
MET CB  CG   sing N N 205 
MET CB  HB2  sing N N 206 
MET CB  HB3  sing N N 207 
MET CG  SD   sing N N 208 
MET CG  HG2  sing N N 209 
MET CG  HG3  sing N N 210 
MET SD  CE   sing N N 211 
MET CE  HE1  sing N N 212 
MET CE  HE2  sing N N 213 
MET CE  HE3  sing N N 214 
MET OXT HXT  sing N N 215 
PHE N   CA   sing N N 216 
PHE N   H    sing N N 217 
PHE N   H2   sing N N 218 
PHE CA  C    sing N N 219 
PHE CA  CB   sing N N 220 
PHE CA  HA   sing N N 221 
PHE C   O    doub N N 222 
PHE C   OXT  sing N N 223 
PHE CB  CG   sing N N 224 
PHE CB  HB2  sing N N 225 
PHE CB  HB3  sing N N 226 
PHE CG  CD1  doub Y N 227 
PHE CG  CD2  sing Y N 228 
PHE CD1 CE1  sing Y N 229 
PHE CD1 HD1  sing N N 230 
PHE CD2 CE2  doub Y N 231 
PHE CD2 HD2  sing N N 232 
PHE CE1 CZ   doub Y N 233 
PHE CE1 HE1  sing N N 234 
PHE CE2 CZ   sing Y N 235 
PHE CE2 HE2  sing N N 236 
PHE CZ  HZ   sing N N 237 
PHE OXT HXT  sing N N 238 
SER N   CA   sing N N 239 
SER N   H    sing N N 240 
SER N   H2   sing N N 241 
SER CA  C    sing N N 242 
SER CA  CB   sing N N 243 
SER CA  HA   sing N N 244 
SER C   O    doub N N 245 
SER C   OXT  sing N N 246 
SER CB  OG   sing N N 247 
SER CB  HB2  sing N N 248 
SER CB  HB3  sing N N 249 
SER OG  HG   sing N N 250 
SER OXT HXT  sing N N 251 
THR N   CA   sing N N 252 
THR N   H    sing N N 253 
THR N   H2   sing N N 254 
THR CA  C    sing N N 255 
THR CA  CB   sing N N 256 
THR CA  HA   sing N N 257 
THR C   O    doub N N 258 
THR C   OXT  sing N N 259 
THR CB  OG1  sing N N 260 
THR CB  CG2  sing N N 261 
THR CB  HB   sing N N 262 
THR OG1 HG1  sing N N 263 
THR CG2 HG21 sing N N 264 
THR CG2 HG22 sing N N 265 
THR CG2 HG23 sing N N 266 
THR OXT HXT  sing N N 267 
TYR N   CA   sing N N 268 
TYR N   H    sing N N 269 
TYR N   H2   sing N N 270 
TYR CA  C    sing N N 271 
TYR CA  CB   sing N N 272 
TYR CA  HA   sing N N 273 
TYR C   O    doub N N 274 
TYR C   OXT  sing N N 275 
TYR CB  CG   sing N N 276 
TYR CB  HB2  sing N N 277 
TYR CB  HB3  sing N N 278 
TYR CG  CD1  doub Y N 279 
TYR CG  CD2  sing Y N 280 
TYR CD1 CE1  sing Y N 281 
TYR CD1 HD1  sing N N 282 
TYR CD2 CE2  doub Y N 283 
TYR CD2 HD2  sing N N 284 
TYR CE1 CZ   doub Y N 285 
TYR CE1 HE1  sing N N 286 
TYR CE2 CZ   sing Y N 287 
TYR CE2 HE2  sing N N 288 
TYR CZ  OH   sing N N 289 
TYR OH  HH   sing N N 290 
TYR OXT HXT  sing N N 291 
VAL N   CA   sing N N 292 
VAL N   H    sing N N 293 
VAL N   H2   sing N N 294 
VAL CA  C    sing N N 295 
VAL CA  CB   sing N N 296 
VAL CA  HA   sing N N 297 
VAL C   O    doub N N 298 
VAL C   OXT  sing N N 299 
VAL CB  CG1  sing N N 300 
VAL CB  CG2  sing N N 301 
VAL CB  HB   sing N N 302 
VAL CG1 HG11 sing N N 303 
VAL CG1 HG12 sing N N 304 
VAL CG1 HG13 sing N N 305 
VAL CG2 HG21 sing N N 306 
VAL CG2 HG22 sing N N 307 
VAL CG2 HG23 sing N N 308 
VAL OXT HXT  sing N N 309 
# 
_atom_sites.entry_id                    1KLX 
_atom_sites.fract_transf_matrix[1][1]   0.01752871 
_atom_sites.fract_transf_matrix[1][2]   0.01256214 
_atom_sites.fract_transf_matrix[1][3]   0.00635437 
_atom_sites.fract_transf_matrix[2][1]   0.00294810 
_atom_sites.fract_transf_matrix[2][2]   0.02046704 
_atom_sites.fract_transf_matrix[2][3]   -0.00882322 
_atom_sites.fract_transf_matrix[3][1]   -0.00267241 
_atom_sites.fract_transf_matrix[3][2]   0.00192358 
_atom_sites.fract_transf_matrix[3][3]   0.00356915 
_atom_sites.fract_transf_vector[1]      0.383370 
_atom_sites.fract_transf_vector[2]      0.498366 
_atom_sites.fract_transf_vector[3]      0.155930 
# 
loop_
_atom_type.symbol 
C 
N 
O 
S 
# 
loop_
_atom_site.group_PDB 
_atom_site.id 
_atom_site.type_symbol 
_atom_site.label_atom_id 
_atom_site.label_alt_id 
_atom_site.label_comp_id 
_atom_site.label_asym_id 
_atom_site.label_entity_id 
_atom_site.label_seq_id 
_atom_site.pdbx_PDB_ins_code 
_atom_site.Cartn_x 
_atom_site.Cartn_y 
_atom_site.Cartn_z 
_atom_site.occupancy 
_atom_site.B_iso_or_equiv 
_atom_site.pdbx_formal_charge 
_atom_site.auth_seq_id 
_atom_site.auth_comp_id 
_atom_site.auth_asym_id 
_atom_site.auth_atom_id 
_atom_site.pdbx_PDB_model_num 
ATOM   1    N N   . GLY A 1 3   ? 10.611  -15.514 -28.721 1.00 59.64 ? 3   GLY A N   1 
ATOM   2    C CA  . GLY A 1 3   ? 9.547   -15.393 -27.655 1.00 60.46 ? 3   GLY A CA  1 
ATOM   3    C C   . GLY A 1 3   ? 9.981   -15.904 -26.269 1.00 61.27 ? 3   GLY A C   1 
ATOM   4    O O   . GLY A 1 3   ? 9.285   -15.638 -25.279 1.00 58.88 ? 3   GLY A O   1 
ATOM   5    N N   . GLY A 1 4   ? 11.081  -16.647 -26.196 1.00 61.29 ? 4   GLY A N   1 
ATOM   6    C CA  . GLY A 1 4   ? 11.396  -17.263 -24.955 1.00 61.74 ? 4   GLY A CA  1 
ATOM   7    C C   . GLY A 1 4   ? 12.547  -16.528 -24.362 1.00 60.41 ? 4   GLY A C   1 
ATOM   8    O O   . GLY A 1 4   ? 13.259  -17.145 -23.605 1.00 61.03 ? 4   GLY A O   1 
ATOM   9    N N   . GLY A 1 5   ? 12.755  -15.247 -24.689 1.00 58.12 ? 5   GLY A N   1 
ATOM   10   C CA  . GLY A 1 5   ? 13.936  -14.517 -24.135 1.00 54.70 ? 5   GLY A CA  1 
ATOM   11   C C   . GLY A 1 5   ? 13.630  -13.024 -24.061 1.00 52.08 ? 5   GLY A C   1 
ATOM   12   O O   . GLY A 1 5   ? 14.484  -12.172 -23.751 1.00 51.56 ? 5   GLY A O   1 
ATOM   13   N N   . THR A 1 6   ? 12.358  -12.731 -24.420 1.00 48.67 ? 6   THR A N   1 
ATOM   14   C CA  . THR A 1 6   ? 11.825  -11.376 -24.396 1.00 43.18 ? 6   THR A CA  1 
ATOM   15   C C   . THR A 1 6   ? 11.841  -10.757 -22.920 1.00 39.45 ? 6   THR A C   1 
ATOM   16   O O   . THR A 1 6   ? 12.032  -11.447 -21.944 1.00 36.44 ? 6   THR A O   1 
ATOM   17   C CB  . THR A 1 6   ? 10.289  -11.267 -25.013 1.00 44.36 ? 6   THR A CB  1 
ATOM   18   O OG1 . THR A 1 6   ? 9.422   -11.875 -24.081 1.00 36.79 ? 6   THR A OG1 1 
ATOM   19   C CG2 . THR A 1 6   ? 9.832   -12.000 -26.482 1.00 46.93 ? 6   THR A CG2 1 
ATOM   20   N N   . VAL A 1 7   ? 11.578  -9.469  -22.820 1.00 38.03 ? 7   VAL A N   1 
ATOM   21   C CA  . VAL A 1 7   ? 11.397  -8.779  -21.581 1.00 36.94 ? 7   VAL A CA  1 
ATOM   22   C C   . VAL A 1 7   ? 10.137  -9.359  -20.888 1.00 37.09 ? 7   VAL A C   1 
ATOM   23   O O   . VAL A 1 7   ? 10.097  -9.576  -19.659 1.00 30.49 ? 7   VAL A O   1 
ATOM   24   C CB  . VAL A 1 7   ? 11.158  -7.352  -21.843 1.00 38.46 ? 7   VAL A CB  1 
ATOM   25   C CG1 . VAL A 1 7   ? 10.579  -6.576  -20.584 1.00 35.97 ? 7   VAL A CG1 1 
ATOM   26   C CG2 . VAL A 1 7   ? 12.477  -6.705  -22.451 1.00 41.80 ? 7   VAL A CG2 1 
ATOM   27   N N   . LYS A 1 8   ? 9.101   -9.701  -21.675 1.00 35.61 ? 8   LYS A N   1 
ATOM   28   C CA  . LYS A 1 8   ? 7.929   -10.344 -20.983 1.00 33.93 ? 8   LYS A CA  1 
ATOM   29   C C   . LYS A 1 8   ? 8.260   -11.638 -20.335 1.00 30.95 ? 8   LYS A C   1 
ATOM   30   O O   . LYS A 1 8   ? 7.712   -11.977 -19.264 1.00 33.47 ? 8   LYS A O   1 
ATOM   31   C CB  . LYS A 1 8   ? 6.710   -10.525 -21.975 1.00 35.23 ? 8   LYS A CB  1 
ATOM   32   C CG  . LYS A 1 8   ? 6.333   -9.266  -22.578 1.00 40.37 ? 8   LYS A CG  1 
ATOM   33   C CD  . LYS A 1 8   ? 5.003   -9.461  -23.540 1.00 53.21 ? 8   LYS A CD  1 
ATOM   34   C CE  . LYS A 1 8   ? 4.468   -8.059  -24.068 1.00 62.50 ? 8   LYS A CE  1 
ATOM   35   N NZ  . LYS A 1 8   ? 3.465   -8.070  -25.225 1.00 66.29 ? 8   LYS A NZ  1 
ATOM   36   N N   . LYS A 1 9   ? 9.101   -12.482 -20.932 1.00 29.00 ? 9   LYS A N   1 
ATOM   37   C CA  . LYS A 1 9   ? 9.466   -13.730 -20.251 1.00 30.11 ? 9   LYS A CA  1 
ATOM   38   C C   . LYS A 1 9   ? 10.265  -13.510 -18.961 1.00 30.48 ? 9   LYS A C   1 
ATOM   39   O O   . LYS A 1 9   ? 10.189  -14.300 -18.020 1.00 29.52 ? 9   LYS A O   1 
ATOM   40   C CB  . LYS A 1 9   ? 10.411  -14.518 -21.140 1.00 35.04 ? 9   LYS A CB  1 
ATOM   41   C CG  . LYS A 1 9   ? 10.784  -15.842 -20.629 1.00 44.65 ? 9   LYS A CG  1 
ATOM   42   C CD  . LYS A 1 9   ? 12.230  -16.190 -20.890 1.00 59.09 ? 9   LYS A CD  1 
ATOM   43   C CE  . LYS A 1 9   ? 13.179  -15.214 -20.082 1.00 59.21 ? 9   LYS A CE  1 
ATOM   44   N NZ  . LYS A 1 9   ? 14.531  -15.690 -19.966 1.00 62.86 ? 9   LYS A NZ  1 
ATOM   45   N N   . ASP A 1 10  ? 11.125  -12.484 -19.008 1.00 27.85 ? 10  ASP A N   1 
ATOM   46   C CA  . ASP A 1 10  ? 11.953  -12.201 -17.847 1.00 27.82 ? 10  ASP A CA  1 
ATOM   47   C C   . ASP A 1 10  ? 10.919  -11.674 -16.739 1.00 24.27 ? 10  ASP A C   1 
ATOM   48   O O   . ASP A 1 10  ? 11.043  -11.988 -15.618 1.00 25.41 ? 10  ASP A O   1 
ATOM   49   C CB  . ASP A 1 10  ? 12.777  -11.059 -18.179 1.00 27.69 ? 10  ASP A CB  1 
ATOM   50   C CG  . ASP A 1 10  ? 13.900  -11.367 -19.218 1.00 35.45 ? 10  ASP A CG  1 
ATOM   51   O OD1 . ASP A 1 10  ? 14.534  -12.443 -19.221 1.00 31.13 ? 10  ASP A OD1 1 
ATOM   52   O OD2 . ASP A 1 10  ? 14.271  -10.453 -19.985 1.00 39.78 ? 10  ASP A OD2 1 
ATOM   53   N N   . LEU A 1 11  ? 9.941   -10.840 -17.099 1.00 23.76 ? 11  LEU A N   1 
ATOM   54   C CA  . LEU A 1 11  ? 8.978   -10.362 -16.116 1.00 26.24 ? 11  LEU A CA  1 
ATOM   55   C C   . LEU A 1 11  ? 8.240   -11.518 -15.497 1.00 26.12 ? 11  LEU A C   1 
ATOM   56   O O   . LEU A 1 11  ? 7.910   -11.577 -14.263 1.00 23.18 ? 11  LEU A O   1 
ATOM   57   C CB  . LEU A 1 11  ? 7.994   -9.391  -16.740 1.00 28.65 ? 11  LEU A CB  1 
ATOM   58   C CG  . LEU A 1 11  ? 8.681   -8.102  -17.144 1.00 27.76 ? 11  LEU A CG  1 
ATOM   59   C CD1 . LEU A 1 11  ? 7.787   -7.377  -18.249 1.00 32.69 ? 11  LEU A CD1 1 
ATOM   60   C CD2 . LEU A 1 11  ? 8.825   -7.204  -15.878 1.00 23.95 ? 11  LEU A CD2 1 
ATOM   61   N N   . LYS A 1 12  ? 7.890   -12.490 -16.329 1.00 28.21 ? 12  LYS A N   1 
ATOM   62   C CA  . LYS A 1 12  ? 7.141   -13.653 -15.771 1.00 29.35 ? 12  LYS A CA  1 
ATOM   63   C C   . LYS A 1 12  ? 7.981   -14.365 -14.793 1.00 27.14 ? 12  LYS A C   1 
ATOM   64   O O   . LYS A 1 12  ? 7.543   -14.900 -13.772 1.00 27.62 ? 12  LYS A O   1 
ATOM   65   C CB  . LYS A 1 12  ? 6.696   -14.613 -16.879 1.00 31.20 ? 12  LYS A CB  1 
ATOM   66   C CG  . LYS A 1 12  ? 5.688   -14.052 -17.885 1.00 38.53 ? 12  LYS A CG  1 
ATOM   67   C CD  . LYS A 1 12  ? 5.450   -15.253 -19.003 1.00 49.48 ? 12  LYS A CD  1 
ATOM   68   C CE  . LYS A 1 12  ? 4.434   -14.867 -20.088 1.00 60.77 ? 12  LYS A CE  1 
ATOM   69   N NZ  . LYS A 1 12  ? 3.095   -14.468 -19.429 1.00 64.02 ? 12  LYS A NZ  1 
ATOM   70   N N   . LYS A 1 13  ? 9.237   -14.425 -15.119 1.00 29.83 ? 13  LYS A N   1 
ATOM   71   C CA  . LYS A 1 13  ? 10.154  -15.111 -14.203 1.00 30.23 ? 13  LYS A CA  1 
ATOM   72   C C   . LYS A 1 13  ? 10.383  -14.356 -12.902 1.00 28.98 ? 13  LYS A C   1 
ATOM   73   O O   . LYS A 1 13  ? 10.506  -14.972 -11.875 1.00 31.72 ? 13  LYS A O   1 
ATOM   74   C CB  . LYS A 1 13  ? 11.485  -15.230 -14.919 1.00 36.67 ? 13  LYS A CB  1 
ATOM   75   C CG  . LYS A 1 13  ? 12.543  -15.825 -14.075 1.00 37.75 ? 13  LYS A CG  1 
ATOM   76   C CD  . LYS A 1 13  ? 13.832  -15.951 -14.999 1.00 56.14 ? 13  LYS A CD  1 
ATOM   77   C CE  . LYS A 1 13  ? 15.060  -16.522 -14.261 1.00 62.75 ? 13  LYS A CE  1 
ATOM   78   N NZ  . LYS A 1 13  ? 16.257  -16.449 -15.168 1.00 72.96 ? 13  LYS A NZ  1 
ATOM   79   N N   . ALA A 1 14  ? 10.288  -13.038 -12.930 1.00 23.61 ? 14  ALA A N   1 
ATOM   80   C CA  . ALA A 1 14  ? 10.529  -12.250 -11.718 1.00 26.22 ? 14  ALA A CA  1 
ATOM   81   C C   . ALA A 1 14  ? 9.338   -12.364 -10.710 1.00 26.90 ? 14  ALA A C   1 
ATOM   82   O O   . ALA A 1 14  ? 9.362   -11.906 -9.565  1.00 25.71 ? 14  ALA A O   1 
ATOM   83   C CB  . ALA A 1 14  ? 10.705  -10.829 -12.061 1.00 24.45 ? 14  ALA A CB  1 
ATOM   84   N N   . ILE A 1 15  ? 8.231   -12.846 -11.209 1.00 24.14 ? 15  ILE A N   1 
ATOM   85   C CA  . ILE A 1 15  ? 7.053   -12.876 -10.304 1.00 27.05 ? 15  ILE A CA  1 
ATOM   86   C C   . ILE A 1 15  ? 7.095   -13.474 -8.953  1.00 25.86 ? 15  ILE A C   1 
ATOM   87   O O   . ILE A 1 15  ? 6.800   -12.815 -7.950  1.00 24.09 ? 15  ILE A O   1 
ATOM   88   C CB  . ILE A 1 15  ? 5.723   -13.385 -11.123 1.00 24.49 ? 15  ILE A CB  1 
ATOM   89   C CG1 . ILE A 1 15  ? 5.402   -12.519 -12.344 1.00 25.70 ? 15  ILE A CG1 1 
ATOM   90   C CG2 . ILE A 1 15  ? 4.494   -13.507 -10.196 1.00 28.40 ? 15  ILE A CG2 1 
ATOM   91   C CD1 . ILE A 1 15  ? 4.127   -13.047 -13.209 1.00 23.32 ? 15  ILE A CD1 1 
ATOM   92   N N   . GLN A 1 16  ? 7.346   -14.763 -8.979  1.00 26.30 ? 16  GLN A N   1 
ATOM   93   C CA  . GLN A 1 16  ? 7.393   -15.463 -7.731  1.00 30.16 ? 16  GLN A CA  1 
ATOM   94   C C   . GLN A 1 16  ? 8.375   -14.762 -6.897  1.00 27.32 ? 16  GLN A C   1 
ATOM   95   O O   . GLN A 1 16  ? 8.223   -14.800 -5.684  1.00 25.49 ? 16  GLN A O   1 
ATOM   96   C CB  . GLN A 1 16  ? 7.746   -16.963 -7.851  1.00 34.19 ? 16  GLN A CB  1 
ATOM   97   C CG  . GLN A 1 16  ? 6.547   -17.630 -8.701  1.00 47.27 ? 16  GLN A CG  1 
ATOM   98   C CD  . GLN A 1 16  ? 5.096   -17.295 -8.175  1.00 54.94 ? 16  GLN A CD  1 
ATOM   99   O OE1 . GLN A 1 16  ? 4.826   -17.335 -6.972  1.00 54.62 ? 16  GLN A OE1 1 
ATOM   100  N NE2 . GLN A 1 16  ? 4.183   -16.953 -9.098  1.00 61.88 ? 16  GLN A NE2 1 
ATOM   101  N N   . TYR A 1 17  ? 9.478   -14.244 -7.451  1.00 26.78 ? 17  TYR A N   1 
ATOM   102  C CA  . TYR A 1 17  ? 10.508  -13.566 -6.642  1.00 28.99 ? 17  TYR A CA  1 
ATOM   103  C C   . TYR A 1 17  ? 9.965   -12.348 -5.902  1.00 27.87 ? 17  TYR A C   1 
ATOM   104  O O   . TYR A 1 17  ? 10.252  -12.128 -4.705  1.00 24.83 ? 17  TYR A O   1 
ATOM   105  C CB  . TYR A 1 17  ? 11.733  -13.161 -7.494  1.00 28.90 ? 17  TYR A CB  1 
ATOM   106  C CG  . TYR A 1 17  ? 12.786  -12.420 -6.772  1.00 41.01 ? 17  TYR A CG  1 
ATOM   107  C CD1 . TYR A 1 17  ? 13.640  -13.139 -5.939  1.00 54.63 ? 17  TYR A CD1 1 
ATOM   108  C CD2 . TYR A 1 17  ? 12.988  -11.050 -6.857  1.00 49.35 ? 17  TYR A CD2 1 
ATOM   109  C CE1 . TYR A 1 17  ? 14.693  -12.532 -5.167  1.00 60.29 ? 17  TYR A CE1 1 
ATOM   110  C CE2 . TYR A 1 17  ? 14.053  -10.423 -6.084  1.00 51.31 ? 17  TYR A CE2 1 
ATOM   111  C CZ  . TYR A 1 17  ? 14.866  -11.168 -5.275  1.00 61.88 ? 17  TYR A CZ  1 
ATOM   112  O OH  . TYR A 1 17  ? 15.912  -10.643 -4.499  1.00 68.32 ? 17  TYR A OH  1 
ATOM   113  N N   . TYR A 1 18  ? 9.202   -11.551 -6.583  1.00 25.60 ? 18  TYR A N   1 
ATOM   114  C CA  . TYR A 1 18  ? 8.677   -10.385 -5.942  1.00 25.46 ? 18  TYR A CA  1 
ATOM   115  C C   . TYR A 1 18  ? 7.462   -10.646 -5.098  1.00 24.64 ? 18  TYR A C   1 
ATOM   116  O O   . TYR A 1 18  ? 7.111   -9.843  -4.226  1.00 23.98 ? 18  TYR A O   1 
ATOM   117  C CB  . TYR A 1 18  ? 8.501   -9.273  -6.996  1.00 24.53 ? 18  TYR A CB  1 
ATOM   118  C CG  . TYR A 1 18  ? 9.932   -8.710  -7.328  1.00 28.66 ? 18  TYR A CG  1 
ATOM   119  C CD1 . TYR A 1 18  ? 10.639  -7.876  -6.409  1.00 34.63 ? 18  TYR A CD1 1 
ATOM   120  C CD2 . TYR A 1 18  ? 10.532  -9.002  -8.554  1.00 32.23 ? 18  TYR A CD2 1 
ATOM   121  C CE1 . TYR A 1 18  ? 11.894  -7.391  -6.709  1.00 33.26 ? 18  TYR A CE1 1 
ATOM   122  C CE2 . TYR A 1 18  ? 11.733  -8.459  -8.922  1.00 30.59 ? 18  TYR A CE2 1 
ATOM   123  C CZ  . TYR A 1 18  ? 12.498  -7.740  -7.941  1.00 30.73 ? 18  TYR A CZ  1 
ATOM   124  O OH  . TYR A 1 18  ? 13.762  -7.252  -8.268  1.00 36.26 ? 18  TYR A OH  1 
ATOM   125  N N   . VAL A 1 19  ? 6.836   -11.761 -5.375  1.00 23.33 ? 19  VAL A N   1 
ATOM   126  C CA  . VAL A 1 19  ? 5.693   -12.101 -4.499  1.00 25.75 ? 19  VAL A CA  1 
ATOM   127  C C   . VAL A 1 19  ? 6.269   -12.358 -3.147  1.00 23.52 ? 19  VAL A C   1 
ATOM   128  O O   . VAL A 1 19  ? 5.805   -11.902 -2.116  1.00 23.29 ? 19  VAL A O   1 
ATOM   129  C CB  . VAL A 1 19  ? 4.938   -13.341 -5.030  1.00 23.51 ? 19  VAL A CB  1 
ATOM   130  C CG1 . VAL A 1 19  ? 4.038   -13.898 -3.900  1.00 25.45 ? 19  VAL A CG1 1 
ATOM   131  C CG2 . VAL A 1 19  ? 4.106   -12.913 -6.257  1.00 25.73 ? 19  VAL A CG2 1 
ATOM   132  N N   . LYS A 1 20  ? 7.388   -13.077 -3.142  1.00 23.94 ? 20  LYS A N   1 
ATOM   133  C CA  . LYS A 1 20  ? 8.090   -13.318 -1.809  1.00 23.37 ? 20  LYS A CA  1 
ATOM   134  C C   . LYS A 1 20  ? 8.592   -12.061 -1.089  1.00 22.81 ? 20  LYS A C   1 
ATOM   135  O O   . LYS A 1 20  ? 8.414   -11.858 0.090   1.00 18.92 ? 20  LYS A O   1 
ATOM   136  C CB  . LYS A 1 20  ? 9.277   -14.353 -1.936  1.00 24.47 ? 20  LYS A CB  1 
ATOM   137  C CG  . LYS A 1 20  ? 8.885   -15.718 -1.700  1.00 37.99 ? 20  LYS A CG  1 
ATOM   138  C CD  . LYS A 1 20  ? 8.494   -15.973 -0.126  1.00 43.12 ? 20  LYS A CD  1 
ATOM   139  C CE  . LYS A 1 20  ? 7.677   -17.277 -0.069  1.00 49.50 ? 20  LYS A CE  1 
ATOM   140  N NZ  . LYS A 1 20  ? 6.285   -17.161 -0.755  1.00 52.53 ? 20  LYS A NZ  1 
ATOM   141  N N   . ALA A 1 21  ? 9.295   -11.261 -1.869  1.00 21.66 ? 21  ALA A N   1 
ATOM   142  C CA  . ALA A 1 21  ? 9.811   -10.045 -1.388  1.00 20.51 ? 21  ALA A CA  1 
ATOM   143  C C   . ALA A 1 21  ? 8.696   -9.105  -0.741  1.00 22.12 ? 21  ALA A C   1 
ATOM   144  O O   . ALA A 1 21  ? 8.871   -8.397  0.270   1.00 19.64 ? 21  ALA A O   1 
ATOM   145  C CB  . ALA A 1 21  ? 10.516  -9.315  -2.548  1.00 19.24 ? 21  ALA A CB  1 
ATOM   146  N N   . CYS A 1 22  ? 7.549   -9.071  -1.442  1.00 20.83 ? 22  CYS A N   1 
ATOM   147  C CA  . CYS A 1 22  ? 6.386   -8.286  -1.022  1.00 18.87 ? 22  CYS A CA  1 
ATOM   148  C C   . CYS A 1 22  ? 5.772   -8.852  0.264   1.00 20.22 ? 22  CYS A C   1 
ATOM   149  O O   . CYS A 1 22  ? 5.522   -8.148  1.170   1.00 21.99 ? 22  CYS A O   1 
ATOM   150  C CB  . CYS A 1 22  ? 5.339   -8.314  -2.140  1.00 20.40 ? 22  CYS A CB  1 
ATOM   151  S SG  . CYS A 1 22  ? 3.851   -7.364  -1.667  1.00 21.79 ? 22  CYS A SG  1 
ATOM   152  N N   . GLU A 1 23  ? 5.615   -10.168 0.347   1.00 21.55 ? 23  GLU A N   1 
ATOM   153  C CA  . GLU A 1 23  ? 5.151   -10.815 1.581   1.00 23.30 ? 23  GLU A CA  1 
ATOM   154  C C   . GLU A 1 23  ? 6.020   -10.598 2.769   1.00 22.40 ? 23  GLU A C   1 
ATOM   155  O O   . GLU A 1 23  ? 5.506   -10.402 3.874   1.00 23.37 ? 23  GLU A O   1 
ATOM   156  C CB  . GLU A 1 23  ? 5.005   -12.366 1.356   1.00 21.54 ? 23  GLU A CB  1 
ATOM   157  C CG  . GLU A 1 23  ? 3.856   -12.633 0.327   1.00 22.67 ? 23  GLU A CG  1 
ATOM   158  C CD  . GLU A 1 23  ? 3.744   -14.159 0.027   1.00 33.06 ? 23  GLU A CD  1 
ATOM   159  O OE1 . GLU A 1 23  ? 4.668   -14.921 0.412   1.00 32.86 ? 23  GLU A OE1 1 
ATOM   160  O OE2 . GLU A 1 23  ? 2.769   -14.564 -0.598  1.00 37.19 ? 23  GLU A OE2 1 
ATOM   161  N N   . LEU A 1 24  ? 7.340   -10.473 2.553   1.00 24.04 ? 24  LEU A N   1 
ATOM   162  C CA  . LEU A 1 24  ? 8.318   -10.273 3.628   1.00 24.65 ? 24  LEU A CA  1 
ATOM   163  C C   . LEU A 1 24  ? 8.587   -8.771  3.800   1.00 25.91 ? 24  LEU A C   1 
ATOM   164  O O   . LEU A 1 24  ? 9.382   -8.377  4.625   1.00 21.72 ? 24  LEU A O   1 
ATOM   165  C CB  . LEU A 1 24  ? 9.637   -10.943 3.240   1.00 25.68 ? 24  LEU A CB  1 
ATOM   166  C CG  . LEU A 1 24  ? 9.541   -12.508 3.184   1.00 26.95 ? 24  LEU A CG  1 
ATOM   167  C CD1 . LEU A 1 24  ? 10.845  -13.079 2.958   1.00 31.18 ? 24  LEU A CD1 1 
ATOM   168  C CD2 . LEU A 1 24  ? 9.059   -13.026 4.514   1.00 29.76 ? 24  LEU A CD2 1 
ATOM   169  N N   . ASN A 1 25  ? 7.818   -7.925  3.077   1.00 24.21 ? 25  ASN A N   1 
ATOM   170  C CA  . ASN A 1 25  ? 7.970   -6.440  3.184   1.00 21.38 ? 25  ASN A CA  1 
ATOM   171  C C   . ASN A 1 25  ? 9.428   -5.918  2.907   1.00 22.62 ? 25  ASN A C   1 
ATOM   172  O O   . ASN A 1 25  ? 9.892   -5.057  3.600   1.00 23.04 ? 25  ASN A O   1 
ATOM   173  C CB  . ASN A 1 25  ? 7.484   -5.923  4.526   1.00 24.79 ? 25  ASN A CB  1 
ATOM   174  C CG  . ASN A 1 25  ? 7.069   -4.412  4.483   1.00 32.16 ? 25  ASN A CG  1 
ATOM   175  O OD1 . ASN A 1 25  ? 6.482   -3.978  3.526   1.00 33.07 ? 25  ASN A OD1 1 
ATOM   176  N ND2 . ASN A 1 25  ? 7.487   -3.632  5.470   1.00 31.71 ? 25  ASN A ND2 1 
ATOM   177  N N   . GLU A 1 26  ? 10.165  -6.576  2.027   1.00 21.59 ? 26  GLU A N   1 
ATOM   178  C CA  . GLU A 1 26  ? 11.537  -6.135  1.706   1.00 23.39 ? 26  GLU A CA  1 
ATOM   179  C C   . GLU A 1 26  ? 11.402  -4.891  0.862   1.00 25.44 ? 26  GLU A C   1 
ATOM   180  O O   . GLU A 1 26  ? 10.384  -4.779  0.106   1.00 23.39 ? 26  GLU A O   1 
ATOM   181  C CB  . GLU A 1 26  ? 12.217  -7.245  0.909   1.00 21.95 ? 26  GLU A CB  1 
ATOM   182  C CG  . GLU A 1 26  ? 12.566  -8.411  1.918   1.00 25.60 ? 26  GLU A CG  1 
ATOM   183  C CD  . GLU A 1 26  ? 13.360  -9.508  1.290   1.00 33.89 ? 26  GLU A CD  1 
ATOM   184  O OE1 . GLU A 1 26  ? 13.782  -10.377 2.065   1.00 30.03 ? 26  GLU A OE1 1 
ATOM   185  O OE2 . GLU A 1 26  ? 13.549  -9.478  0.047   1.00 33.49 ? 26  GLU A OE2 1 
ATOM   186  N N   . MET A 1 27  ? 12.401  -3.996  0.933   1.00 24.48 ? 27  MET A N   1 
ATOM   187  C CA  . MET A 1 27  ? 12.328  -2.759  0.184   1.00 26.99 ? 27  MET A CA  1 
ATOM   188  C C   . MET A 1 27  ? 12.038  -2.940  -1.290  1.00 23.64 ? 27  MET A C   1 
ATOM   189  O O   . MET A 1 27  ? 12.639  -3.762  -1.964  1.00 22.13 ? 27  MET A O   1 
ATOM   190  C CB  . MET A 1 27  ? 13.625  -1.995  0.405   1.00 31.25 ? 27  MET A CB  1 
ATOM   191  C CG  . MET A 1 27  ? 13.370  -0.490  0.164   1.00 41.28 ? 27  MET A CG  1 
ATOM   192  S SD  . MET A 1 27  ? 14.941  0.302   0.810   1.00 58.04 ? 27  MET A SD  1 
ATOM   193  C CE  . MET A 1 27  ? 14.899  1.696   0.027   1.00 53.40 ? 27  MET A CE  1 
ATOM   194  N N   . PHE A 1 28  ? 11.020  -2.192  -1.741  1.00 23.79 ? 28  PHE A N   1 
ATOM   195  C CA  . PHE A 1 28  ? 10.529  -2.182  -3.116  1.00 22.49 ? 28  PHE A CA  1 
ATOM   196  C C   . PHE A 1 28  ? 9.851   -3.476  -3.608  1.00 24.03 ? 28  PHE A C   1 
ATOM   197  O O   . PHE A 1 28  ? 9.562   -3.630  -4.787  1.00 23.78 ? 28  PHE A O   1 
ATOM   198  C CB  . PHE A 1 28  ? 11.611  -1.683  -4.063  1.00 23.65 ? 28  PHE A CB  1 
ATOM   199  C CG  . PHE A 1 28  ? 12.202  -0.330  -3.665  1.00 23.81 ? 28  PHE A CG  1 
ATOM   200  C CD1 . PHE A 1 28  ? 13.560  -0.181  -3.530  1.00 27.35 ? 28  PHE A CD1 1 
ATOM   201  C CD2 . PHE A 1 28  ? 11.424  0.730   -3.435  1.00 26.31 ? 28  PHE A CD2 1 
ATOM   202  C CE1 . PHE A 1 28  ? 14.164  1.011   -3.196  1.00 27.15 ? 28  PHE A CE1 1 
ATOM   203  C CE2 . PHE A 1 28  ? 12.010  1.954   -3.074  1.00 32.69 ? 28  PHE A CE2 1 
ATOM   204  C CZ  . PHE A 1 28  ? 13.434  2.040   -2.937  1.00 29.45 ? 28  PHE A CZ  1 
ATOM   205  N N   . GLY A 1 29  ? 9.669   -4.441  -2.707  1.00 19.84 ? 29  GLY A N   1 
ATOM   206  C CA  . GLY A 1 29  ? 9.196   -5.719  -3.142  1.00 20.29 ? 29  GLY A CA  1 
ATOM   207  C C   . GLY A 1 29  ? 7.711   -5.635  -3.684  1.00 18.76 ? 29  GLY A C   1 
ATOM   208  O O   . GLY A 1 29  ? 7.445   -6.036  -4.858  1.00 20.12 ? 29  GLY A O   1 
ATOM   209  N N   . CYS A 1 30  ? 6.766   -5.107  -2.904  1.00 19.15 ? 30  CYS A N   1 
ATOM   210  C CA  . CYS A 1 30  ? 5.375   -4.977  -3.465  1.00 21.49 ? 30  CYS A CA  1 
ATOM   211  C C   . CYS A 1 30  ? 5.357   -3.907  -4.614  1.00 22.65 ? 30  CYS A C   1 
ATOM   212  O O   . CYS A 1 30  ? 4.587   -4.060  -5.581  1.00 21.42 ? 30  CYS A O   1 
ATOM   213  C CB  . CYS A 1 30  ? 4.455   -4.416  -2.315  1.00 22.02 ? 30  CYS A CB  1 
ATOM   214  S SG  . CYS A 1 30  ? 4.378   -5.627  -0.907  1.00 21.98 ? 30  CYS A SG  1 
ATOM   215  N N   . LEU A 1 31  ? 6.153   -2.888  -4.498  1.00 22.92 ? 31  LEU A N   1 
ATOM   216  C CA  . LEU A 1 31  ? 6.219   -1.931  -5.611  1.00 23.98 ? 31  LEU A CA  1 
ATOM   217  C C   . LEU A 1 31  ? 6.575   -2.646  -6.946  1.00 25.15 ? 31  LEU A C   1 
ATOM   218  O O   . LEU A 1 31  ? 5.941   -2.414  -8.032  1.00 24.47 ? 31  LEU A O   1 
ATOM   219  C CB  . LEU A 1 31  ? 7.297   -0.910  -5.306  1.00 23.31 ? 31  LEU A CB  1 
ATOM   220  C CG  . LEU A 1 31  ? 7.382   0.237   -6.393  1.00 27.39 ? 31  LEU A CG  1 
ATOM   221  C CD1 . LEU A 1 31  ? 6.046   1.050   -6.447  1.00 28.08 ? 31  LEU A CD1 1 
ATOM   222  C CD2 . LEU A 1 31  ? 8.564   1.086   -6.016  1.00 28.44 ? 31  LEU A CD2 1 
ATOM   223  N N   . SER A 1 32  ? 7.555   -3.578  -6.906  1.00 21.83 ? 32  SER A N   1 
ATOM   224  C CA  . SER A 1 32  ? 7.946   -4.292  -8.065  1.00 26.73 ? 32  SER A CA  1 
ATOM   225  C C   . SER A 1 32  ? 6.786   -5.108  -8.627  1.00 25.17 ? 32  SER A C   1 
ATOM   226  O O   . SER A 1 32  ? 6.747   -5.365  -9.806  1.00 27.77 ? 32  SER A O   1 
ATOM   227  C CB  . SER A 1 32  ? 9.165   -5.226  -7.783  1.00 27.80 ? 32  SER A CB  1 
ATOM   228  O OG  . SER A 1 32  ? 10.273  -4.459  -7.264  1.00 37.47 ? 32  SER A OG  1 
ATOM   229  N N   . LEU A 1 33  ? 5.933   -5.631  -7.761  1.00 25.86 ? 33  LEU A N   1 
ATOM   230  C CA  . LEU A 1 33  ? 4.728   -6.402  -8.190  1.00 26.63 ? 33  LEU A CA  1 
ATOM   231  C C   . LEU A 1 33  ? 3.793   -5.481  -8.874  1.00 27.64 ? 33  LEU A C   1 
ATOM   232  O O   . LEU A 1 33  ? 3.213   -5.773  -9.975  1.00 27.19 ? 33  LEU A O   1 
ATOM   233  C CB  . LEU A 1 33  ? 4.019   -6.961  -6.930  1.00 28.85 ? 33  LEU A CB  1 
ATOM   234  C CG  . LEU A 1 33  ? 4.592   -8.220  -6.303  1.00 27.95 ? 33  LEU A CG  1 
ATOM   235  C CD1 . LEU A 1 33  ? 3.568   -8.719  -5.244  1.00 23.46 ? 33  LEU A CD1 1 
ATOM   236  C CD2 . LEU A 1 33  ? 4.748   -9.334  -7.388  1.00 28.29 ? 33  LEU A CD2 1 
ATOM   237  N N   . VAL A 1 34  ? 3.615   -4.314  -8.255  1.00 27.41 ? 34  VAL A N   1 
ATOM   238  C CA  . VAL A 1 34  ? 2.695   -3.369  -8.839  1.00 27.74 ? 34  VAL A CA  1 
ATOM   239  C C   . VAL A 1 34  ? 3.129   -2.946  -10.263 1.00 29.74 ? 34  VAL A C   1 
ATOM   240  O O   . VAL A 1 34  ? 2.284   -2.596  -11.175 1.00 31.71 ? 34  VAL A O   1 
ATOM   241  C CB  . VAL A 1 34  ? 2.586   -2.112  -7.807  1.00 26.57 ? 34  VAL A CB  1 
ATOM   242  C CG1 . VAL A 1 34  ? 1.867   -0.926  -8.417  1.00 31.95 ? 34  VAL A CG1 1 
ATOM   243  C CG2 . VAL A 1 34  ? 1.786   -2.628  -6.471  1.00 23.49 ? 34  VAL A CG2 1 
ATOM   244  N N   . SER A 1 35  ? 4.433   -2.888  -10.494 1.00 29.49 ? 35  SER A N   1 
ATOM   245  C CA  . SER A 1 35  ? 5.006   -2.425  -11.727 1.00 30.67 ? 35  SER A CA  1 
ATOM   246  C C   . SER A 1 35  ? 5.156   -3.468  -12.740 1.00 30.00 ? 35  SER A C   1 
ATOM   247  O O   . SER A 1 35  ? 5.655   -3.190  -13.847 1.00 32.17 ? 35  SER A O   1 
ATOM   248  C CB  . SER A 1 35  ? 6.462   -1.858  -11.456 1.00 27.70 ? 35  SER A CB  1 
ATOM   249  O OG  . SER A 1 35  ? 6.295   -0.787  -10.557 1.00 37.19 ? 35  SER A OG  1 
ATOM   250  N N   . ASN A 1 36  ? 4.780   -4.682  -12.417 1.00 29.29 ? 36  ASN A N   1 
ATOM   251  C CA  . ASN A 1 36  ? 5.186   -5.847  -13.261 1.00 28.32 ? 36  ASN A CA  1 
ATOM   252  C C   . ASN A 1 36  ? 3.981   -6.046  -14.252 1.00 33.32 ? 36  ASN A C   1 
ATOM   253  O O   . ASN A 1 36  ? 2.983   -6.562  -13.857 1.00 28.29 ? 36  ASN A O   1 
ATOM   254  C CB  . ASN A 1 36  ? 5.481   -7.150  -12.483 1.00 28.99 ? 36  ASN A CB  1 
ATOM   255  C CG  . ASN A 1 36  ? 5.922   -8.292  -13.413 1.00 30.28 ? 36  ASN A CG  1 
ATOM   256  O OD1 . ASN A 1 36  ? 5.394   -8.457  -14.530 1.00 27.61 ? 36  ASN A OD1 1 
ATOM   257  N ND2 . ASN A 1 36  ? 6.910   -9.082  -12.953 1.00 25.69 ? 36  ASN A ND2 1 
ATOM   258  N N   . SER A 1 37  ? 4.039   -5.596  -15.523 1.00 32.05 ? 37  SER A N   1 
ATOM   259  C CA  . SER A 1 37  ? 2.942   -5.674  -16.546 1.00 34.11 ? 37  SER A CA  1 
ATOM   260  C C   . SER A 1 37  ? 2.472   -7.099  -16.886 1.00 33.89 ? 37  SER A C   1 
ATOM   261  O O   . SER A 1 37  ? 1.392   -7.244  -17.572 1.00 36.38 ? 37  SER A O   1 
ATOM   262  C CB  . SER A 1 37  ? 3.435   -4.994  -17.800 1.00 33.27 ? 37  SER A CB  1 
ATOM   263  O OG  . SER A 1 37  ? 4.518   -5.691  -18.356 1.00 31.82 ? 37  SER A OG  1 
ATOM   264  N N   . GLN A 1 38  ? 3.250   -8.118  -16.450 1.00 32.40 ? 38  GLN A N   1 
ATOM   265  C CA  . GLN A 1 38  ? 2.848   -9.493  -16.730 1.00 30.37 ? 38  GLN A CA  1 
ATOM   266  C C   . GLN A 1 38  ? 1.936   -10.064 -15.665 1.00 30.13 ? 38  GLN A C   1 
ATOM   267  O O   . GLN A 1 38  ? 1.574   -11.240 -15.709 1.00 28.71 ? 38  GLN A O   1 
ATOM   268  C CB  . GLN A 1 38  ? 4.081   -10.428 -16.970 1.00 32.71 ? 38  GLN A CB  1 
ATOM   269  C CG  . GLN A 1 38  ? 4.736   -10.186 -18.248 1.00 30.90 ? 38  GLN A CG  1 
ATOM   270  C CD  . GLN A 1 38  ? 3.729   -10.336 -19.448 1.00 35.13 ? 38  GLN A CD  1 
ATOM   271  O OE1 . GLN A 1 38  ? 3.339   -9.363  -20.039 1.00 36.99 ? 38  GLN A OE1 1 
ATOM   272  N NE2 . GLN A 1 38  ? 3.328   -11.494 -19.704 1.00 30.00 ? 38  GLN A NE2 1 
ATOM   273  N N   . ILE A 1 39  ? 1.684   -9.266  -14.631 1.00 30.41 ? 39  ILE A N   1 
ATOM   274  C CA  . ILE A 1 39  ? 0.742   -9.636  -13.592 1.00 29.50 ? 39  ILE A CA  1 
ATOM   275  C C   . ILE A 1 39  ? -0.536  -8.904  -13.830 1.00 31.85 ? 39  ILE A C   1 
ATOM   276  O O   . ILE A 1 39  ? -0.553  -7.697  -13.852 1.00 28.05 ? 39  ILE A O   1 
ATOM   277  C CB  . ILE A 1 39  ? 1.261   -9.282  -12.205 1.00 32.02 ? 39  ILE A CB  1 
ATOM   278  C CG1 . ILE A 1 39  ? 2.562   -10.023 -12.019 1.00 28.47 ? 39  ILE A CG1 1 
ATOM   279  C CG2 . ILE A 1 39  ? 0.203   -9.649  -11.019 1.00 25.56 ? 39  ILE A CG2 1 
ATOM   280  C CD1 . ILE A 1 39  ? 3.370   -9.510  -10.716 1.00 33.16 ? 39  ILE A CD1 1 
ATOM   281  N N   . ASN A 1 40  ? -1.625  -9.653  -14.052 1.00 33.21 ? 40  ASN A N   1 
ATOM   282  C CA  . ASN A 1 40  ? -2.918  -8.969  -14.280 1.00 33.57 ? 40  ASN A CA  1 
ATOM   283  C C   . ASN A 1 40  ? -3.456  -8.438  -12.894 1.00 35.38 ? 40  ASN A C   1 
ATOM   284  O O   . ASN A 1 40  ? -3.023  -8.943  -11.802 1.00 33.73 ? 40  ASN A O   1 
ATOM   285  C CB  . ASN A 1 40  ? -3.917  -9.934  -14.871 1.00 37.46 ? 40  ASN A CB  1 
ATOM   286  C CG  . ASN A 1 40  ? -4.210  -11.053 -14.014 1.00 37.88 ? 40  ASN A CG  1 
ATOM   287  O OD1 . ASN A 1 40  ? -4.814  -10.922 -12.969 1.00 44.03 ? 40  ASN A OD1 1 
ATOM   288  N ND2 . ASN A 1 40  ? -3.893  -12.243 -14.512 1.00 48.52 ? 40  ASN A ND2 1 
ATOM   289  N N   . LYS A 1 41  ? -4.384  -7.450  -12.905 1.00 33.18 ? 41  LYS A N   1 
ATOM   290  C CA  . LYS A 1 41  ? -4.832  -6.871  -11.648 1.00 33.28 ? 41  LYS A CA  1 
ATOM   291  C C   . LYS A 1 41  ? -5.490  -7.814  -10.664 1.00 31.62 ? 41  LYS A C   1 
ATOM   292  O O   . LYS A 1 41  ? -5.451  -7.665  -9.426  1.00 30.15 ? 41  LYS A O   1 
ATOM   293  C CB  . LYS A 1 41  ? -5.737  -5.728  -12.020 1.00 36.00 ? 41  LYS A CB  1 
ATOM   294  C CG  . LYS A 1 41  ? -5.017  -4.778  -12.777 1.00 37.24 ? 41  LYS A CG  1 
ATOM   295  C CD  . LYS A 1 41  ? -4.069  -3.871  -11.937 1.00 43.27 ? 41  LYS A CD  1 
ATOM   296  C CE  . LYS A 1 41  ? -2.646  -3.692  -12.597 1.00 45.34 ? 41  LYS A CE  1 
ATOM   297  N NZ  . LYS A 1 41  ? -2.684  -3.602  -14.075 1.00 52.31 ? 41  LYS A NZ  1 
ATOM   298  N N   . GLN A 1 42  ? -6.145  -8.847  -11.193 1.00 33.04 ? 42  GLN A N   1 
ATOM   299  C CA  . GLN A 1 42  ? -6.724  -9.827  -10.269 1.00 35.04 ? 42  GLN A CA  1 
ATOM   300  C C   . GLN A 1 42  ? -5.671  -10.570 -9.436  1.00 33.78 ? 42  GLN A C   1 
ATOM   301  O O   . GLN A 1 42  ? -5.850  -10.735 -8.240  1.00 30.32 ? 42  GLN A O   1 
ATOM   302  C CB  . GLN A 1 42  ? -7.486  -10.908 -11.073 1.00 39.71 ? 42  GLN A CB  1 
ATOM   303  C CG  . GLN A 1 42  ? -8.450  -11.698 -10.308 1.00 49.21 ? 42  GLN A CG  1 
ATOM   304  C CD  . GLN A 1 42  ? -9.889  -11.803 -11.059 1.00 64.50 ? 42  GLN A CD  1 
ATOM   305  O OE1 . GLN A 1 42  ? -9.971  -12.076 -12.332 1.00 61.47 ? 42  GLN A OE1 1 
ATOM   306  N NE2 . GLN A 1 42  ? -10.998 -11.603 -10.259 1.00 62.02 ? 42  GLN A NE2 1 
ATOM   307  N N   . LYS A 1 43  ? -4.640  -11.110 -10.126 1.00 30.11 ? 43  LYS A N   1 
ATOM   308  C CA  . LYS A 1 43  ? -3.535  -11.750 -9.440  1.00 31.12 ? 43  LYS A CA  1 
ATOM   309  C C   . LYS A 1 43  ? -2.858  -10.779 -8.491  1.00 26.11 ? 43  LYS A C   1 
ATOM   310  O O   . LYS A 1 43  ? -2.461  -11.191 -7.419  1.00 28.73 ? 43  LYS A O   1 
ATOM   311  C CB  . LYS A 1 43  ? -2.461  -12.289 -10.438 1.00 29.81 ? 43  LYS A CB  1 
ATOM   312  C CG  . LYS A 1 43  ? -2.970  -13.415 -11.235 1.00 38.90 ? 43  LYS A CG  1 
ATOM   313  C CD  . LYS A 1 43  ? -3.497  -14.562 -10.428 1.00 46.66 ? 43  LYS A CD  1 
ATOM   314  C CE  . LYS A 1 43  ? -2.515  -15.197 -9.596  1.00 46.67 ? 43  LYS A CE  1 
ATOM   315  N NZ  . LYS A 1 43  ? -3.060  -16.485 -8.930  1.00 51.45 ? 43  LYS A NZ  1 
ATOM   316  N N   . LEU A 1 44  ? -2.604  -9.566  -8.959  1.00 23.95 ? 44  LEU A N   1 
ATOM   317  C CA  . LEU A 1 44  ? -1.986  -8.559  -8.102  1.00 24.19 ? 44  LEU A CA  1 
ATOM   318  C C   . LEU A 1 44  ? -2.748  -8.407  -6.778  1.00 25.16 ? 44  LEU A C   1 
ATOM   319  O O   . LEU A 1 44  ? -2.206  -8.423  -5.694  1.00 23.43 ? 44  LEU A O   1 
ATOM   320  C CB  . LEU A 1 44  ? -1.882  -7.208  -8.829  1.00 21.76 ? 44  LEU A CB  1 
ATOM   321  C CG  . LEU A 1 44  ? -1.225  -6.047  -8.006  1.00 22.86 ? 44  LEU A CG  1 
ATOM   322  C CD1 . LEU A 1 44  ? 0.302   -6.417  -7.651  1.00 22.13 ? 44  LEU A CD1 1 
ATOM   323  C CD2 . LEU A 1 44  ? -1.194  -4.772  -8.751  1.00 25.07 ? 44  LEU A CD2 1 
ATOM   324  N N   . PHE A 1 45  ? -4.095  -8.328  -6.914  1.00 25.04 ? 45  PHE A N   1 
ATOM   325  C CA  . PHE A 1 45  ? -4.959  -8.108  -5.746  1.00 24.78 ? 45  PHE A CA  1 
ATOM   326  C C   . PHE A 1 45  ? -4.787  -9.266  -4.842  1.00 25.60 ? 45  PHE A C   1 
ATOM   327  O O   . PHE A 1 45  ? -4.732  -9.125  -3.589  1.00 26.81 ? 45  PHE A O   1 
ATOM   328  C CB  . PHE A 1 45  ? -6.434  -8.008  -6.213  1.00 26.28 ? 45  PHE A CB  1 
ATOM   329  C CG  . PHE A 1 45  ? -7.453  -8.006  -5.072  1.00 26.26 ? 45  PHE A CG  1 
ATOM   330  C CD1 . PHE A 1 45  ? -7.753  -6.791  -4.458  1.00 29.12 ? 45  PHE A CD1 1 
ATOM   331  C CD2 . PHE A 1 45  ? -8.012  -9.139  -4.620  1.00 31.55 ? 45  PHE A CD2 1 
ATOM   332  C CE1 . PHE A 1 45  ? -8.741  -6.739  -3.405  1.00 28.14 ? 45  PHE A CE1 1 
ATOM   333  C CE2 . PHE A 1 45  ? -8.962  -9.084  -3.492  1.00 35.31 ? 45  PHE A CE2 1 
ATOM   334  C CZ  . PHE A 1 45  ? -9.339  -7.877  -2.996  1.00 32.14 ? 45  PHE A CZ  1 
ATOM   335  N N   . GLN A 1 46  ? -4.699  -10.441 -5.420  1.00 25.07 ? 46  GLN A N   1 
ATOM   336  C CA  . GLN A 1 46  ? -4.519  -11.696 -4.656  1.00 26.45 ? 46  GLN A CA  1 
ATOM   337  C C   . GLN A 1 46  ? -3.179  -11.676 -3.955  1.00 26.43 ? 46  GLN A C   1 
ATOM   338  O O   . GLN A 1 46  ? -3.080  -12.003 -2.747  1.00 24.37 ? 46  GLN A O   1 
ATOM   339  C CB  . GLN A 1 46  ? -4.564  -12.823 -5.694  1.00 27.49 ? 46  GLN A CB  1 
ATOM   340  C CG  . GLN A 1 46  ? -4.404  -14.153 -5.136  1.00 43.20 ? 46  GLN A CG  1 
ATOM   341  C CD  . GLN A 1 46  ? -4.374  -15.325 -6.259  1.00 48.43 ? 46  GLN A CD  1 
ATOM   342  O OE1 . GLN A 1 46  ? -5.131  -15.284 -7.278  1.00 51.30 ? 46  GLN A OE1 1 
ATOM   343  N NE2 . GLN A 1 46  ? -3.482  -16.301 -6.053  1.00 50.23 ? 46  GLN A NE2 1 
ATOM   344  N N   . TYR A 1 47  ? -2.138  -11.264 -4.689  1.00 26.46 ? 47  TYR A N   1 
ATOM   345  C CA  . TYR A 1 47  ? -0.840  -11.255 -4.088  1.00 25.97 ? 47  TYR A CA  1 
ATOM   346  C C   . TYR A 1 47  ? -0.792  -10.197 -2.967  1.00 25.79 ? 47  TYR A C   1 
ATOM   347  O O   . TYR A 1 47  ? -0.175  -10.496 -1.921  1.00 25.08 ? 47  TYR A O   1 
ATOM   348  C CB  . TYR A 1 47  ? 0.250   -10.815 -5.114  1.00 24.74 ? 47  TYR A CB  1 
ATOM   349  C CG  . TYR A 1 47  ? 0.465   -11.888 -6.224  1.00 26.93 ? 47  TYR A CG  1 
ATOM   350  C CD1 . TYR A 1 47  ? 0.297   -13.211 -5.973  1.00 31.31 ? 47  TYR A CD1 1 
ATOM   351  C CD2 . TYR A 1 47  ? 0.878   -11.528 -7.468  1.00 26.64 ? 47  TYR A CD2 1 
ATOM   352  C CE1 . TYR A 1 47  ? 0.469   -14.218 -7.075  1.00 29.13 ? 47  TYR A CE1 1 
ATOM   353  C CE2 . TYR A 1 47  ? 1.093   -12.450 -8.462  1.00 29.68 ? 47  TYR A CE2 1 
ATOM   354  C CZ  . TYR A 1 47  ? 0.865   -13.798 -8.258  1.00 31.97 ? 47  TYR A CZ  1 
ATOM   355  O OH  . TYR A 1 47  ? 1.077   -14.688 -9.342  1.00 34.06 ? 47  TYR A OH  1 
ATOM   356  N N   . LEU A 1 48  ? -1.293  -8.977  -3.177  1.00 21.87 ? 48  LEU A N   1 
ATOM   357  C CA  . LEU A 1 48  ? -1.182  -7.943  -2.098  1.00 22.68 ? 48  LEU A CA  1 
ATOM   358  C C   . LEU A 1 48  ? -2.049  -8.368  -0.878  1.00 23.27 ? 48  LEU A C   1 
ATOM   359  O O   . LEU A 1 48  ? -1.717  -8.082  0.269   1.00 21.83 ? 48  LEU A O   1 
ATOM   360  C CB  . LEU A 1 48  ? -1.750  -6.648  -2.609  1.00 23.17 ? 48  LEU A CB  1 
ATOM   361  C CG  . LEU A 1 48  ? -0.822  -6.120  -3.677  1.00 24.45 ? 48  LEU A CG  1 
ATOM   362  C CD1 . LEU A 1 48  ? -1.483  -4.854  -4.268  1.00 18.38 ? 48  LEU A CD1 1 
ATOM   363  C CD2 . LEU A 1 48  ? 0.633   -5.745  -3.031  1.00 23.80 ? 48  LEU A CD2 1 
ATOM   364  N N   . SER A 1 49  ? -3.161  -9.048  -1.169  1.00 22.61 ? 49  SER A N   1 
ATOM   365  C CA  . SER A 1 49  ? -4.045  -9.472  -0.087  1.00 23.55 ? 49  SER A CA  1 
ATOM   366  C C   . SER A 1 49  ? -3.318  -10.504 0.792   1.00 22.08 ? 49  SER A C   1 
ATOM   367  O O   . SER A 1 49  ? -3.458  -10.492 2.014   1.00 22.41 ? 49  SER A O   1 
ATOM   368  C CB  . SER A 1 49  ? -5.295  -10.163 -0.744  1.00 23.31 ? 49  SER A CB  1 
ATOM   369  O OG  . SER A 1 49  ? -6.175  -9.207  -1.359  1.00 28.56 ? 49  SER A OG  1 
ATOM   370  N N   . LYS A 1 50  ? -2.661  -11.439 0.125   1.00 21.93 ? 50  LYS A N   1 
ATOM   371  C CA  . LYS A 1 50  ? -1.916  -12.436 0.946   1.00 23.76 ? 50  LYS A CA  1 
ATOM   372  C C   . LYS A 1 50  ? -0.747  -11.751 1.762   1.00 21.84 ? 50  LYS A C   1 
ATOM   373  O O   . LYS A 1 50  ? -0.526  -11.973 2.937   1.00 23.47 ? 50  LYS A O   1 
ATOM   374  C CB  . LYS A 1 50  ? -1.351  -13.515 -0.010  1.00 26.07 ? 50  LYS A CB  1 
ATOM   375  C CG  . LYS A 1 50  ? -0.679  -14.689 0.849   1.00 32.47 ? 50  LYS A CG  1 
ATOM   376  C CD  . LYS A 1 50  ? -0.259  -15.822 0.000   1.00 44.41 ? 50  LYS A CD  1 
ATOM   377  C CE  . LYS A 1 50  ? 0.115   -16.998 0.922   1.00 50.73 ? 50  LYS A CE  1 
ATOM   378  N NZ  . LYS A 1 50  ? 0.687   -18.083 -0.006  1.00 52.66 ? 50  LYS A NZ  1 
ATOM   379  N N   . ALA A 1 51  ? -0.051  -10.799 1.104   1.00 23.07 ? 51  ALA A N   1 
ATOM   380  C CA  . ALA A 1 51  ? 1.042   -10.106 1.779   1.00 20.48 ? 51  ALA A CA  1 
ATOM   381  C C   . ALA A 1 51  ? 0.492   -9.332  2.936   1.00 22.44 ? 51  ALA A C   1 
ATOM   382  O O   . ALA A 1 51  ? 1.006   -9.350  4.072   1.00 25.10 ? 51  ALA A O   1 
ATOM   383  C CB  . ALA A 1 51  ? 1.733   -9.171  0.715   1.00 17.95 ? 51  ALA A CB  1 
ATOM   384  N N   . CYS A 1 52  ? -0.613  -8.612  2.754   1.00 22.99 ? 52  CYS A N   1 
ATOM   385  C CA  . CYS A 1 52  ? -1.134  -7.843  3.917   1.00 21.18 ? 52  CYS A CA  1 
ATOM   386  C C   . CYS A 1 52  ? -1.572  -8.821  5.053   1.00 24.88 ? 52  CYS A C   1 
ATOM   387  O O   . CYS A 1 52  ? -1.437  -8.504  6.215   1.00 23.41 ? 52  CYS A O   1 
ATOM   388  C CB  . CYS A 1 52  ? -2.310  -6.976  3.483   1.00 23.52 ? 52  CYS A CB  1 
ATOM   389  S SG  . CYS A 1 52  ? -3.043  -5.920  4.733   1.00 22.55 ? 52  CYS A SG  1 
ATOM   390  N N   . GLU A 1 53  ? -2.127  -9.950  4.645   1.00 24.23 ? 53  GLU A N   1 
ATOM   391  C CA  . GLU A 1 53  ? -2.486  -10.928 5.709   1.00 25.77 ? 53  GLU A CA  1 
ATOM   392  C C   . GLU A 1 53  ? -1.236  -11.415 6.491   1.00 26.26 ? 53  GLU A C   1 
ATOM   393  O O   . GLU A 1 53  ? -1.343  -11.736 7.733   1.00 27.60 ? 53  GLU A O   1 
ATOM   394  C CB  . GLU A 1 53  ? -3.187  -12.130 5.084   1.00 28.59 ? 53  GLU A CB  1 
ATOM   395  C CG  . GLU A 1 53  ? -4.537  -11.814 4.445   1.00 39.60 ? 53  GLU A CG  1 
ATOM   396  C CD  . GLU A 1 53  ? -5.219  -13.009 3.675   1.00 59.61 ? 53  GLU A CD  1 
ATOM   397  O OE1 . GLU A 1 53  ? -4.545  -13.820 2.916   1.00 62.15 ? 53  GLU A OE1 1 
ATOM   398  O OE2 . GLU A 1 53  ? -6.483  -13.140 3.782   1.00 66.24 ? 53  GLU A OE2 1 
ATOM   399  N N   . LEU A 1 54  ? -0.069  -11.416 5.831   1.00 23.58 ? 54  LEU A N   1 
ATOM   400  C CA  . LEU A 1 54  ? 1.209   -11.794 6.428   1.00 24.59 ? 54  LEU A CA  1 
ATOM   401  C C   . LEU A 1 54  ? 1.845   -10.609 7.076   1.00 24.86 ? 54  LEU A C   1 
ATOM   402  O O   . LEU A 1 54  ? 3.073   -10.583 7.353   1.00 25.26 ? 54  LEU A O   1 
ATOM   403  C CB  . LEU A 1 54  ? 2.109   -12.358 5.365   1.00 24.89 ? 54  LEU A CB  1 
ATOM   404  C CG  . LEU A 1 54  ? 1.569   -13.706 4.764   1.00 30.98 ? 54  LEU A CG  1 
ATOM   405  C CD1 . LEU A 1 54  ? 2.574   -14.229 3.623   1.00 30.96 ? 54  LEU A CD1 1 
ATOM   406  C CD2 . LEU A 1 54  ? 1.593   -14.855 5.961   1.00 28.74 ? 54  LEU A CD2 1 
ATOM   407  N N   . ASN A 1 55  ? 1.027   -9.589  7.256   1.00 23.06 ? 55  ASN A N   1 
ATOM   408  C CA  . ASN A 1 55  ? 1.497   -8.422  7.970   1.00 24.59 ? 55  ASN A CA  1 
ATOM   409  C C   . ASN A 1 55  ? 2.629   -7.700  7.310   1.00 23.49 ? 55  ASN A C   1 
ATOM   410  O O   . ASN A 1 55  ? 3.504   -7.129  7.943   1.00 20.14 ? 55  ASN A O   1 
ATOM   411  C CB  . ASN A 1 55  ? 1.967   -8.885  9.391   1.00 25.55 ? 55  ASN A CB  1 
ATOM   412  C CG  . ASN A 1 55  ? 0.834   -9.235  10.226  1.00 32.65 ? 55  ASN A CG  1 
ATOM   413  O OD1 . ASN A 1 55  ? -0.114  -8.503  10.283  1.00 26.89 ? 55  ASN A OD1 1 
ATOM   414  N ND2 . ASN A 1 55  ? 0.920   -10.455 10.924  1.00 23.53 ? 55  ASN A ND2 1 
ATOM   415  N N   . SER A 1 56  ? 2.528   -7.653  5.991   1.00 20.64 ? 56  SER A N   1 
ATOM   416  C CA  . SER A 1 56  ? 3.481   -6.869  5.191   1.00 22.45 ? 56  SER A CA  1 
ATOM   417  C C   . SER A 1 56  ? 2.908   -5.436  5.142   1.00 21.91 ? 56  SER A C   1 
ATOM   418  O O   . SER A 1 56  ? 1.821   -5.223  4.591   1.00 21.15 ? 56  SER A O   1 
ATOM   419  C CB  . SER A 1 56  ? 3.533   -7.402  3.709   1.00 16.95 ? 56  SER A CB  1 
ATOM   420  O OG  . SER A 1 56  ? 4.341   -6.415  2.944   1.00 19.82 ? 56  SER A OG  1 
ATOM   421  N N   . GLY A 1 57  ? 3.653   -4.489  5.700   1.00 20.82 ? 57  GLY A N   1 
ATOM   422  C CA  . GLY A 1 57  ? 3.147   -3.149  5.780   1.00 25.14 ? 57  GLY A CA  1 
ATOM   423  C C   . GLY A 1 57  ? 2.945   -2.570  4.346   1.00 22.23 ? 57  GLY A C   1 
ATOM   424  O O   . GLY A 1 57  ? 1.880   -1.965  4.037   1.00 24.02 ? 57  GLY A O   1 
ATOM   425  N N   . ASN A 1 58  ? 3.943   -2.744  3.492   1.00 20.86 ? 58  ASN A N   1 
ATOM   426  C CA  . ASN A 1 58  ? 3.854   -2.351  2.088   1.00 22.47 ? 58  ASN A CA  1 
ATOM   427  C C   . ASN A 1 58  ? 2.637   -3.036  1.406   1.00 20.86 ? 58  ASN A C   1 
ATOM   428  O O   . ASN A 1 58  ? 1.905   -2.440  0.655   1.00 21.70 ? 58  ASN A O   1 
ATOM   429  C CB  . ASN A 1 58  ? 5.115   -2.806  1.287   1.00 19.56 ? 58  ASN A CB  1 
ATOM   430  C CG  . ASN A 1 58  ? 6.215   -1.902  1.437   1.00 27.24 ? 58  ASN A CG  1 
ATOM   431  O OD1 . ASN A 1 58  ? 6.058   -0.788  1.922   1.00 33.07 ? 58  ASN A OD1 1 
ATOM   432  N ND2 . ASN A 1 58  ? 7.416   -2.348  0.956   1.00 32.59 ? 58  ASN A ND2 1 
ATOM   433  N N   . GLY A 1 59  ? 2.449   -4.297  1.701   1.00 20.86 ? 59  GLY A N   1 
ATOM   434  C CA  . GLY A 1 59  ? 1.374   -5.038  1.054   1.00 20.40 ? 59  GLY A CA  1 
ATOM   435  C C   . GLY A 1 59  ? -0.010  -4.429  1.346   1.00 22.96 ? 59  GLY A C   1 
ATOM   436  O O   . GLY A 1 59  ? -0.815  -4.206  0.411   1.00 20.29 ? 59  GLY A O   1 
ATOM   437  N N   . CYS A 1 60  ? -0.248  -4.149  2.631   1.00 19.21 ? 60  CYS A N   1 
ATOM   438  C CA  . CYS A 1 60  ? -1.492  -3.427  2.985   1.00 20.11 ? 60  CYS A CA  1 
ATOM   439  C C   . CYS A 1 60  ? -1.627  -2.062  2.367   1.00 20.65 ? 60  CYS A C   1 
ATOM   440  O O   . CYS A 1 60  ? -2.730  -1.728  1.961   1.00 19.36 ? 60  CYS A O   1 
ATOM   441  C CB  . CYS A 1 60  ? -1.570  -3.308  4.517   1.00 21.14 ? 60  CYS A CB  1 
ATOM   442  S SG  . CYS A 1 60  ? -1.442  -4.897  5.470   1.00 23.03 ? 60  CYS A SG  1 
ATOM   443  N N   . ARG A 1 61  ? -0.490  -1.347  2.333   1.00 20.05 ? 61  ARG A N   1 
ATOM   444  C CA  . ARG A 1 61  ? -0.532  -0.023  1.779   1.00 23.51 ? 61  ARG A CA  1 
ATOM   445  C C   . ARG A 1 61  ? -0.924  -0.021  0.320   1.00 23.33 ? 61  ARG A C   1 
ATOM   446  O O   . ARG A 1 61  ? -1.769  0.806   -0.085  1.00 23.95 ? 61  ARG A O   1 
ATOM   447  C CB  . ARG A 1 61  ? 0.790   0.644   1.982   1.00 23.50 ? 61  ARG A CB  1 
ATOM   448  C CG  . ARG A 1 61  ? 0.941   2.058   1.132   1.00 24.95 ? 61  ARG A CG  1 
ATOM   449  C CD  . ARG A 1 61  ? 1.790   1.772   -0.067  1.00 25.77 ? 61  ARG A CD  1 
ATOM   450  N NE  . ARG A 1 61  ? 2.058   2.992   -0.852  1.00 25.90 ? 61  ARG A NE  1 
ATOM   451  C CZ  . ARG A 1 61  ? 1.180   3.460   -1.651  1.00 30.69 ? 61  ARG A CZ  1 
ATOM   452  N NH1 . ARG A 1 61  ? -0.005  2.836   -1.763  1.00 34.53 ? 61  ARG A NH1 1 
ATOM   453  N NH2 . ARG A 1 61  ? 1.500   4.532   -2.413  1.00 39.99 ? 61  ARG A NH2 1 
ATOM   454  N N   . PHE A 1 62  ? -0.407  -0.927  -0.455  1.00 22.17 ? 62  PHE A N   1 
ATOM   455  C CA  . PHE A 1 62  ? -0.823  -1.021  -1.903  1.00 22.40 ? 62  PHE A CA  1 
ATOM   456  C C   . PHE A 1 62  ? -2.200  -1.625  -2.095  1.00 24.39 ? 62  PHE A C   1 
ATOM   457  O O   . PHE A 1 62  ? -2.912  -1.293  -3.033  1.00 22.97 ? 62  PHE A O   1 
ATOM   458  C CB  . PHE A 1 62  ? 0.271   -1.753  -2.784  1.00 20.38 ? 62  PHE A CB  1 
ATOM   459  C CG  . PHE A 1 62  ? 1.525   -0.918  -2.884  1.00 21.95 ? 62  PHE A CG  1 
ATOM   460  C CD1 . PHE A 1 62  ? 2.673   -1.210  -2.164  1.00 23.53 ? 62  PHE A CD1 1 
ATOM   461  C CD2 . PHE A 1 62  ? 1.544   0.176   -3.692  1.00 22.73 ? 62  PHE A CD2 1 
ATOM   462  C CE1 . PHE A 1 62  ? 3.847   -0.434  -2.268  1.00 22.84 ? 62  PHE A CE1 1 
ATOM   463  C CE2 . PHE A 1 62  ? 2.721   0.890   -3.836  1.00 26.53 ? 62  PHE A CE2 1 
ATOM   464  C CZ  . PHE A 1 62  ? 3.847   0.621   -3.128  1.00 23.06 ? 62  PHE A CZ  1 
ATOM   465  N N   . LEU A 1 63  ? -2.589  -2.561  -1.229  1.00 22.39 ? 63  LEU A N   1 
ATOM   466  C CA  . LEU A 1 63  ? -3.925  -3.097  -1.337  1.00 23.28 ? 63  LEU A CA  1 
ATOM   467  C C   . LEU A 1 63  ? -4.926  -2.004  -1.088  1.00 23.77 ? 63  LEU A C   1 
ATOM   468  O O   . LEU A 1 63  ? -5.975  -1.914  -1.725  1.00 26.20 ? 63  LEU A O   1 
ATOM   469  C CB  . LEU A 1 63  ? -4.126  -4.218  -0.310  1.00 24.99 ? 63  LEU A CB  1 
ATOM   470  C CG  . LEU A 1 63  ? -5.479  -4.992  -0.348  1.00 25.81 ? 63  LEU A CG  1 
ATOM   471  C CD1 . LEU A 1 63  ? -5.604  -5.672  -1.652  1.00 27.75 ? 63  LEU A CD1 1 
ATOM   472  C CD2 . LEU A 1 63  ? -5.388  -6.117  0.770   1.00 30.14 ? 63  LEU A CD2 1 
ATOM   473  N N   . GLY A 1 64  ? -4.580  -1.113  -0.214  1.00 21.79 ? 64  GLY A N   1 
ATOM   474  C CA  . GLY A 1 64  ? -5.506  -0.051  0.134   1.00 21.97 ? 64  GLY A CA  1 
ATOM   475  C C   . GLY A 1 64  ? -5.910  0.765   -1.131  1.00 26.34 ? 64  GLY A C   1 
ATOM   476  O O   . GLY A 1 64  ? -7.053  1.214   -1.286  1.00 23.25 ? 64  GLY A O   1 
ATOM   477  N N   . ASP A 1 65  ? -4.951  0.946   -2.021  1.00 24.60 ? 65  ASP A N   1 
ATOM   478  C CA  . ASP A 1 65  ? -5.186  1.690   -3.283  1.00 24.36 ? 65  ASP A CA  1 
ATOM   479  C C   . ASP A 1 65  ? -6.215  1.077   -4.142  1.00 23.83 ? 65  ASP A C   1 
ATOM   480  O O   . ASP A 1 65  ? -6.952  1.785   -4.899  1.00 23.79 ? 65  ASP A O   1 
ATOM   481  C CB  . ASP A 1 65  ? -3.850  1.687   -4.114  1.00 26.18 ? 65  ASP A CB  1 
ATOM   482  C CG  . ASP A 1 65  ? -2.821  2.670   -3.551  1.00 24.77 ? 65  ASP A CG  1 
ATOM   483  O OD1 . ASP A 1 65  ? -3.002  3.300   -2.518  1.00 30.04 ? 65  ASP A OD1 1 
ATOM   484  O OD2 . ASP A 1 65  ? -1.783  2.872   -4.156  1.00 31.59 ? 65  ASP A OD2 1 
ATOM   485  N N   . PHE A 1 66  ? -6.294  -0.252  -4.176  1.00 24.89 ? 66  PHE A N   1 
ATOM   486  C CA  . PHE A 1 66  ? -7.321  -0.861  -5.044  1.00 24.34 ? 66  PHE A CA  1 
ATOM   487  C C   . PHE A 1 66  ? -8.770  -0.344  -4.574  1.00 23.93 ? 66  PHE A C   1 
ATOM   488  O O   . PHE A 1 66  ? -9.646  -0.058  -5.379  1.00 26.97 ? 66  PHE A O   1 
ATOM   489  C CB  . PHE A 1 66  ? -7.393  -2.355  -4.875  1.00 28.17 ? 66  PHE A CB  1 
ATOM   490  C CG  . PHE A 1 66  ? -6.478  -3.110  -5.798  1.00 29.13 ? 66  PHE A CG  1 
ATOM   491  C CD1 . PHE A 1 66  ? -5.129  -3.119  -5.564  1.00 25.34 ? 66  PHE A CD1 1 
ATOM   492  C CD2 . PHE A 1 66  ? -7.015  -3.853  -6.814  1.00 22.56 ? 66  PHE A CD2 1 
ATOM   493  C CE1 . PHE A 1 66  ? -4.275  -3.805  -6.369  1.00 28.43 ? 66  PHE A CE1 1 
ATOM   494  C CE2 . PHE A 1 66  ? -6.109  -4.589  -7.714  1.00 26.22 ? 66  PHE A CE2 1 
ATOM   495  C CZ  . PHE A 1 66  ? -4.735  -4.541  -7.371  1.00 25.80 ? 66  PHE A CZ  1 
ATOM   496  N N   . TYR A 1 67  ? -8.998  -0.259  -3.291  1.00 24.17 ? 67  TYR A N   1 
ATOM   497  C CA  . TYR A 1 67  ? -10.309 0.149   -2.795  1.00 25.79 ? 67  TYR A CA  1 
ATOM   498  C C   . TYR A 1 67  ? -10.514 1.661   -2.963  1.00 25.37 ? 67  TYR A C   1 
ATOM   499  O O   . TYR A 1 67  ? -11.668 2.204   -3.083  1.00 23.06 ? 67  TYR A O   1 
ATOM   500  C CB  . TYR A 1 67  ? -10.417 -0.274  -1.320  1.00 24.10 ? 67  TYR A CB  1 
ATOM   501  C CG  . TYR A 1 67  ? -10.618 -1.765  -1.214  1.00 26.42 ? 67  TYR A CG  1 
ATOM   502  C CD1 . TYR A 1 67  ? -9.527  -2.619  -0.834  1.00 23.07 ? 67  TYR A CD1 1 
ATOM   503  C CD2 . TYR A 1 67  ? -11.839 -2.361  -1.491  1.00 26.34 ? 67  TYR A CD2 1 
ATOM   504  C CE1 . TYR A 1 67  ? -9.662  -4.037  -0.679  1.00 26.95 ? 67  TYR A CE1 1 
ATOM   505  C CE2 . TYR A 1 67  ? -11.966 -3.850  -1.278  1.00 26.89 ? 67  TYR A CE2 1 
ATOM   506  C CZ  . TYR A 1 67  ? -10.884 -4.567  -1.028  1.00 27.48 ? 67  TYR A CZ  1 
ATOM   507  O OH  . TYR A 1 67  ? -10.982 -5.940  -0.865  1.00 36.09 ? 67  TYR A OH  1 
ATOM   508  N N   . GLU A 1 68  ? -9.420  2.378   -2.781  1.00 26.86 ? 68  GLU A N   1 
ATOM   509  C CA  . GLU A 1 68  ? -9.472  3.805   -2.839  1.00 29.31 ? 68  GLU A CA  1 
ATOM   510  C C   . GLU A 1 68  ? -9.783  4.147   -4.244  1.00 30.70 ? 68  GLU A C   1 
ATOM   511  O O   . GLU A 1 68  ? -10.596 5.036   -4.499  1.00 30.22 ? 68  GLU A O   1 
ATOM   512  C CB  . GLU A 1 68  ? -8.060  4.398   -2.465  1.00 28.48 ? 68  GLU A CB  1 
ATOM   513  C CG  . GLU A 1 68  ? -8.065  5.948   -2.185  1.00 31.92 ? 68  GLU A CG  1 
ATOM   514  C CD  . GLU A 1 68  ? -8.810  6.386   -0.945  1.00 33.66 ? 68  GLU A CD  1 
ATOM   515  O OE1 . GLU A 1 68  ? -9.038  5.583   -0.003  1.00 34.78 ? 68  GLU A OE1 1 
ATOM   516  O OE2 . GLU A 1 68  ? -9.188  7.605   -0.823  1.00 34.33 ? 68  GLU A OE2 1 
ATOM   517  N N   . ASN A 1 69  ? -9.162  3.504   -5.222  1.00 30.61 ? 69  ASN A N   1 
ATOM   518  C CA  . ASN A 1 69  ? -9.390  3.758   -6.614  1.00 34.51 ? 69  ASN A CA  1 
ATOM   519  C C   . ASN A 1 69  ? -10.691 3.228   -7.196  1.00 34.95 ? 69  ASN A C   1 
ATOM   520  O O   . ASN A 1 69  ? -11.368 3.862   -8.042  1.00 37.03 ? 69  ASN A O   1 
ATOM   521  C CB  . ASN A 1 69  ? -8.226  3.261   -7.476  1.00 35.21 ? 69  ASN A CB  1 
ATOM   522  C CG  . ASN A 1 69  ? -6.830  3.905   -7.062  1.00 42.93 ? 69  ASN A CG  1 
ATOM   523  O OD1 . ASN A 1 69  ? -5.765  3.340   -7.387  1.00 50.02 ? 69  ASN A OD1 1 
ATOM   524  N ND2 . ASN A 1 69  ? -6.849  5.008   -6.328  1.00 40.99 ? 69  ASN A ND2 1 
ATOM   525  N N   . GLY A 1 70  ? -11.036 2.051   -6.825  1.00 35.41 ? 70  GLY A N   1 
ATOM   526  C CA  . GLY A 1 70  ? -12.268 1.409   -7.276  1.00 35.02 ? 70  GLY A CA  1 
ATOM   527  C C   . GLY A 1 70  ? -12.284 1.065   -8.751  1.00 38.60 ? 70  GLY A C   1 
ATOM   528  O O   . GLY A 1 70  ? -13.351 1.051   -9.444  1.00 39.82 ? 70  GLY A O   1 
ATOM   529  N N   . LYS A 1 71  ? -11.128 0.819   -9.304  1.00 37.65 ? 71  LYS A N   1 
ATOM   530  C CA  . LYS A 1 71  ? -11.082 0.374   -10.738 1.00 37.98 ? 71  LYS A CA  1 
ATOM   531  C C   . LYS A 1 71  ? -11.182 -1.152  -10.992 1.00 37.62 ? 71  LYS A C   1 
ATOM   532  O O   . LYS A 1 71  ? -11.927 -1.660  -11.899 1.00 38.05 ? 71  LYS A O   1 
ATOM   533  C CB  . LYS A 1 71  ? -9.778  0.948   -11.318 1.00 39.41 ? 71  LYS A CB  1 
ATOM   534  C CG  . LYS A 1 71  ? -9.682  0.897   -12.806 1.00 47.68 ? 71  LYS A CG  1 
ATOM   535  C CD  . LYS A 1 71  ? -8.363  1.572   -13.340 1.00 55.13 ? 71  LYS A CD  1 
ATOM   536  C CE  . LYS A 1 71  ? -8.422  1.845   -14.880 1.00 60.67 ? 71  LYS A CE  1 
ATOM   537  N NZ  . LYS A 1 71  ? -8.756  0.564   -15.658 1.00 60.67 ? 71  LYS A NZ  1 
ATOM   538  N N   . TYR A 1 72  ? -10.496 -1.905  -10.131 1.00 33.84 ? 72  TYR A N   1 
ATOM   539  C CA  . TYR A 1 72  ? -10.474 -3.310  -10.206 1.00 33.42 ? 72  TYR A CA  1 
ATOM   540  C C   . TYR A 1 72  ? -11.304 -3.995  -9.216  1.00 35.47 ? 72  TYR A C   1 
ATOM   541  O O   . TYR A 1 72  ? -11.603 -5.258  -9.349  1.00 35.88 ? 72  TYR A O   1 
ATOM   542  C CB  . TYR A 1 72  ? -8.993  -3.790  -10.210 1.00 34.24 ? 72  TYR A CB  1 
ATOM   543  C CG  . TYR A 1 72  ? -8.193  -3.100  -11.302 1.00 37.23 ? 72  TYR A CG  1 
ATOM   544  C CD1 . TYR A 1 72  ? -7.390  -2.059  -10.988 1.00 40.05 ? 72  TYR A CD1 1 
ATOM   545  C CD2 . TYR A 1 72  ? -8.332  -3.425  -12.692 1.00 42.92 ? 72  TYR A CD2 1 
ATOM   546  C CE1 . TYR A 1 72  ? -6.638  -1.366  -11.952 1.00 41.88 ? 72  TYR A CE1 1 
ATOM   547  C CE2 . TYR A 1 72  ? -7.578  -2.710  -13.693 1.00 44.64 ? 72  TYR A CE2 1 
ATOM   548  C CZ  . TYR A 1 72  ? -6.716  -1.663  -13.279 1.00 49.71 ? 72  TYR A CZ  1 
ATOM   549  O OH  . TYR A 1 72  ? -5.909  -0.875  -14.208 1.00 53.68 ? 72  TYR A OH  1 
ATOM   550  N N   . VAL A 1 73  ? -11.897 -3.192  -8.321  1.00 33.60 ? 73  VAL A N   1 
ATOM   551  C CA  . VAL A 1 73  ? -12.821 -3.730  -7.255  1.00 33.72 ? 73  VAL A CA  1 
ATOM   552  C C   . VAL A 1 73  ? -13.652 -2.556  -6.932  1.00 31.90 ? 73  VAL A C   1 
ATOM   553  O O   . VAL A 1 73  ? -13.331 -1.417  -7.322  1.00 31.97 ? 73  VAL A O   1 
ATOM   554  C CB  . VAL A 1 73  ? -12.113 -4.208  -5.972  1.00 35.05 ? 73  VAL A CB  1 
ATOM   555  C CG1 . VAL A 1 73  ? -11.206 -5.167  -6.386  1.00 38.94 ? 73  VAL A CG1 1 
ATOM   556  C CG2 . VAL A 1 73  ? -11.393 -2.911  -5.162  1.00 32.99 ? 73  VAL A CG2 1 
ATOM   557  N N   . LYS A 1 74  ? -14.770 -2.812  -6.300  1.00 31.67 ? 74  LYS A N   1 
ATOM   558  C CA  . LYS A 1 74  ? -15.761 -1.678  -6.205  1.00 30.21 ? 74  LYS A CA  1 
ATOM   559  C C   . LYS A 1 74  ? -15.124 -0.683  -5.232  1.00 26.93 ? 74  LYS A C   1 
ATOM   560  O O   . LYS A 1 74  ? -14.581 -1.070  -4.245  1.00 26.25 ? 74  LYS A O   1 
ATOM   561  C CB  . LYS A 1 74  ? -17.028 -2.229  -5.531  1.00 31.88 ? 74  LYS A CB  1 
ATOM   562  C CG  . LYS A 1 74  ? -18.126 -1.088  -5.427  1.00 36.39 ? 74  LYS A CG  1 
ATOM   563  C CD  . LYS A 1 74  ? -19.478 -1.660  -4.884  1.00 43.47 ? 74  LYS A CD  1 
ATOM   564  C CE  . LYS A 1 74  ? -20.438 -0.535  -4.427  1.00 47.20 ? 74  LYS A CE  1 
ATOM   565  N NZ  . LYS A 1 74  ? -21.270 -1.026  -3.228  1.00 55.47 ? 74  LYS A NZ  1 
ATOM   566  N N   . LYS A 1 75  ? -15.150 0.589   -5.498  1.00 28.55 ? 75  LYS A N   1 
ATOM   567  C CA  . LYS A 1 75  ? -14.602 1.655   -4.654  1.00 26.51 ? 75  LYS A CA  1 
ATOM   568  C C   . LYS A 1 75  ? -15.169 1.611   -3.329  1.00 28.10 ? 75  LYS A C   1 
ATOM   569  O O   . LYS A 1 75  ? -16.414 1.472   -3.127  1.00 26.31 ? 75  LYS A O   1 
ATOM   570  C CB  . LYS A 1 75  ? -14.992 2.970   -5.232  1.00 29.23 ? 75  LYS A CB  1 
ATOM   571  C CG  . LYS A 1 75  ? -14.358 4.191   -4.595  1.00 29.71 ? 75  LYS A CG  1 
ATOM   572  C CD  . LYS A 1 75  ? -14.470 5.426   -5.480  1.00 37.35 ? 75  LYS A CD  1 
ATOM   573  C CE  . LYS A 1 75  ? -13.662 6.595   -4.939  1.00 46.09 ? 75  LYS A CE  1 
ATOM   574  N NZ  . LYS A 1 75  ? -14.069 8.005   -5.347  1.00 49.66 ? 75  LYS A NZ  1 
ATOM   575  N N   . ASP A 1 76  ? -14.295 1.559   -2.323  1.00 25.49 ? 76  ASP A N   1 
ATOM   576  C CA  . ASP A 1 76  ? -14.750 1.538   -0.984  1.00 25.21 ? 76  ASP A CA  1 
ATOM   577  C C   . ASP A 1 76  ? -13.740 2.304   -0.086  1.00 24.30 ? 76  ASP A C   1 
ATOM   578  O O   . ASP A 1 76  ? -12.762 1.683   0.414   1.00 22.46 ? 76  ASP A O   1 
ATOM   579  C CB  . ASP A 1 76  ? -14.967 0.077   -0.475  1.00 23.49 ? 76  ASP A CB  1 
ATOM   580  C CG  . ASP A 1 76  ? -15.600 0.010   0.903   1.00 28.49 ? 76  ASP A CG  1 
ATOM   581  O OD1 . ASP A 1 76  ? -15.473 0.915   1.794   1.00 26.97 ? 76  ASP A OD1 1 
ATOM   582  O OD2 . ASP A 1 76  ? -16.195 -1.008  1.295   1.00 32.99 ? 76  ASP A OD2 1 
ATOM   583  N N   . LEU A 1 77  ? -14.013 3.583   0.160   1.00 26.42 ? 77  LEU A N   1 
ATOM   584  C CA  . LEU A 1 77  ? -13.106 4.431   0.983   1.00 25.37 ? 77  LEU A CA  1 
ATOM   585  C C   . LEU A 1 77  ? -12.907 3.941   2.318   1.00 24.08 ? 77  LEU A C   1 
ATOM   586  O O   . LEU A 1 77  ? -11.838 4.209   2.860   1.00 21.84 ? 77  LEU A O   1 
ATOM   587  C CB  . LEU A 1 77  ? -13.590 5.888   0.985   1.00 29.43 ? 77  LEU A CB  1 
ATOM   588  C CG  . LEU A 1 77  ? -13.772 6.533   -0.409  1.00 31.01 ? 77  LEU A CG  1 
ATOM   589  C CD1 . LEU A 1 77  ? -14.326 8.019   -0.409  1.00 36.69 ? 77  LEU A CD1 1 
ATOM   590  C CD2 . LEU A 1 77  ? -12.551 6.428   -1.321  1.00 32.31 ? 77  LEU A CD2 1 
ATOM   591  N N   . ARG A 1 78  ? -13.943 3.325   2.945   1.00 24.40 ? 78  ARG A N   1 
ATOM   592  C CA  . ARG A 1 78  ? -13.782 2.882   4.290   1.00 24.87 ? 78  ARG A CA  1 
ATOM   593  C C   . ARG A 1 78  ? -12.842 1.678   4.334   1.00 25.81 ? 78  ARG A C   1 
ATOM   594  O O   . ARG A 1 78  ? -11.955 1.576   5.178   1.00 23.60 ? 78  ARG A O   1 
ATOM   595  C CB  . ARG A 1 78  ? -15.109 2.420   4.890   1.00 27.73 ? 78  ARG A CB  1 
ATOM   596  C CG  . ARG A 1 78  ? -16.045 3.657   5.039   1.00 32.59 ? 78  ARG A CG  1 
ATOM   597  C CD  . ARG A 1 78  ? -17.356 3.297   5.682   1.00 48.79 ? 78  ARG A CD  1 
ATOM   598  N NE  . ARG A 1 78  ? -17.029 2.978   7.061   1.00 59.16 ? 78  ARG A NE  1 
ATOM   599  C CZ  . ARG A 1 78  ? -17.878 3.123   8.051   1.00 67.26 ? 78  ARG A CZ  1 
ATOM   600  N NH1 . ARG A 1 78  ? -19.117 3.520   7.781   1.00 60.73 ? 78  ARG A NH1 1 
ATOM   601  N NH2 . ARG A 1 78  ? -17.492 2.863   9.292   1.00 66.91 ? 78  ARG A NH2 1 
ATOM   602  N N   . LYS A 1 79  ? -13.033 0.765   3.378   1.00 23.42 ? 79  LYS A N   1 
ATOM   603  C CA  . LYS A 1 79  ? -12.117 -0.433  3.446   1.00 25.95 ? 79  LYS A CA  1 
ATOM   604  C C   . LYS A 1 79  ? -10.696 0.070   3.039   1.00 23.41 ? 79  LYS A C   1 
ATOM   605  O O   . LYS A 1 79  ? -9.695  -0.421  3.552   1.00 26.85 ? 79  LYS A O   1 
ATOM   606  C CB  . LYS A 1 79  ? -12.646 -1.432  2.388   1.00 28.32 ? 79  LYS A CB  1 
ATOM   607  C CG  . LYS A 1 79  ? -11.818 -2.700  2.392   1.00 40.52 ? 79  LYS A CG  1 
ATOM   608  C CD  . LYS A 1 79  ? -12.368 -3.564  3.410   1.00 50.10 ? 79  LYS A CD  1 
ATOM   609  C CE  . LYS A 1 79  ? -12.233 -5.017  2.998   1.00 56.22 ? 79  LYS A CE  1 
ATOM   610  N NZ  . LYS A 1 79  ? -13.142 -5.853  3.956   1.00 62.46 ? 79  LYS A NZ  1 
ATOM   611  N N   . ALA A 1 80  ? -10.609 1.026   2.138   1.00 22.11 ? 80  ALA A N   1 
ATOM   612  C CA  . ALA A 1 80  ? -9.263  1.554   1.780   1.00 20.19 ? 80  ALA A CA  1 
ATOM   613  C C   . ALA A 1 80  ? -8.501  2.072   3.024   1.00 21.19 ? 80  ALA A C   1 
ATOM   614  O O   . ALA A 1 80  ? -7.331  1.731   3.257   1.00 20.02 ? 80  ALA A O   1 
ATOM   615  C CB  . ALA A 1 80  ? -9.400  2.679   0.721   1.00 19.77 ? 80  ALA A CB  1 
ATOM   616  N N   . ALA A 1 81  ? -9.213  2.840   3.833   1.00 18.84 ? 81  ALA A N   1 
ATOM   617  C CA  . ALA A 1 81  ? -8.647  3.367   5.019   1.00 20.00 ? 81  ALA A CA  1 
ATOM   618  C C   . ALA A 1 81  ? -8.279  2.291   6.013   1.00 21.77 ? 81  ALA A C   1 
ATOM   619  O O   . ALA A 1 81  ? -7.347  2.449   6.817   1.00 20.91 ? 81  ALA A O   1 
ATOM   620  C CB  . ALA A 1 81  ? -9.664  4.419   5.610   1.00 23.11 ? 81  ALA A CB  1 
ATOM   621  N N   . GLN A 1 82  ? -9.107  1.253   6.143   1.00 21.68 ? 82  GLN A N   1 
ATOM   622  C CA  . GLN A 1 82  ? -8.733  0.165   7.047   1.00 23.72 ? 82  GLN A CA  1 
ATOM   623  C C   . GLN A 1 82  ? -7.357  -0.422  6.697   1.00 21.41 ? 82  GLN A C   1 
ATOM   624  O O   . GLN A 1 82  ? -6.582  -0.768  7.613   1.00 22.32 ? 82  GLN A O   1 
ATOM   625  C CB  . GLN A 1 82  ? -9.753  -0.986  6.976   1.00 25.08 ? 82  GLN A CB  1 
ATOM   626  C CG  . GLN A 1 82  ? -11.135 -0.547  7.442   1.00 34.80 ? 82  GLN A CG  1 
ATOM   627  C CD  . GLN A 1 82  ? -12.191 -1.690  7.511   1.00 44.49 ? 82  GLN A CD  1 
ATOM   628  O OE1 . GLN A 1 82  ? -12.455 -2.365  6.532   1.00 41.42 ? 82  GLN A OE1 1 
ATOM   629  N NE2 . GLN A 1 82  ? -12.758 -1.908  8.730   1.00 53.35 ? 82  GLN A NE2 1 
ATOM   630  N N   . TYR A 1 83  ? -7.086  -0.560  5.422   1.00 23.07 ? 83  TYR A N   1 
ATOM   631  C CA  . TYR A 1 83  ? -5.788  -1.115  5.004   1.00 22.12 ? 83  TYR A CA  1 
ATOM   632  C C   . TYR A 1 83  ? -4.708  -0.123  5.231   1.00 24.03 ? 83  TYR A C   1 
ATOM   633  O O   . TYR A 1 83  ? -3.616  -0.487  5.602   1.00 21.29 ? 83  TYR A O   1 
ATOM   634  C CB  . TYR A 1 83  ? -5.863  -1.541  3.570   1.00 21.48 ? 83  TYR A CB  1 
ATOM   635  C CG  . TYR A 1 83  ? -6.610  -2.862  3.436   1.00 25.32 ? 83  TYR A CG  1 
ATOM   636  C CD1 . TYR A 1 83  ? -7.711  -2.977  2.538   1.00 22.01 ? 83  TYR A CD1 1 
ATOM   637  C CD2 . TYR A 1 83  ? -6.256  -3.938  4.171   1.00 26.13 ? 83  TYR A CD2 1 
ATOM   638  C CE1 . TYR A 1 83  ? -8.407  -4.165  2.397   1.00 27.91 ? 83  TYR A CE1 1 
ATOM   639  C CE2 . TYR A 1 83  ? -6.965  -5.250  4.010   1.00 27.46 ? 83  TYR A CE2 1 
ATOM   640  C CZ  . TYR A 1 83  ? -8.039  -5.276  3.132   1.00 36.56 ? 83  TYR A CZ  1 
ATOM   641  O OH  . TYR A 1 83  ? -8.729  -6.428  2.897   1.00 38.28 ? 83  TYR A OH  1 
ATOM   642  N N   . TYR A 1 84  ? -4.954  1.191   4.894   1.00 22.22 ? 84  TYR A N   1 
ATOM   643  C CA  . TYR A 1 84  ? -3.899  2.195   5.200   1.00 21.48 ? 84  TYR A CA  1 
ATOM   644  C C   . TYR A 1 84  ? -3.605  2.302   6.710   1.00 24.26 ? 84  TYR A C   1 
ATOM   645  O O   . TYR A 1 84  ? -2.452  2.445   7.144   1.00 23.88 ? 84  TYR A O   1 
ATOM   646  C CB  . TYR A 1 84  ? -4.361  3.600   4.719   1.00 24.56 ? 84  TYR A CB  1 
ATOM   647  C CG  . TYR A 1 84  ? -4.558  3.710   3.181   1.00 20.93 ? 84  TYR A CG  1 
ATOM   648  C CD1 . TYR A 1 84  ? -5.659  4.387   2.640   1.00 22.64 ? 84  TYR A CD1 1 
ATOM   649  C CD2 . TYR A 1 84  ? -3.656  3.150   2.296   1.00 21.02 ? 84  TYR A CD2 1 
ATOM   650  C CE1 . TYR A 1 84  ? -5.813  4.486   1.279   1.00 19.12 ? 84  TYR A CE1 1 
ATOM   651  C CE2 . TYR A 1 84  ? -3.809  3.294   0.954   1.00 26.42 ? 84  TYR A CE2 1 
ATOM   652  C CZ  . TYR A 1 84  ? -4.922  3.951   0.456   1.00 21.35 ? 84  TYR A CZ  1 
ATOM   653  O OH  . TYR A 1 84  ? -5.040  4.118   -0.929  1.00 25.06 ? 84  TYR A OH  1 
ATOM   654  N N   . SER A 1 85  ? -4.645  2.146   7.504   1.00 23.91 ? 85  SER A N   1 
ATOM   655  C CA  . SER A 1 85  ? -4.441  2.138   8.946   1.00 24.33 ? 85  SER A CA  1 
ATOM   656  C C   . SER A 1 85  ? -3.649  0.876   9.384   1.00 22.99 ? 85  SER A C   1 
ATOM   657  O O   . SER A 1 85  ? -2.776  0.960   10.313  1.00 24.79 ? 85  SER A O   1 
ATOM   658  C CB  . SER A 1 85  ? -5.847  2.158   9.643   1.00 23.87 ? 85  SER A CB  1 
ATOM   659  O OG  . SER A 1 85  ? -5.605  2.314   11.074  1.00 30.10 ? 85  SER A OG  1 
ATOM   660  N N   . LYS A 1 86  ? -3.984  -0.265  8.792   1.00 23.66 ? 86  LYS A N   1 
ATOM   661  C CA  . LYS A 1 86  ? -3.286  -1.509  9.168   1.00 22.22 ? 86  LYS A CA  1 
ATOM   662  C C   . LYS A 1 86  ? -1.833  -1.353  8.793   1.00 24.20 ? 86  LYS A C   1 
ATOM   663  O O   . LYS A 1 86  ? -0.904  -1.720  9.551   1.00 21.51 ? 86  LYS A O   1 
ATOM   664  C CB  . LYS A 1 86  ? -3.937  -2.722  8.360   1.00 22.33 ? 86  LYS A CB  1 
ATOM   665  C CG  . LYS A 1 86  ? -3.120  -4.046  8.812   1.00 22.10 ? 86  LYS A CG  1 
ATOM   666  C CD  . LYS A 1 86  ? -3.912  -5.238  8.263   1.00 22.88 ? 86  LYS A CD  1 
ATOM   667  C CE  . LYS A 1 86  ? -2.972  -6.498  8.623   1.00 21.33 ? 86  LYS A CE  1 
ATOM   668  N NZ  . LYS A 1 86  ? -3.712  -7.739  8.295   1.00 23.88 ? 86  LYS A NZ  1 
ATOM   669  N N   . ALA A 1 87  ? -1.612  -0.747  7.601   1.00 19.52 ? 87  ALA A N   1 
ATOM   670  C CA  . ALA A 1 87  ? -0.225  -0.462  7.152   1.00 20.83 ? 87  ALA A CA  1 
ATOM   671  C C   . ALA A 1 87  ? 0.521   0.458   8.055   1.00 20.77 ? 87  ALA A C   1 
ATOM   672  O O   . ALA A 1 87  ? 1.689   0.196   8.381   1.00 19.61 ? 87  ALA A O   1 
ATOM   673  C CB  . ALA A 1 87  ? -0.226  0.134   5.601   1.00 24.93 ? 87  ALA A CB  1 
ATOM   674  N N   . CYS A 1 88  ? -0.118  1.574   8.468   1.00 19.25 ? 88  CYS A N   1 
ATOM   675  C CA  . CYS A 1 88  ? 0.510   2.486   9.374   1.00 19.75 ? 88  CYS A CA  1 
ATOM   676  C C   . CYS A 1 88  ? 0.820   1.767   10.786  1.00 24.78 ? 88  CYS A C   1 
ATOM   677  O O   . CYS A 1 88  ? 1.829   2.023   11.402  1.00 25.43 ? 88  CYS A O   1 
ATOM   678  C CB  . CYS A 1 88  ? -0.456  3.608   9.724   1.00 19.55 ? 88  CYS A CB  1 
ATOM   679  S SG  . CYS A 1 88  ? 0.270   4.909   10.747  1.00 22.78 ? 88  CYS A SG  1 
ATOM   680  N N   . GLY A 1 89  ? -0.097  0.970   11.229  1.00 22.14 ? 89  GLY A N   1 
ATOM   681  C CA  . GLY A 1 89  ? 0.115   0.177   12.464  1.00 25.99 ? 89  GLY A CA  1 
ATOM   682  C C   . GLY A 1 89  ? 1.316   -0.766  12.331  1.00 25.32 ? 89  GLY A C   1 
ATOM   683  O O   . GLY A 1 89  ? 2.023   -1.115  13.343  1.00 26.17 ? 89  GLY A O   1 
ATOM   684  N N   . LEU A 1 90  ? 1.616   -1.188  11.091  1.00 23.66 ? 90  LEU A N   1 
ATOM   685  C CA  . LEU A 1 90  ? 2.839   -1.982  10.777  1.00 24.86 ? 90  LEU A CA  1 
ATOM   686  C C   . LEU A 1 90  ? 4.105   -1.126  10.441  1.00 25.63 ? 90  LEU A C   1 
ATOM   687  O O   . LEU A 1 90  ? 5.068   -1.635  9.892   1.00 25.67 ? 90  LEU A O   1 
ATOM   688  C CB  . LEU A 1 90  ? 2.573   -2.939  9.619   1.00 26.13 ? 90  LEU A CB  1 
ATOM   689  C CG  . LEU A 1 90  ? 1.424   -3.956  9.932   1.00 25.30 ? 90  LEU A CG  1 
ATOM   690  C CD1 . LEU A 1 90  ? 0.957   -4.646  8.664   1.00 23.28 ? 90  LEU A CD1 1 
ATOM   691  C CD2 . LEU A 1 90  ? 1.973   -5.047  10.912  1.00 30.29 ? 90  LEU A CD2 1 
ATOM   692  N N   . ASN A 1 91  ? 4.041   0.122   10.764  1.00 23.00 ? 91  ASN A N   1 
ATOM   693  C CA  . ASN A 1 91  ? 5.118   1.070   10.573  1.00 26.73 ? 91  ASN A CA  1 
ATOM   694  C C   . ASN A 1 91  ? 5.446   1.294   9.151   1.00 25.39 ? 91  ASN A C   1 
ATOM   695  O O   . ASN A 1 91  ? 6.554   1.669   8.788   1.00 24.07 ? 91  ASN A O   1 
ATOM   696  C CB  . ASN A 1 91  ? 6.370   0.666   11.370  1.00 28.31 ? 91  ASN A CB  1 
ATOM   697  C CG  . ASN A 1 91  ? 6.151   0.765   12.795  1.00 33.35 ? 91  ASN A CG  1 
ATOM   698  O OD1 . ASN A 1 91  ? 5.430   1.631   13.299  1.00 30.65 ? 91  ASN A OD1 1 
ATOM   699  N ND2 . ASN A 1 91  ? 6.803   -0.164  13.536  1.00 38.08 ? 91  ASN A ND2 1 
ATOM   700  N N   . ASP A 1 92  ? 4.412   1.327   8.295   1.00 24.63 ? 92  ASP A N   1 
ATOM   701  C CA  . ASP A 1 92  ? 4.586   1.718   6.851   1.00 21.58 ? 92  ASP A CA  1 
ATOM   702  C C   . ASP A 1 92  ? 4.512   3.202   6.712   1.00 21.79 ? 92  ASP A C   1 
ATOM   703  O O   . ASP A 1 92  ? 3.478   3.792   7.031   1.00 22.02 ? 92  ASP A O   1 
ATOM   704  C CB  . ASP A 1 92  ? 3.548   1.068   5.944   1.00 22.51 ? 92  ASP A CB  1 
ATOM   705  C CG  . ASP A 1 92  ? 3.917   1.200   4.515   1.00 27.62 ? 92  ASP A CG  1 
ATOM   706  O OD1 . ASP A 1 92  ? 3.481   2.186   3.885   1.00 22.02 ? 92  ASP A OD1 1 
ATOM   707  O OD2 . ASP A 1 92  ? 4.713   0.459   3.989   1.00 26.56 ? 92  ASP A OD2 1 
ATOM   708  N N   . GLN A 1 93  ? 5.626   3.749   6.238   1.00 23.63 ? 93  GLN A N   1 
ATOM   709  C CA  . GLN A 1 93  ? 5.801   5.141   6.080   1.00 26.63 ? 93  GLN A CA  1 
ATOM   710  C C   . GLN A 1 93  ? 4.640   5.855   5.179   1.00 21.58 ? 93  GLN A C   1 
ATOM   711  O O   . GLN A 1 93  ? 3.908   6.707   5.656   1.00 23.40 ? 93  GLN A O   1 
ATOM   712  C CB  . GLN A 1 93  ? 7.123   5.460   5.333   1.00 27.48 ? 93  GLN A CB  1 
ATOM   713  C CG  . GLN A 1 93  ? 7.367   6.970   5.391   1.00 33.41 ? 93  GLN A CG  1 
ATOM   714  C CD  . GLN A 1 93  ? 8.604   7.316   4.595   1.00 38.58 ? 93  GLN A CD  1 
ATOM   715  O OE1 . GLN A 1 93  ? 8.469   7.894   3.531   1.00 35.82 ? 93  GLN A OE1 1 
ATOM   716  N NE2 . GLN A 1 93  ? 9.745   6.794   5.002   1.00 31.10 ? 93  GLN A NE2 1 
ATOM   717  N N   . ASP A 1 94  ? 4.411   5.213   4.048   1.00 22.32 ? 94  ASP A N   1 
ATOM   718  C CA  . ASP A 1 94  ? 3.386   5.790   3.100   1.00 24.44 ? 94  ASP A CA  1 
ATOM   719  C C   . ASP A 1 94  ? 2.000   5.566   3.705   1.00 21.27 ? 94  ASP A C   1 
ATOM   720  O O   . ASP A 1 94  ? 1.129   6.367   3.641   1.00 20.56 ? 94  ASP A O   1 
ATOM   721  C CB  . ASP A 1 94  ? 3.428   5.056   1.772   1.00 24.28 ? 94  ASP A CB  1 
ATOM   722  C CG  . ASP A 1 94  ? 4.496   5.561   0.828   1.00 35.19 ? 94  ASP A CG  1 
ATOM   723  O OD1 . ASP A 1 94  ? 5.242   6.568   1.159   1.00 33.68 ? 94  ASP A OD1 1 
ATOM   724  O OD2 . ASP A 1 94  ? 4.608   4.891   -0.252  1.00 36.63 ? 94  ASP A OD2 1 
ATOM   725  N N   . GLY A 1 95  ? 1.849   4.415   4.373   1.00 20.17 ? 95  GLY A N   1 
ATOM   726  C CA  . GLY A 1 95  ? 0.594   4.034   5.014   1.00 20.55 ? 95  GLY A CA  1 
ATOM   727  C C   . GLY A 1 95  ? 0.165   5.129   6.027   1.00 20.61 ? 95  GLY A C   1 
ATOM   728  O O   . GLY A 1 95  ? -1.042  5.601   6.025   1.00 18.19 ? 95  GLY A O   1 
ATOM   729  N N   . CYS A 1 96  ? 1.091   5.569   6.855   1.00 20.30 ? 96  CYS A N   1 
ATOM   730  C CA  . CYS A 1 96  ? 0.682   6.561   7.823   1.00 19.75 ? 96  CYS A CA  1 
ATOM   731  C C   . CYS A 1 96  ? 0.461   7.941   7.094   1.00 20.35 ? 96  CYS A C   1 
ATOM   732  O O   . CYS A 1 96  ? -0.449  8.666   7.445   1.00 20.72 ? 96  CYS A O   1 
ATOM   733  C CB  . CYS A 1 96  ? 1.784   6.845   8.837   1.00 22.46 ? 96  CYS A CB  1 
ATOM   734  S SG  . CYS A 1 96  ? 2.031   5.326   9.942   1.00 22.89 ? 96  CYS A SG  1 
ATOM   735  N N   . LEU A 1 97  ? 1.324   8.261   6.147   1.00 18.98 ? 97  LEU A N   1 
ATOM   736  C CA  . LEU A 1 97  ? 1.119   9.543   5.473   1.00 18.63 ? 97  LEU A CA  1 
ATOM   737  C C   . LEU A 1 97  ? -0.326  9.574   4.829   1.00 19.40 ? 97  LEU A C   1 
ATOM   738  O O   . LEU A 1 97  ? -1.106  10.524  5.014   1.00 22.93 ? 97  LEU A O   1 
ATOM   739  C CB  . LEU A 1 97  ? 2.153   9.681   4.320   1.00 18.02 ? 97  LEU A CB  1 
ATOM   740  C CG  . LEU A 1 97  ? 2.069   11.012  3.467   1.00 16.80 ? 97  LEU A CG  1 
ATOM   741  C CD1 . LEU A 1 97  ? 2.280   12.179  4.394   1.00 19.83 ? 97  LEU A CD1 1 
ATOM   742  C CD2 . LEU A 1 97  ? 3.141   10.996  2.360   1.00 23.86 ? 97  LEU A CD2 1 
ATOM   743  N N   . ILE A 1 98  ? -0.608  8.567   4.043   1.00 19.12 ? 98  ILE A N   1 
ATOM   744  C CA  . ILE A 1 98  ? -1.954  8.515   3.358   1.00 18.27 ? 98  ILE A CA  1 
ATOM   745  C C   . ILE A 1 98  ? -3.075  8.555   4.345   1.00 18.75 ? 98  ILE A C   1 
ATOM   746  O O   . ILE A 1 98  ? -4.089  9.259   4.183   1.00 20.52 ? 98  ILE A O   1 
ATOM   747  C CB  . ILE A 1 98  ? -2.043  7.214   2.497   1.00 16.17 ? 98  ILE A CB  1 
ATOM   748  C CG1 . ILE A 1 98  ? -0.988  7.312   1.354   1.00 16.48 ? 98  ILE A CG1 1 
ATOM   749  C CG2 . ILE A 1 98  ? -3.491  6.938   1.996   1.00 19.13 ? 98  ILE A CG2 1 
ATOM   750  C CD1 . ILE A 1 98  ? -0.702  5.970   0.716   1.00 17.62 ? 98  ILE A CD1 1 
ATOM   751  N N   . LEU A 1 99  ? -2.939  7.759   5.428   1.00 20.30 ? 99  LEU A N   1 
ATOM   752  C CA  . LEU A 1 99  ? -3.969  7.806   6.456   1.00 20.74 ? 99  LEU A CA  1 
ATOM   753  C C   . LEU A 1 99  ? -4.168  9.176   6.997   1.00 19.73 ? 99  LEU A C   1 
ATOM   754  O O   . LEU A 1 99  ? -5.347  9.554   7.259   1.00 18.28 ? 99  LEU A O   1 
ATOM   755  C CB  . LEU A 1 99  ? -3.582  6.853   7.689   1.00 21.25 ? 99  LEU A CB  1 
ATOM   756  C CG  . LEU A 1 99  ? -4.636  6.839   8.842   1.00 21.64 ? 99  LEU A CG  1 
ATOM   757  C CD1 . LEU A 1 99  ? -5.809  6.258   8.248   1.00 23.31 ? 99  LEU A CD1 1 
ATOM   758  C CD2 . LEU A 1 99  ? -4.110  5.791   9.881   1.00 21.77 ? 99  LEU A CD2 1 
ATOM   759  N N   . GLY A 1 100 ? -3.072  9.910   7.267   1.00 16.44 ? 100 GLY A N   1 
ATOM   760  C CA  . GLY A 1 100 ? -3.333  11.272  7.802   1.00 17.32 ? 100 GLY A CA  1 
ATOM   761  C C   . GLY A 1 100 ? -4.074  12.240  6.904   1.00 17.48 ? 100 GLY A C   1 
ATOM   762  O O   . GLY A 1 100 ? -4.960  12.928  7.397   1.00 19.12 ? 100 GLY A O   1 
ATOM   763  N N   . TYR A 1 101 ? -3.840  12.148  5.586   1.00 17.92 ? 101 TYR A N   1 
ATOM   764  C CA  . TYR A 1 101 ? -4.649  12.912  4.650   1.00 19.81 ? 101 TYR A CA  1 
ATOM   765  C C   . TYR A 1 101 ? -6.162  12.482  4.704   1.00 20.29 ? 101 TYR A C   1 
ATOM   766  O O   . TYR A 1 101 ? -7.004  13.343  4.693   1.00 19.44 ? 101 TYR A O   1 
ATOM   767  C CB  . TYR A 1 101 ? -4.284  12.506  3.193   1.00 19.59 ? 101 TYR A CB  1 
ATOM   768  C CG  . TYR A 1 101 ? -3.039  13.322  2.743   1.00 23.10 ? 101 TYR A CG  1 
ATOM   769  C CD1 . TYR A 1 101 ? -1.784  12.963  3.152   1.00 24.80 ? 101 TYR A CD1 1 
ATOM   770  C CD2 . TYR A 1 101 ? -3.177  14.510  1.874   1.00 23.28 ? 101 TYR A CD2 1 
ATOM   771  C CE1 . TYR A 1 101 ? -0.614  13.754  2.726   1.00 26.38 ? 101 TYR A CE1 1 
ATOM   772  C CE2 . TYR A 1 101 ? -2.084  15.201  1.373   1.00 24.31 ? 101 TYR A CE2 1 
ATOM   773  C CZ  . TYR A 1 101 ? -0.805  14.880  1.869   1.00 25.39 ? 101 TYR A CZ  1 
ATOM   774  O OH  . TYR A 1 101 ? 0.305   15.486  1.351   1.00 24.75 ? 101 TYR A OH  1 
ATOM   775  N N   . LYS A 1 102 ? -6.435  11.190  4.841   1.00 16.80 ? 102 LYS A N   1 
ATOM   776  C CA  . LYS A 1 102 ? -7.800  10.734  4.935   1.00 20.08 ? 102 LYS A CA  1 
ATOM   777  C C   . LYS A 1 102 ? -8.481  11.183  6.195   1.00 17.67 ? 102 LYS A C   1 
ATOM   778  O O   . LYS A 1 102 ? -9.652  11.616  6.153   1.00 18.17 ? 102 LYS A O   1 
ATOM   779  C CB  . LYS A 1 102 ? -7.866  9.164   4.890   1.00 21.07 ? 102 LYS A CB  1 
ATOM   780  C CG  . LYS A 1 102 ? -7.317  8.501   3.707   1.00 22.46 ? 102 LYS A CG  1 
ATOM   781  C CD  . LYS A 1 102 ? -7.598  9.271   2.396   1.00 22.71 ? 102 LYS A CD  1 
ATOM   782  C CE  . LYS A 1 102 ? -6.697  8.616   1.247   1.00 25.90 ? 102 LYS A CE  1 
ATOM   783  N NZ  . LYS A 1 102 ? -6.970  9.261   -0.109  1.00 26.73 ? 102 LYS A NZ  1 
ATOM   784  N N   . GLN A 1 103 ? -7.782  11.114  7.294   1.00 20.66 ? 103 GLN A N   1 
ATOM   785  C CA  . GLN A 1 103 ? -8.295  11.584  8.599   1.00 20.53 ? 103 GLN A CA  1 
ATOM   786  C C   . GLN A 1 103 ? -8.561  13.106  8.631   1.00 20.17 ? 103 GLN A C   1 
ATOM   787  O O   . GLN A 1 103 ? -9.530  13.564  9.203   1.00 20.54 ? 103 GLN A O   1 
ATOM   788  C CB  . GLN A 1 103 ? -7.325  11.206  9.732   1.00 23.36 ? 103 GLN A CB  1 
ATOM   789  C CG  . GLN A 1 103 ? -7.277  9.638   9.967   1.00 19.66 ? 103 GLN A CG  1 
ATOM   790  C CD  . GLN A 1 103 ? -6.294  9.173   10.995  1.00 24.15 ? 103 GLN A CD  1 
ATOM   791  O OE1 . GLN A 1 103 ? -6.482  8.042   11.626  1.00 23.57 ? 103 GLN A OE1 1 
ATOM   792  N NE2 . GLN A 1 103 ? -5.254  9.876   11.155  1.00 18.36 ? 103 GLN A NE2 1 
ATOM   793  N N   . TYR A 1 104 ? -7.692  13.876  7.967   1.00 22.60 ? 104 TYR A N   1 
ATOM   794  C CA  . TYR A 1 104 ? -7.846  15.306  7.995   1.00 22.57 ? 104 TYR A CA  1 
ATOM   795  C C   . TYR A 1 104 ? -9.088  15.629  7.135   1.00 25.86 ? 104 TYR A C   1 
ATOM   796  O O   . TYR A 1 104 ? -9.807  16.562  7.477   1.00 25.41 ? 104 TYR A O   1 
ATOM   797  C CB  . TYR A 1 104 ? -6.614  15.986  7.349   1.00 23.06 ? 104 TYR A CB  1 
ATOM   798  C CG  . TYR A 1 104 ? -6.330  17.283  7.973   1.00 29.09 ? 104 TYR A CG  1 
ATOM   799  C CD1 . TYR A 1 104 ? -5.441  17.372  9.006   1.00 37.74 ? 104 TYR A CD1 1 
ATOM   800  C CD2 . TYR A 1 104 ? -6.967  18.448  7.495   1.00 35.87 ? 104 TYR A CD2 1 
ATOM   801  C CE1 . TYR A 1 104 ? -5.202  18.554  9.596   1.00 41.13 ? 104 TYR A CE1 1 
ATOM   802  C CE2 . TYR A 1 104 ? -6.715  19.656  8.050   1.00 43.11 ? 104 TYR A CE2 1 
ATOM   803  C CZ  . TYR A 1 104 ? -5.846  19.692  9.118   1.00 41.33 ? 104 TYR A CZ  1 
ATOM   804  O OH  . TYR A 1 104 ? -5.596  20.945  9.638   1.00 51.89 ? 104 TYR A OH  1 
ATOM   805  N N   . ALA A 1 105 ? -9.361  14.856  6.070   1.00 23.41 ? 105 ALA A N   1 
ATOM   806  C CA  . ALA A 1 105 ? -10.498 15.178  5.136   1.00 24.83 ? 105 ALA A CA  1 
ATOM   807  C C   . ALA A 1 105 ? -11.813 14.449  5.506   1.00 26.06 ? 105 ALA A C   1 
ATOM   808  O O   . ALA A 1 105 ? -12.864 14.754  5.013   1.00 23.51 ? 105 ALA A O   1 
ATOM   809  C CB  . ALA A 1 105 ? -10.135 14.834  3.709   1.00 25.76 ? 105 ALA A CB  1 
ATOM   810  N N   . GLY A 1 106 ? -11.718 13.419  6.360   1.00 24.38 ? 106 GLY A N   1 
ATOM   811  C CA  . GLY A 1 106 ? -12.848 12.570  6.584   1.00 20.53 ? 106 GLY A CA  1 
ATOM   812  C C   . GLY A 1 106 ? -13.142 11.659  5.362   1.00 25.00 ? 106 GLY A C   1 
ATOM   813  O O   . GLY A 1 106 ? -14.362 11.284  5.122   1.00 22.06 ? 106 GLY A O   1 
ATOM   814  N N   . LYS A 1 107 ? -12.086 11.194  4.628   1.00 23.24 ? 107 LYS A N   1 
ATOM   815  C CA  . LYS A 1 107 ? -12.372 10.436  3.419   1.00 22.92 ? 107 LYS A CA  1 
ATOM   816  C C   . LYS A 1 107 ? -12.317 8.959   3.728   1.00 23.14 ? 107 LYS A C   1 
ATOM   817  O O   . LYS A 1 107 ? -11.179 8.399   3.973   1.00 20.53 ? 107 LYS A O   1 
ATOM   818  C CB  . LYS A 1 107 ? -11.408 10.839  2.300   1.00 25.79 ? 107 LYS A CB  1 
ATOM   819  C CG  . LYS A 1 107 ? -11.592 10.032  1.050   1.00 31.30 ? 107 LYS A CG  1 
ATOM   820  C CD  . LYS A 1 107 ? -10.750 10.566  -0.100  1.00 39.95 ? 107 LYS A CD  1 
ATOM   821  C CE  . LYS A 1 107 ? -11.670 11.492  -0.879  1.00 53.96 ? 107 LYS A CE  1 
ATOM   822  N NZ  . LYS A 1 107 ? -10.811 12.268  -1.951  1.00 61.59 ? 107 LYS A NZ  1 
ATOM   823  N N   . GLY A 1 108 ? -13.512 8.349   3.867   1.00 21.42 ? 108 GLY A N   1 
ATOM   824  C CA  . GLY A 1 108 ? -13.547 6.895   4.250   1.00 24.23 ? 108 GLY A CA  1 
ATOM   825  C C   . GLY A 1 108 ? -13.335 6.701   5.750   1.00 22.62 ? 108 GLY A C   1 
ATOM   826  O O   . GLY A 1 108 ? -13.391 5.607   6.208   1.00 26.10 ? 108 GLY A O   1 
ATOM   827  N N   . VAL A 1 109 ? -13.166 7.780   6.516   1.00 20.80 ? 109 VAL A N   1 
ATOM   828  C CA  . VAL A 1 109 ? -13.017 7.674   8.004   1.00 20.62 ? 109 VAL A CA  1 
ATOM   829  C C   . VAL A 1 109 ? -13.644 8.904   8.613   1.00 21.25 ? 109 VAL A C   1 
ATOM   830  O O   . VAL A 1 109 ? -13.905 9.899   7.903   1.00 21.81 ? 109 VAL A O   1 
ATOM   831  C CB  . VAL A 1 109 ? -11.477 7.755   8.501   1.00 19.80 ? 109 VAL A CB  1 
ATOM   832  C CG1 . VAL A 1 109 ? -10.742 6.394   8.045   1.00 24.35 ? 109 VAL A CG1 1 
ATOM   833  C CG2 . VAL A 1 109 ? -10.725 8.962   7.860   1.00 18.04 ? 109 VAL A CG2 1 
ATOM   834  N N   . VAL A 1 110 ? -13.887 8.864   9.925   1.00 21.08 ? 110 VAL A N   1 
ATOM   835  C CA  . VAL A 1 110 ? -14.443 10.109  10.564  1.00 24.94 ? 110 VAL A CA  1 
ATOM   836  C C   . VAL A 1 110 ? -13.458 11.236  10.408  1.00 23.85 ? 110 VAL A C   1 
ATOM   837  O O   . VAL A 1 110 ? -12.241 11.077  10.645  1.00 22.47 ? 110 VAL A O   1 
ATOM   838  C CB  . VAL A 1 110 ? -14.702 9.830   12.115  1.00 24.90 ? 110 VAL A CB  1 
ATOM   839  C CG1 . VAL A 1 110 ? -15.141 11.138  12.817  1.00 28.32 ? 110 VAL A CG1 1 
ATOM   840  C CG2 . VAL A 1 110 ? -15.720 8.711   12.257  1.00 22.56 ? 110 VAL A CG2 1 
ATOM   841  N N   . LYS A 1 111 ? -13.935 12.419  10.124  1.00 22.72 ? 111 LYS A N   1 
ATOM   842  C CA  . LYS A 1 111 ? -13.026 13.516  10.014  1.00 26.41 ? 111 LYS A CA  1 
ATOM   843  C C   . LYS A 1 111 ? -12.471 13.938  11.341  1.00 28.03 ? 111 LYS A C   1 
ATOM   844  O O   . LYS A 1 111 ? -13.251 14.271  12.289  1.00 31.11 ? 111 LYS A O   1 
ATOM   845  C CB  . LYS A 1 111 ? -13.770 14.731  9.355   1.00 24.43 ? 111 LYS A CB  1 
ATOM   846  C CG  . LYS A 1 111 ? -12.879 16.021  9.108   1.00 33.32 ? 111 LYS A CG  1 
ATOM   847  C CD  . LYS A 1 111 ? -13.563 16.997  8.175   1.00 29.76 ? 111 LYS A CD  1 
ATOM   848  C CE  . LYS A 1 111 ? -12.765 18.281  7.925   1.00 47.04 ? 111 LYS A CE  1 
ATOM   849  N NZ  . LYS A 1 111 ? -13.439 19.160  6.815   1.00 42.31 ? 111 LYS A NZ  1 
ATOM   850  N N   . ASN A 1 112 ? -11.153 13.851  11.496  1.00 26.00 ? 112 ASN A N   1 
ATOM   851  C CA  . ASN A 1 112 ? -10.545 14.158  12.791  1.00 28.51 ? 112 ASN A CA  1 
ATOM   852  C C   . ASN A 1 112 ? -9.181  14.797  12.721  1.00 28.21 ? 112 ASN A C   1 
ATOM   853  O O   . ASN A 1 112 ? -8.252  14.085  12.565  1.00 21.76 ? 112 ASN A O   1 
ATOM   854  C CB  . ASN A 1 112 ? -10.460 12.901  13.692  1.00 25.93 ? 112 ASN A CB  1 
ATOM   855  C CG  . ASN A 1 112 ? -10.142 13.264  15.169  1.00 34.36 ? 112 ASN A CG  1 
ATOM   856  O OD1 . ASN A 1 112 ? -9.513  14.266  15.475  1.00 33.12 ? 112 ASN A OD1 1 
ATOM   857  N ND2 . ASN A 1 112 ? -10.445 12.299  16.061  1.00 30.99 ? 112 ASN A ND2 1 
ATOM   858  N N   . GLU A 1 113 ? -9.112  16.129  12.680  1.00 28.20 ? 113 GLU A N   1 
ATOM   859  C CA  . GLU A 1 113 ? -7.773  16.756  12.501  1.00 31.64 ? 113 GLU A CA  1 
ATOM   860  C C   . GLU A 1 113 ? -6.795  16.451  13.599  1.00 31.93 ? 113 GLU A C   1 
ATOM   861  O O   . GLU A 1 113 ? -5.633  16.313  13.339  1.00 29.55 ? 113 GLU A O   1 
ATOM   862  C CB  . GLU A 1 113 ? -7.884  18.309  12.346  1.00 34.46 ? 113 GLU A CB  1 
ATOM   863  C CG  . GLU A 1 113 ? -8.841  18.693  11.245  1.00 35.31 ? 113 GLU A CG  1 
ATOM   864  C CD  . GLU A 1 113 ? -9.079  20.196  11.274  1.00 46.81 ? 113 GLU A CD  1 
ATOM   865  O OE1 . GLU A 1 113 ? -9.830  20.620  10.399  1.00 51.65 ? 113 GLU A OE1 1 
ATOM   866  O OE2 . GLU A 1 113 ? -8.445  20.911  12.084  1.00 51.92 ? 113 GLU A OE2 1 
ATOM   867  N N   . LYS A 1 114 ? -7.269  16.354  14.857  1.00 35.20 ? 114 LYS A N   1 
ATOM   868  C CA  . LYS A 1 114 ? -6.363  16.040  15.939  1.00 35.46 ? 114 LYS A CA  1 
ATOM   869  C C   . LYS A 1 114 ? -5.737  14.717  15.707  1.00 33.39 ? 114 LYS A C   1 
ATOM   870  O O   . LYS A 1 114 ? -4.538  14.547  15.918  1.00 32.62 ? 114 LYS A O   1 
ATOM   871  C CB  . LYS A 1 114 ? -7.044  16.059  17.371  1.00 38.98 ? 114 LYS A CB  1 
ATOM   872  C CG  . LYS A 1 114 ? -7.671  17.387  17.650  1.00 49.26 ? 114 LYS A CG  1 
ATOM   873  C CD  . LYS A 1 114 ? -8.303  17.420  19.139  1.00 59.28 ? 114 LYS A CD  1 
ATOM   874  C CE  . LYS A 1 114 ? -8.795  18.863  19.601  1.00 66.91 ? 114 LYS A CE  1 
ATOM   875  N NZ  . LYS A 1 114 ? -9.492  18.996  20.978  1.00 64.45 ? 114 LYS A NZ  1 
ATOM   876  N N   . GLN A 1 115 ? -6.548  13.725  15.361  1.00 30.64 ? 115 GLN A N   1 
ATOM   877  C CA  . GLN A 1 115 ? -6.025  12.352  15.104  1.00 31.01 ? 115 GLN A CA  1 
ATOM   878  C C   . GLN A 1 115 ? -5.090  12.497  13.891  1.00 30.18 ? 115 GLN A C   1 
ATOM   879  O O   . GLN A 1 115 ? -4.014  11.915  13.889  1.00 28.66 ? 115 GLN A O   1 
ATOM   880  C CB  . GLN A 1 115 ? -7.138  11.354  14.782  1.00 32.40 ? 115 GLN A CB  1 
ATOM   881  C CG  . GLN A 1 115 ? -6.790  9.878   14.560  1.00 30.36 ? 115 GLN A CG  1 
ATOM   882  C CD  . GLN A 1 115 ? -8.020  9.095   14.076  1.00 46.56 ? 115 GLN A CD  1 
ATOM   883  O OE1 . GLN A 1 115 ? -8.730  9.658   13.197  1.00 48.81 ? 115 GLN A OE1 1 
ATOM   884  N NE2 . GLN A 1 115 ? -8.290  7.732   14.648  1.00 42.21 ? 115 GLN A NE2 1 
ATOM   885  N N   . ALA A 1 116 ? -5.490  13.230  12.852  1.00 25.00 ? 116 ALA A N   1 
ATOM   886  C CA  . ALA A 1 116 ? -4.626  13.323  11.694  1.00 24.73 ? 116 ALA A CA  1 
ATOM   887  C C   . ALA A 1 116 ? -3.230  13.832  12.061  1.00 24.41 ? 116 ALA A C   1 
ATOM   888  O O   . ALA A 1 116 ? -2.282  13.365  11.494  1.00 22.76 ? 116 ALA A O   1 
ATOM   889  C CB  . ALA A 1 116 ? -5.211  14.221  10.625  1.00 24.74 ? 116 ALA A CB  1 
ATOM   890  N N   . VAL A 1 117 ? -3.163  14.899  12.851  1.00 26.45 ? 117 VAL A N   1 
ATOM   891  C CA  . VAL A 1 117 ? -1.888  15.477  13.256  1.00 28.10 ? 117 VAL A CA  1 
ATOM   892  C C   . VAL A 1 117 ? -1.024  14.380  13.933  1.00 26.27 ? 117 VAL A C   1 
ATOM   893  O O   . VAL A 1 117 ? 0.100   14.282  13.694  1.00 26.09 ? 117 VAL A O   1 
ATOM   894  C CB  . VAL A 1 117 ? -2.116  16.597  14.237  1.00 27.47 ? 117 VAL A CB  1 
ATOM   895  C CG1 . VAL A 1 117 ? -0.806  16.935  14.935  1.00 30.70 ? 117 VAL A CG1 1 
ATOM   896  C CG2 . VAL A 1 117 ? -2.704  17.775  13.497  1.00 28.18 ? 117 VAL A CG2 1 
ATOM   897  N N   . LYS A 1 118 ? -1.610  13.562  14.801  1.00 26.48 ? 118 LYS A N   1 
ATOM   898  C CA  . LYS A 1 118 ? -0.814  12.515  15.409  1.00 29.11 ? 118 LYS A CA  1 
ATOM   899  C C   . LYS A 1 118 ? -0.346  11.453  14.364  1.00 27.35 ? 118 LYS A C   1 
ATOM   900  O O   . LYS A 1 118 ? 0.728   10.894  14.450  1.00 23.55 ? 118 LYS A O   1 
ATOM   901  C CB  . LYS A 1 118 ? -1.601  11.607  16.519  1.00 31.86 ? 118 LYS A CB  1 
ATOM   902  C CG  . LYS A 1 118 ? -2.108  12.454  17.659  1.00 39.84 ? 118 LYS A CG  1 
ATOM   903  C CD  . LYS A 1 118 ? -2.912  11.726  18.723  1.00 52.93 ? 118 LYS A CD  1 
ATOM   904  C CE  . LYS A 1 118 ? -3.151  12.691  20.000  1.00 59.68 ? 118 LYS A CE  1 
ATOM   905  N NZ  . LYS A 1 118 ? -3.785  11.911  21.151  1.00 64.82 ? 118 LYS A NZ  1 
ATOM   906  N N   . THR A 1 119 ? -1.254  11.127  13.413  1.00 23.24 ? 119 THR A N   1 
ATOM   907  C CA  . THR A 1 119 ? -0.786  10.200  12.387  1.00 21.18 ? 119 THR A CA  1 
ATOM   908  C C   . THR A 1 119 ? 0.372   10.803  11.573  1.00 20.32 ? 119 THR A C   1 
ATOM   909  O O   . THR A 1 119 ? 1.308   10.112  11.232  1.00 20.47 ? 119 THR A O   1 
ATOM   910  C CB  . THR A 1 119 ? -1.999  9.917   11.484  1.00 20.48 ? 119 THR A CB  1 
ATOM   911  O OG1 . THR A 1 119 ? -3.010  9.228   12.247  1.00 21.60 ? 119 THR A OG1 1 
ATOM   912  C CG2 . THR A 1 119 ? -1.700  9.064   10.278  1.00 21.00 ? 119 THR A CG2 1 
ATOM   913  N N   . PHE A 1 120 ? 0.292   12.088  11.240  1.00 22.31 ? 120 PHE A N   1 
ATOM   914  C CA  . PHE A 1 120 ? 1.356   12.764  10.544  1.00 22.23 ? 120 PHE A CA  1 
ATOM   915  C C   . PHE A 1 120 ? 2.685   12.793  11.381  1.00 23.54 ? 120 PHE A C   1 
ATOM   916  O O   . PHE A 1 120 ? 3.736   12.613  10.844  1.00 22.92 ? 120 PHE A O   1 
ATOM   917  C CB  . PHE A 1 120 ? 0.978   14.243  10.220  1.00 22.84 ? 120 PHE A CB  1 
ATOM   918  C CG  . PHE A 1 120 ? 0.080   14.363  8.938   1.00 22.39 ? 120 PHE A CG  1 
ATOM   919  C CD1 . PHE A 1 120 ? -1.016  15.157  8.898   1.00 28.54 ? 120 PHE A CD1 1 
ATOM   920  C CD2 . PHE A 1 120 ? 0.299   13.502  7.870   1.00 25.74 ? 120 PHE A CD2 1 
ATOM   921  C CE1 . PHE A 1 120 ? -1.890  15.227  7.788   1.00 26.69 ? 120 PHE A CE1 1 
ATOM   922  C CE2 . PHE A 1 120 ? -0.577  13.588  6.665   1.00 23.73 ? 120 PHE A CE2 1 
ATOM   923  C CZ  . PHE A 1 120 ? -1.647  14.471  6.656   1.00 27.37 ? 120 PHE A CZ  1 
ATOM   924  N N   . GLU A 1 121 ? 2.562   12.994  12.680  1.00 23.15 ? 121 GLU A N   1 
ATOM   925  C CA  . GLU A 1 121 ? 3.797   12.936  13.511  1.00 27.73 ? 121 GLU A CA  1 
ATOM   926  C C   . GLU A 1 121 ? 4.439   11.566  13.381  1.00 26.45 ? 121 GLU A C   1 
ATOM   927  O O   . GLU A 1 121 ? 5.698   11.456  13.295  1.00 29.30 ? 121 GLU A O   1 
ATOM   928  C CB  . GLU A 1 121 ? 3.460   13.316  14.998  1.00 26.76 ? 121 GLU A CB  1 
ATOM   929  C CG  . GLU A 1 121 ? 2.912   14.690  15.113  1.00 29.95 ? 121 GLU A CG  1 
ATOM   930  C CD  . GLU A 1 121 ? 2.467   15.034  16.531  1.00 40.63 ? 121 GLU A CD  1 
ATOM   931  O OE1 . GLU A 1 121 ? 1.904   14.189  17.271  1.00 36.46 ? 121 GLU A OE1 1 
ATOM   932  O OE2 . GLU A 1 121 ? 2.739   16.191  16.905  1.00 45.34 ? 121 GLU A OE2 1 
ATOM   933  N N   . LYS A 1 122 ? 3.652   10.484  13.331  1.00 26.24 ? 122 LYS A N   1 
ATOM   934  C CA  . LYS A 1 122 ? 4.209   9.180   13.187  1.00 24.84 ? 122 LYS A CA  1 
ATOM   935  C C   . LYS A 1 122 ? 4.830   8.970   11.843  1.00 26.02 ? 122 LYS A C   1 
ATOM   936  O O   . LYS A 1 122 ? 5.919   8.465   11.669  1.00 25.97 ? 122 LYS A O   1 
ATOM   937  C CB  . LYS A 1 122 ? 3.097   8.110   13.450  1.00 26.63 ? 122 LYS A CB  1 
ATOM   938  C CG  . LYS A 1 122 ? 3.582   6.715   13.350  1.00 26.99 ? 122 LYS A CG  1 
ATOM   939  C CD  . LYS A 1 122 ? 2.554   5.710   13.668  1.00 34.16 ? 122 LYS A CD  1 
ATOM   940  C CE  . LYS A 1 122 ? 3.079   4.259   13.646  1.00 31.25 ? 122 LYS A CE  1 
ATOM   941  N NZ  . LYS A 1 122 ? 2.079   3.205   14.054  1.00 30.98 ? 122 LYS A NZ  1 
ATOM   942  N N   . ALA A 1 123 ? 4.165   9.480   10.791  1.00 26.30 ? 123 ALA A N   1 
ATOM   943  C CA  . ALA A 1 123 ? 4.647   9.289   9.446   1.00 24.16 ? 123 ALA A CA  1 
ATOM   944  C C   . ALA A 1 123 ? 6.041   10.071  9.374   1.00 25.79 ? 123 ALA A C   1 
ATOM   945  O O   . ALA A 1 123 ? 6.996   9.646   8.732   1.00 27.76 ? 123 ALA A O   1 
ATOM   946  C CB  . ALA A 1 123 ? 3.652   10.022  8.448   1.00 23.20 ? 123 ALA A CB  1 
ATOM   947  N N   . CYS A 1 124 ? 6.054   11.189  10.020  1.00 26.55 ? 124 CYS A N   1 
ATOM   948  C CA  . CYS A 1 124 ? 7.313   11.981  10.015  1.00 28.34 ? 124 CYS A CA  1 
ATOM   949  C C   . CYS A 1 124 ? 8.420   11.205  10.766  1.00 28.69 ? 124 CYS A C   1 
ATOM   950  O O   . CYS A 1 124 ? 9.536   11.098  10.260  1.00 29.30 ? 124 CYS A O   1 
ATOM   951  C CB  . CYS A 1 124 ? 7.085   13.311  10.757  1.00 26.36 ? 124 CYS A CB  1 
ATOM   952  S SG  . CYS A 1 124 ? 8.576   14.398  10.949  1.00 31.64 ? 124 CYS A SG  1 
ATOM   953  N N   . ARG A 1 125 ? 8.075   10.653  11.907  1.00 30.82 ? 125 ARG A N   1 
ATOM   954  C CA  . ARG A 1 125 ? 9.029   9.817   12.648  1.00 36.06 ? 125 ARG A CA  1 
ATOM   955  C C   . ARG A 1 125 ? 9.546   8.675   11.771  1.00 37.64 ? 125 ARG A C   1 
ATOM   956  O O   . ARG A 1 125 ? 10.776  8.388   11.736  1.00 38.06 ? 125 ARG A O   1 
ATOM   957  C CB  . ARG A 1 125 ? 8.368   9.239   13.916  1.00 35.88 ? 125 ARG A CB  1 
ATOM   958  C CG  . ARG A 1 125 ? 8.297   10.197  15.032  1.00 36.23 ? 125 ARG A CG  1 
ATOM   959  C CD  . ARG A 1 125 ? 8.008   9.464   16.356  1.00 44.90 ? 125 ARG A CD  1 
ATOM   960  N NE  . ARG A 1 125 ? 6.815   8.622   16.466  1.00 40.52 ? 125 ARG A NE  1 
ATOM   961  C CZ  . ARG A 1 125 ? 5.575   9.111   16.725  1.00 44.98 ? 125 ARG A CZ  1 
ATOM   962  N NH1 . ARG A 1 125 ? 5.388   10.409  16.890  1.00 44.35 ? 125 ARG A NH1 1 
ATOM   963  N NH2 . ARG A 1 125 ? 4.501   8.324   16.847  1.00 43.94 ? 125 ARG A NH2 1 
ATOM   964  N N   . LEU A 1 126 ? 8.670   8.084   10.937  1.00 33.20 ? 126 LEU A N   1 
ATOM   965  C CA  . LEU A 1 126 ? 9.072   6.953   10.070  1.00 31.66 ? 126 LEU A CA  1 
ATOM   966  C C   . LEU A 1 126 ? 9.897   7.341   8.852   1.00 30.93 ? 126 LEU A C   1 
ATOM   967  O O   . LEU A 1 126 ? 10.236  6.513   8.002   1.00 35.80 ? 126 LEU A O   1 
ATOM   968  C CB  . LEU A 1 126 ? 7.755   6.199   9.633   1.00 29.67 ? 126 LEU A CB  1 
ATOM   969  C CG  . LEU A 1 126 ? 7.119   5.456   10.778  1.00 31.73 ? 126 LEU A CG  1 
ATOM   970  C CD1 . LEU A 1 126 ? 5.807   4.841   10.282  1.00 25.63 ? 126 LEU A CD1 1 
ATOM   971  C CD2 . LEU A 1 126 ? 8.007   4.323   11.257  1.00 35.09 ? 126 LEU A CD2 1 
ATOM   972  N N   . GLY A 1 127 ? 10.159  8.640   8.698   1.00 32.98 ? 127 GLY A N   1 
ATOM   973  C CA  . GLY A 1 127 ? 10.902  9.144   7.525   1.00 32.46 ? 127 GLY A CA  1 
ATOM   974  C C   . GLY A 1 127 ? 10.148  9.886   6.449   1.00 32.48 ? 127 GLY A C   1 
ATOM   975  O O   . GLY A 1 127 ? 10.728  10.177  5.435   1.00 30.58 ? 127 GLY A O   1 
ATOM   976  N N   . SER A 1 128 ? 8.885   10.221  6.661   1.00 29.85 ? 128 SER A N   1 
ATOM   977  C CA  . SER A 1 128 ? 8.157   10.971  5.612   1.00 26.87 ? 128 SER A CA  1 
ATOM   978  C C   . SER A 1 128 ? 8.458   12.407  5.746   1.00 27.62 ? 128 SER A C   1 
ATOM   979  O O   . SER A 1 128 ? 7.935   13.040  6.636   1.00 27.26 ? 128 SER A O   1 
ATOM   980  C CB  . SER A 1 128 ? 6.656   10.729  5.723   1.00 29.34 ? 128 SER A CB  1 
ATOM   981  O OG  . SER A 1 128 ? 5.961   11.430  4.723   1.00 24.83 ? 128 SER A OG  1 
ATOM   982  N N   . GLU A 1 129 ? 9.221   12.942  4.790   1.00 31.04 ? 129 GLU A N   1 
ATOM   983  C CA  . GLU A 1 129 ? 9.555   14.342  4.803   1.00 34.74 ? 129 GLU A CA  1 
ATOM   984  C C   . GLU A 1 129 ? 8.314   15.172  4.626   1.00 31.92 ? 129 GLU A C   1 
ATOM   985  O O   . GLU A 1 129 ? 8.243   16.241  5.204   1.00 30.56 ? 129 GLU A O   1 
ATOM   986  C CB  . GLU A 1 129 ? 10.548  14.703  3.691   1.00 37.88 ? 129 GLU A CB  1 
ATOM   987  C CG  . GLU A 1 129 ? 11.941  14.133  3.980   1.00 50.54 ? 129 GLU A CG  1 
ATOM   988  C CD  . GLU A 1 129 ? 12.943  14.194  2.776   1.00 71.73 ? 129 GLU A CD  1 
ATOM   989  O OE1 . GLU A 1 129 ? 13.465  15.327  2.455   1.00 79.06 ? 129 GLU A OE1 1 
ATOM   990  O OE2 . GLU A 1 129 ? 13.243  13.107  2.161   1.00 78.19 ? 129 GLU A OE2 1 
ATOM   991  N N   . ASP A 1 130 ? 7.423   14.820  3.683   1.00 28.81 ? 130 ASP A N   1 
ATOM   992  C CA  . ASP A 1 130 ? 6.180   15.521  3.467   1.00 26.75 ? 130 ASP A CA  1 
ATOM   993  C C   . ASP A 1 130 ? 5.390   15.639  4.795   1.00 26.41 ? 130 ASP A C   1 
ATOM   994  O O   . ASP A 1 130 ? 4.856   16.703  5.147   1.00 25.58 ? 130 ASP A O   1 
ATOM   995  C CB  . ASP A 1 130 ? 5.304   14.763  2.422   1.00 27.64 ? 130 ASP A CB  1 
ATOM   996  C CG  . ASP A 1 130 ? 5.604   15.124  0.937   1.00 36.05 ? 130 ASP A CG  1 
ATOM   997  O OD1 . ASP A 1 130 ? 6.670   15.576  0.605   1.00 35.85 ? 130 ASP A OD1 1 
ATOM   998  O OD2 . ASP A 1 130 ? 4.828   14.859  0.038   1.00 39.24 ? 130 ASP A OD2 1 
ATOM   999  N N   . ALA A 1 131 ? 5.362   14.556  5.585   1.00 25.82 ? 131 ALA A N   1 
ATOM   1000 C CA  . ALA A 1 131 ? 4.612   14.630  6.844   1.00 25.13 ? 131 ALA A CA  1 
ATOM   1001 C C   . ALA A 1 131 ? 5.321   15.671  7.759   1.00 23.87 ? 131 ALA A C   1 
ATOM   1002 O O   . ALA A 1 131 ? 4.699   16.499  8.440   1.00 26.27 ? 131 ALA A O   1 
ATOM   1003 C CB  . ALA A 1 131 ? 4.532   13.194  7.590   1.00 23.02 ? 131 ALA A CB  1 
ATOM   1004 N N   . CYS A 1 132 ? 6.634   15.550  7.781   1.00 26.19 ? 132 CYS A N   1 
ATOM   1005 C CA  . CYS A 1 132 ? 7.365   16.448  8.651   1.00 28.69 ? 132 CYS A CA  1 
ATOM   1006 C C   . CYS A 1 132 ? 7.122   17.867  8.225   1.00 28.75 ? 132 CYS A C   1 
ATOM   1007 O O   . CYS A 1 132 ? 6.799   18.695  9.060   1.00 27.10 ? 132 CYS A O   1 
ATOM   1008 C CB  . CYS A 1 132 ? 8.888   16.215  8.616   1.00 28.51 ? 132 CYS A CB  1 
ATOM   1009 S SG  . CYS A 1 132 ? 9.397   14.591  9.200   1.00 33.18 ? 132 CYS A SG  1 
ATOM   1010 N N   . GLY A 1 133 ? 7.064   18.098  6.891   1.00 29.58 ? 133 GLY A N   1 
ATOM   1011 C CA  . GLY A 1 133 ? 6.721   19.475  6.483   1.00 28.02 ? 133 GLY A CA  1 
ATOM   1012 C C   . GLY A 1 133 ? 5.349   19.989  6.668   1.00 29.71 ? 133 GLY A C   1 
ATOM   1013 O O   . GLY A 1 133 ? 5.146   21.178  7.049   1.00 30.04 ? 133 GLY A O   1 
ATOM   1014 N N   . ILE A 1 134 ? 4.354   19.106  6.516   1.00 28.65 ? 134 ILE A N   1 
ATOM   1015 C CA  . ILE A 1 134 ? 2.998   19.471  6.880   1.00 27.91 ? 134 ILE A CA  1 
ATOM   1016 C C   . ILE A 1 134 ? 2.983   19.971  8.361   1.00 28.83 ? 134 ILE A C   1 
ATOM   1017 O O   . ILE A 1 134 ? 2.306   20.909  8.716   1.00 29.28 ? 134 ILE A O   1 
ATOM   1018 C CB  . ILE A 1 134 ? 2.087   18.270  6.763   1.00 25.55 ? 134 ILE A CB  1 
ATOM   1019 C CG1 . ILE A 1 134 ? 1.860   18.008  5.278   1.00 26.27 ? 134 ILE A CG1 1 
ATOM   1020 C CG2 . ILE A 1 134 ? 0.732   18.516  7.404   1.00 27.38 ? 134 ILE A CG2 1 
ATOM   1021 C CD1 . ILE A 1 134 ? 1.423   16.505  4.990   1.00 25.74 ? 134 ILE A CD1 1 
ATOM   1022 N N   . LEU A 1 135 ? 3.666   19.278  9.203   1.00 30.71 ? 135 LEU A N   1 
ATOM   1023 C CA  . LEU A 1 135 ? 3.656   19.594  10.644  1.00 33.72 ? 135 LEU A CA  1 
ATOM   1024 C C   . LEU A 1 135 ? 4.489   20.901  10.941  1.00 39.42 ? 135 LEU A C   1 
ATOM   1025 O O   . LEU A 1 135 ? 4.123   21.687  11.796  1.00 41.86 ? 135 LEU A O   1 
ATOM   1026 C CB  . LEU A 1 135 ? 4.287   18.459  11.426  1.00 33.04 ? 135 LEU A CB  1 
ATOM   1027 C CG  . LEU A 1 135 ? 3.453   17.162  11.349  1.00 30.77 ? 135 LEU A CG  1 
ATOM   1028 C CD1 . LEU A 1 135 ? 4.410   16.046  11.808  1.00 33.06 ? 135 LEU A CD1 1 
ATOM   1029 C CD2 . LEU A 1 135 ? 2.219   17.207  12.164  1.00 35.82 ? 135 LEU A CD2 1 
HETATM 1030 O O   . HOH B 2 .   ? 7.570   -4.799  -0.071  1.00 21.80 ? 139 HOH A O   1 
HETATM 1031 O O   . HOH B 2 .   ? -10.164 6.319   2.428   1.00 20.19 ? 140 HOH A O   1 
HETATM 1032 O O   . HOH B 2 .   ? 7.253   -1.828  -2.017  1.00 22.87 ? 141 HOH A O   1 
HETATM 1033 O O   . HOH B 2 .   ? -15.781 9.517   2.701   1.00 23.41 ? 142 HOH A O   1 
HETATM 1034 O O   . HOH B 2 .   ? 0.152   17.451  -0.386  1.00 23.65 ? 143 HOH A O   1 
HETATM 1035 O O   . HOH B 2 .   ? 6.197   3.225   2.625   1.00 26.17 ? 144 HOH A O   1 
HETATM 1036 O O   . HOH B 2 .   ? 7.932   0.841   -1.939  1.00 27.07 ? 145 HOH A O   1 
HETATM 1037 O O   . HOH B 2 .   ? -5.358  -8.928  3.263   1.00 29.37 ? 146 HOH A O   1 
HETATM 1038 O O   . HOH B 2 .   ? -6.620  15.704  3.226   1.00 27.76 ? 147 HOH A O   1 
HETATM 1039 O O   . HOH B 2 .   ? 4.601   2.075   1.698   1.00 32.77 ? 148 HOH A O   1 
HETATM 1040 O O   . HOH B 2 .   ? 6.773   -0.747  5.583   1.00 28.11 ? 149 HOH A O   1 
HETATM 1041 O O   . HOH B 2 .   ? -5.065  -8.694  6.072   1.00 30.42 ? 150 HOH A O   1 
HETATM 1042 O O   . HOH B 2 .   ? 5.727   -5.038  7.542   1.00 30.27 ? 151 HOH A O   1 
HETATM 1043 O O   . HOH B 2 .   ? -7.391  -1.443  10.153  1.00 29.22 ? 152 HOH A O   1 
HETATM 1044 O O   . HOH B 2 .   ? -1.400  -2.871  11.974  1.00 27.08 ? 153 HOH A O   1 
HETATM 1045 O O   . HOH B 2 .   ? 7.786   -16.330 -11.416 1.00 37.49 ? 154 HOH A O   1 
HETATM 1046 O O   . HOH B 2 .   ? 12.420  -12.916 -3.290  1.00 37.05 ? 155 HOH A O   1 
HETATM 1047 O O   . HOH B 2 .   ? -15.384 -3.106  -2.503  1.00 34.03 ? 156 HOH A O   1 
HETATM 1048 O O   . HOH B 2 .   ? -2.590  -9.849  9.526   1.00 33.70 ? 157 HOH A O   1 
HETATM 1049 O O   . HOH B 2 .   ? 9.532   -0.078  -0.302  1.00 32.21 ? 158 HOH A O   1 
HETATM 1050 O O   . HOH B 2 .   ? 0.874   -5.505  -11.723 1.00 34.47 ? 159 HOH A O   1 
HETATM 1051 O O   . HOH B 2 .   ? 8.437   1.675   1.868   1.00 36.11 ? 160 HOH A O   1 
HETATM 1052 O O   . HOH B 2 .   ? -0.868  -12.582 -14.268 1.00 32.72 ? 161 HOH A O   1 
HETATM 1053 O O   . HOH B 2 .   ? -5.193  6.351   13.602  1.00 35.92 ? 162 HOH A O   1 
HETATM 1054 O O   . HOH B 2 .   ? 7.935   2.147   5.202   1.00 35.56 ? 163 HOH A O   1 
HETATM 1055 O O   . HOH B 2 .   ? -13.882 4.138   8.495   1.00 39.63 ? 164 HOH A O   1 
HETATM 1056 O O   . HOH B 2 .   ? 12.233  -7.986  5.542   1.00 48.74 ? 165 HOH A O   1 
HETATM 1057 O O   . HOH B 2 .   ? 9.783   -2.319  2.527   1.00 33.87 ? 166 HOH A O   1 
HETATM 1058 O O   . HOH B 2 .   ? -6.671  4.192   12.587  1.00 36.87 ? 167 HOH A O   1 
HETATM 1059 O O   . HOH B 2 .   ? 6.470   -4.287  -16.599 1.00 37.59 ? 168 HOH A O   1 
HETATM 1060 O O   . HOH B 2 .   ? 6.973   13.062  20.385  1.00 57.40 ? 169 HOH A O   1 
HETATM 1061 O O   . HOH B 2 .   ? -6.225  0.073   -8.549  1.00 38.35 ? 170 HOH A O   1 
HETATM 1062 O O   . HOH B 2 .   ? -8.846  -0.367  -8.119  1.00 33.92 ? 171 HOH A O   1 
HETATM 1063 O O   . HOH B 2 .   ? -1.842  -1.539  -5.582  1.00 36.04 ? 172 HOH A O   1 
HETATM 1064 O O   . HOH B 2 .   ? -16.967 4.391   -0.437  1.00 35.78 ? 173 HOH A O   1 
HETATM 1065 O O   . HOH B 2 .   ? 10.687  -16.953 -30.968 1.00 36.96 ? 174 HOH A O   1 
HETATM 1066 O O   . HOH B 2 .   ? -8.587  -9.390  0.044   1.00 41.73 ? 175 HOH A O   1 
HETATM 1067 O O   . HOH B 2 .   ? -13.456 6.206   11.170  1.00 30.70 ? 176 HOH A O   1 
HETATM 1068 O O   . HOH B 2 .   ? 14.458  -4.984  2.713   1.00 41.48 ? 177 HOH A O   1 
HETATM 1069 O O   . HOH B 2 .   ? -4.776  -14.090 -1.341  1.00 40.01 ? 178 HOH A O   1 
HETATM 1070 O O   . HOH B 2 .   ? 6.032   8.694   2.623   1.00 37.76 ? 179 HOH A O   1 
HETATM 1071 O O   . HOH B 2 .   ? 7.313   13.670  14.532  1.00 36.86 ? 180 HOH A O   1 
HETATM 1072 O O   . HOH B 2 .   ? -1.143  0.931   -5.856  1.00 40.06 ? 181 HOH A O   1 
HETATM 1073 O O   . HOH B 2 .   ? -5.664  -0.087  11.898  1.00 38.40 ? 182 HOH A O   1 
HETATM 1074 O O   . HOH B 2 .   ? 12.683  -6.286  -3.539  1.00 41.50 ? 183 HOH A O   1 
HETATM 1075 O O   . HOH B 2 .   ? -11.569 17.582  13.318  1.00 42.10 ? 184 HOH A O   1 
HETATM 1076 O O   . HOH B 2 .   ? 11.720  16.350  11.542  1.00 52.56 ? 185 HOH A O   1 
HETATM 1077 O O   . HOH B 2 .   ? -5.775  -7.630  10.269  1.00 41.87 ? 186 HOH A O   1 
HETATM 1078 O O   . HOH B 2 .   ? -3.153  16.244  17.597  1.00 41.46 ? 187 HOH A O   1 
HETATM 1079 O O   . HOH B 2 .   ? -6.807  -4.256  10.775  1.00 43.65 ? 188 HOH A O   1 
HETATM 1080 O O   . HOH B 2 .   ? 1.519   -3.147  -13.947 1.00 45.59 ? 189 HOH A O   1 
HETATM 1081 O O   . HOH B 2 .   ? -0.611  3.244   13.999  1.00 44.94 ? 190 HOH A O   1 
HETATM 1082 O O   . HOH B 2 .   ? 17.094  -12.608 -6.943  1.00 43.91 ? 191 HOH A O   1 
HETATM 1083 O O   . HOH B 2 .   ? 10.455  3.878   7.509   1.00 42.58 ? 192 HOH A O   1 
HETATM 1084 O O   . HOH B 2 .   ? 8.211   -17.688 -15.643 1.00 46.78 ? 193 HOH A O   1 
HETATM 1085 O O   . HOH B 2 .   ? -15.811 -5.605  -3.082  1.00 37.16 ? 194 HOH A O   1 
HETATM 1086 O O   . HOH B 2 .   ? 12.914  -18.494 -27.129 1.00 37.66 ? 195 HOH A O   1 
HETATM 1087 O O   . HOH B 2 .   ? -8.280  -8.070  5.942   1.00 45.93 ? 196 HOH A O   1 
HETATM 1088 O O   . HOH B 2 .   ? -16.008 1.315   -8.505  1.00 36.59 ? 197 HOH A O   1 
HETATM 1089 O O   . HOH B 2 .   ? -17.396 7.172   2.086   1.00 37.95 ? 198 HOH A O   1 
HETATM 1090 O O   . HOH B 2 .   ? -14.418 -2.614  -16.151 1.00 50.69 ? 199 HOH A O   1 
HETATM 1091 O O   . HOH B 2 .   ? 10.940  -1.264  -8.641  1.00 60.27 ? 200 HOH A O   1 
HETATM 1092 O O   . HOH B 2 .   ? -11.682 2.762   8.296   1.00 70.94 ? 201 HOH A O   1 
HETATM 1093 O O   . HOH B 2 .   ? 14.352  -7.596  -2.282  1.00 48.72 ? 202 HOH A O   1 
HETATM 1094 O O   . HOH B 2 .   ? -3.439  -1.465  13.142  1.00 42.92 ? 203 HOH A O   1 
HETATM 1095 O O   . HOH B 2 .   ? 8.351   4.492   1.093   1.00 44.66 ? 204 HOH A O   1 
HETATM 1096 O O   . HOH B 2 .   ? 2.338   3.769   16.975  1.00 39.09 ? 205 HOH A O   1 
HETATM 1097 O O   . HOH B 2 .   ? -6.989  11.767  0.155   1.00 45.52 ? 206 HOH A O   1 
HETATM 1098 O O   . HOH B 2 .   ? -0.956  -5.457  -15.265 1.00 52.32 ? 207 HOH A O   1 
HETATM 1099 O O   . HOH B 2 .   ? -10.120 6.942   12.237  1.00 44.37 ? 208 HOH A O   1 
HETATM 1100 O O   . HOH B 2 .   ? 9.036   -1.556  7.390   1.00 57.09 ? 209 HOH A O   1 
HETATM 1101 O O   . HOH B 2 .   ? -10.178 17.804  15.475  1.00 44.82 ? 210 HOH A O   1 
HETATM 1102 O O   . HOH B 2 .   ? -1.913  6.619   13.536  1.00 45.68 ? 211 HOH A O   1 
HETATM 1103 O O   . HOH B 2 .   ? -1.064  -1.403  -10.775 1.00 50.30 ? 212 HOH A O   1 
HETATM 1104 O O   . HOH B 2 .   ? -9.563  -7.589  -10.109 1.00 51.59 ? 213 HOH A O   1 
HETATM 1105 O O   . HOH B 2 .   ? -2.849  7.900   -2.106  1.00 67.79 ? 214 HOH A O   1 
HETATM 1106 O O   . HOH B 2 .   ? -3.443  3.091   17.936  1.00 65.26 ? 215 HOH A O   1 
HETATM 1107 O O   . HOH B 2 .   ? -15.248 -3.462  0.603   1.00 62.24 ? 216 HOH A O   1 
HETATM 1108 O O   . HOH B 2 .   ? 0.992   -14.038 -11.789 1.00 45.07 ? 217 HOH A O   1 
HETATM 1109 O O   . HOH B 2 .   ? -16.403 -1.518  4.342   1.00 49.79 ? 218 HOH A O   1 
HETATM 1110 O O   . HOH B 2 .   ? 7.749   -13.676 -24.880 1.00 44.01 ? 219 HOH A O   1 
HETATM 1111 O O   . HOH B 2 .   ? 6.682   11.103  2.033   1.00 44.46 ? 220 HOH A O   1 
HETATM 1112 O O   . HOH B 2 .   ? 9.214   3.460   2.840   1.00 49.14 ? 221 HOH A O   1 
HETATM 1113 O O   . HOH B 2 .   ? 0.787   1.139   16.138  1.00 54.79 ? 222 HOH A O   1 
HETATM 1114 O O   . HOH B 2 .   ? 11.907  1.723   0.654   1.00 86.97 ? 223 HOH A O   1 
HETATM 1115 O O   . HOH B 2 .   ? 6.186   4.260   15.695  1.00 52.43 ? 224 HOH A O   1 
HETATM 1116 O O   . HOH B 2 .   ? -6.923  23.223  10.366  1.00 57.46 ? 225 HOH A O   1 
HETATM 1117 O O   . HOH B 2 .   ? 5.595   3.046   18.672  1.00 46.91 ? 226 HOH A O   1 
HETATM 1118 O O   . HOH B 2 .   ? -5.966  -4.469  -16.410 1.00 58.45 ? 227 HOH A O   1 
HETATM 1119 O O   . HOH B 2 .   ? 9.332   -7.137  8.070   1.00 50.66 ? 228 HOH A O   1 
HETATM 1120 O O   . HOH B 2 .   ? 12.034  -13.848 -27.527 1.00 40.74 ? 229 HOH A O   1 
HETATM 1121 O O   . HOH B 2 .   ? -7.782  -4.918  7.648   1.00 60.00 ? 230 HOH A O   1 
HETATM 1122 O O   . HOH B 2 .   ? -8.101  -2.156  13.967  1.00 45.77 ? 231 HOH A O   1 
HETATM 1123 O O   . HOH B 2 .   ? -10.151 19.552  8.666   1.00 45.41 ? 232 HOH A O   1 
HETATM 1124 O O   . HOH B 2 .   ? 6.905   -2.975  18.069  1.00 45.95 ? 233 HOH A O   1 
HETATM 1125 O O   . HOH B 2 .   ? -9.386  -3.766  12.681  1.00 56.25 ? 234 HOH A O   1 
HETATM 1126 O O   . HOH B 2 .   ? 15.207  -13.285 -30.289 1.00 45.76 ? 235 HOH A O   1 
HETATM 1127 O O   . HOH B 2 .   ? -12.249 8.031   14.688  1.00 54.58 ? 236 HOH A O   1 
HETATM 1128 O O   . HOH B 2 .   ? 12.573  17.258  9.358   1.00 45.86 ? 237 HOH A O   1 
HETATM 1129 O O   . HOH B 2 .   ? 14.231  -11.501 -1.460  1.00 46.45 ? 238 HOH A O   1 
HETATM 1130 O O   . HOH B 2 .   ? 15.295  -5.724  -0.473  1.00 51.90 ? 239 HOH A O   1 
HETATM 1131 O O   . HOH B 2 .   ? -3.706  -12.167 -17.600 1.00 41.98 ? 240 HOH A O   1 
HETATM 1132 O O   . HOH B 2 .   ? 1.353   -16.406 -3.165  1.00 49.65 ? 241 HOH A O   1 
HETATM 1133 O O   . HOH B 2 .   ? 5.721   18.135  15.215  1.00 50.46 ? 242 HOH A O   1 
HETATM 1134 O O   . HOH B 2 .   ? 10.116  -4.193  7.020   1.00 47.90 ? 243 HOH A O   1 
HETATM 1135 O O   . HOH B 2 .   ? -2.458  -1.351  -15.739 1.00 53.63 ? 244 HOH A O   1 
HETATM 1136 O O   . HOH B 2 .   ? 1.877   -13.841 -16.463 1.00 49.66 ? 245 HOH A O   1 
HETATM 1137 O O   . HOH B 2 .   ? 13.569  -18.254 -10.369 1.00 56.13 ? 246 HOH A O   1 
HETATM 1138 O O   . HOH B 2 .   ? 4.162   -16.914 -11.549 1.00 47.00 ? 247 HOH A O   1 
HETATM 1139 O O   . HOH B 2 .   ? 11.337  -0.108  7.716   1.00 51.25 ? 248 HOH A O   1 
HETATM 1140 O O   . HOH B 2 .   ? -11.606 10.885  18.777  1.00 60.98 ? 249 HOH A O   1 
HETATM 1141 O O   . HOH B 2 .   ? -2.503  23.499  14.083  1.00 60.51 ? 250 HOH A O   1 
HETATM 1142 O O   . HOH B 2 .   ? -1.343  -0.270  16.006  1.00 67.31 ? 251 HOH A O   1 
HETATM 1143 O O   . HOH B 2 .   ? -8.726  5.184   10.996  1.00 46.36 ? 252 HOH A O   1 
HETATM 1144 O O   . HOH B 2 .   ? -6.409  -17.802 -3.633  1.00 55.22 ? 253 HOH A O   1 
HETATM 1145 O O   . HOH B 2 .   ? -15.556 -6.628  0.541   1.00 52.25 ? 254 HOH A O   1 
HETATM 1146 O O   . HOH B 2 .   ? 10.403  11.494  2.277   1.00 41.52 ? 255 HOH A O   1 
HETATM 1147 O O   . HOH B 2 .   ? -9.180  0.691   10.750  1.00 50.72 ? 256 HOH A O   1 
HETATM 1148 O O   . HOH B 2 .   ? -4.749  21.361  12.302  1.00 52.99 ? 257 HOH A O   1 
HETATM 1149 O O   . HOH B 2 .   ? -15.011 -1.199  -11.200 1.00 43.96 ? 258 HOH A O   1 
HETATM 1150 O O   . HOH B 2 .   ? -4.115  18.826  16.791  1.00 56.90 ? 259 HOH A O   1 
HETATM 1151 O O   . HOH B 2 .   ? -2.006  3.814   -9.003  1.00 51.97 ? 260 HOH A O   1 
HETATM 1152 O O   . HOH B 2 .   ? 6.535   2.564   0.214   1.00 50.43 ? 261 HOH A O   1 
HETATM 1153 O O   . HOH B 2 .   ? -6.627  22.914  14.281  1.00 51.68 ? 262 HOH A O   1 
HETATM 1154 O O   . HOH B 2 .   ? 6.857   25.133  11.573  1.00 68.24 ? 263 HOH A O   1 
HETATM 1155 O O   . HOH B 2 .   ? -1.270  -15.653 -15.412 1.00 61.25 ? 264 HOH A O   1 
HETATM 1156 O O   . HOH B 2 .   ? 12.647  -20.712 -8.395  1.00 58.38 ? 265 HOH A O   1 
HETATM 1157 O O   . HOH B 2 .   ? -6.138  20.270  14.698  1.00 69.90 ? 266 HOH A O   1 
HETATM 1158 O O   . HOH B 2 .   ? -14.930 23.137  11.680  1.00 54.16 ? 267 HOH A O   1 
HETATM 1159 O O   . HOH B 2 .   ? -1.273  -15.278 -3.360  1.00 56.90 ? 268 HOH A O   1 
HETATM 1160 O O   . HOH B 2 .   ? 10.719  -0.907  10.833  1.00 55.49 ? 269 HOH A O   1 
HETATM 1161 O O   . HOH B 2 .   ? -17.036 3.349   1.884   1.00 51.61 ? 270 HOH A O   1 
HETATM 1162 O O   . HOH B 2 .   ? 13.245  -14.663 -29.561 1.00 49.07 ? 271 HOH A O   1 
HETATM 1163 O O   . HOH B 2 .   ? -9.925  20.583  15.330  1.00 50.21 ? 272 HOH A O   1 
HETATM 1164 O O   . HOH B 2 .   ? 3.126   -17.424 0.456   1.00 60.83 ? 273 HOH A O   1 
HETATM 1165 O O   . HOH B 2 .   ? -9.991  -4.428  6.670   1.00 54.22 ? 274 HOH A O   1 
HETATM 1166 O O   . HOH B 2 .   ? -1.112  -9.158  -17.732 1.00 48.37 ? 275 HOH A O   1 
HETATM 1167 O O   . HOH B 2 .   ? 12.004  7.695   3.470   1.00 57.96 ? 276 HOH A O   1 
HETATM 1168 O O   . HOH B 2 .   ? 9.792   -5.654  -12.924 1.00 41.23 ? 277 HOH A O   1 
HETATM 1169 O O   . HOH B 2 .   ? 7.285   0.942   17.620  1.00 59.79 ? 278 HOH A O   1 
HETATM 1170 O O   . HOH B 2 .   ? 12.163  -15.647 -9.269  1.00 56.60 ? 279 HOH A O   1 
HETATM 1171 O O   . HOH B 2 .   ? 1.158   23.114  11.682  1.00 68.37 ? 280 HOH A O   1 
HETATM 1172 O O   . HOH B 2 .   ? -23.564 4.733   -7.555  1.00 55.91 ? 281 HOH A O   1 
HETATM 1173 O O   . HOH B 2 .   ? -12.481 -9.159  1.685   1.00 51.59 ? 282 HOH A O   1 
HETATM 1174 O O   . HOH B 2 .   ? -14.493 11.248  -2.121  1.00 54.92 ? 283 HOH A O   1 
HETATM 1175 O O   . HOH B 2 .   ? -5.865  25.158  11.834  1.00 54.72 ? 284 HOH A O   1 
HETATM 1176 O O   . HOH B 2 .   ? 13.856  10.599  0.256   1.00 68.24 ? 285 HOH A O   1 
HETATM 1177 O O   . HOH B 2 .   ? 11.776  -3.660  5.343   1.00 52.80 ? 286 HOH A O   1 
HETATM 1178 O O   . HOH B 2 .   ? -0.760  7.145   15.788  1.00 54.44 ? 287 HOH A O   1 
HETATM 1179 O O   . HOH B 2 .   ? -11.039 -1.705  12.646  1.00 52.75 ? 288 HOH A O   1 
HETATM 1180 O O   . HOH B 2 .   ? -16.449 8.920   -3.620  1.00 66.86 ? 289 HOH A O   1 
HETATM 1181 O O   . HOH B 2 .   ? -10.460 15.486  18.057  1.00 58.14 ? 290 HOH A O   1 
HETATM 1182 O O   . HOH B 2 .   ? 2.073   5.281   18.889  1.00 55.05 ? 291 HOH A O   1 
HETATM 1183 O O   . HOH B 2 .   ? 8.395   14.613  -1.553  1.00 53.30 ? 292 HOH A O   1 
HETATM 1184 O O   . HOH B 2 .   ? 1.755   -16.427 -12.562 1.00 59.27 ? 293 HOH A O   1 
HETATM 1185 O O   . HOH B 2 .   ? -13.224 17.519  4.281   1.00 41.92 ? 294 HOH A O   1 
HETATM 1186 O O   . HOH B 2 .   ? 6.588   -16.915 -4.348  1.00 47.61 ? 295 HOH A O   1 
HETATM 1187 O O   . HOH B 2 .   ? 15.100  12.856  14.390  1.00 53.44 ? 296 HOH A O   1 
HETATM 1188 O O   . HOH B 2 .   ? 11.114  19.149  10.204  1.00 58.14 ? 297 HOH A O   1 
HETATM 1189 O O   . HOH B 2 .   ? -7.908  -9.929  2.360   1.00 48.04 ? 298 HOH A O   1 
HETATM 1190 O O   . HOH B 2 .   ? -6.674  0.370   14.421  1.00 49.86 ? 299 HOH A O   1 
HETATM 1191 O O   . HOH B 2 .   ? 3.276   -1.099  -15.320 1.00 49.27 ? 300 HOH A O   1 
HETATM 1192 O O   . HOH B 2 .   ? 18.869  -0.913  1.316   1.00 49.60 ? 301 HOH A O   1 
HETATM 1193 O O   . HOH B 2 .   ? -10.027 -8.612  -7.862  1.00 54.38 ? 302 HOH A O   1 
HETATM 1194 O O   . HOH B 2 .   ? -0.721  5.554   -3.971  1.00 53.86 ? 303 HOH A O   1 
HETATM 1195 O O   . HOH B 2 .   ? 7.785   20.020  12.901  1.00 54.62 ? 304 HOH A O   1 
HETATM 1196 O O   . HOH B 2 .   ? -4.643  24.245  15.330  1.00 59.30 ? 305 HOH A O   1 
HETATM 1197 O O   . HOH B 2 .   ? -0.822  20.945  12.917  1.00 54.63 ? 306 HOH A O   1 
HETATM 1198 O O   . HOH B 2 .   ? 7.805   5.926   15.545  1.00 53.51 ? 307 HOH A O   1 
HETATM 1199 O O   . HOH B 2 .   ? 9.146   2.290   -0.359  1.00 50.08 ? 308 HOH A O   1 
HETATM 1200 O O   . HOH B 2 .   ? -3.885  -0.297  -8.095  1.00 58.51 ? 309 HOH A O   1 
HETATM 1201 O O   . HOH B 2 .   ? -3.212  -1.898  -9.621  1.00 53.42 ? 310 HOH A O   1 
HETATM 1202 O O   . HOH B 2 .   ? 6.628   13.339  17.152  1.00 58.43 ? 311 HOH A O   1 
HETATM 1203 O O   . HOH B 2 .   ? 9.308   -3.895  10.045  1.00 60.77 ? 312 HOH A O   1 
HETATM 1204 O O   . HOH B 2 .   ? -14.701 17.337  1.303   1.00 53.34 ? 313 HOH A O   1 
HETATM 1205 O O   . HOH B 2 .   ? -14.675 -0.109  7.346   1.00 71.41 ? 314 HOH A O   1 
HETATM 1206 O O   . HOH B 2 .   ? 9.363   -16.916 -17.633 1.00 52.24 ? 315 HOH A O   1 
HETATM 1207 O O   . HOH B 2 .   ? -4.153  -3.065  -16.920 1.00 61.55 ? 316 HOH A O   1 
HETATM 1208 O O   . HOH B 2 .   ? -1.224  -7.233  12.639  1.00 55.60 ? 317 HOH A O   1 
HETATM 1209 O O   . HOH B 2 .   ? 1.405   -17.384 -8.956  1.00 60.04 ? 318 HOH A O   1 
HETATM 1210 O O   . HOH B 2 .   ? 0.020   -18.855 -8.787  1.00 54.16 ? 319 HOH A O   1 
HETATM 1211 O O   . HOH B 2 .   ? -11.543 -7.583  4.681   1.00 66.56 ? 320 HOH A O   1 
HETATM 1212 O O   . HOH B 2 .   ? 9.803   -8.926  -26.909 1.00 64.81 ? 321 HOH A O   1 
HETATM 1213 O O   . HOH B 2 .   ? 7.796   -3.024  11.693  1.00 52.23 ? 322 HOH A O   1 
HETATM 1214 O O   . HOH B 2 .   ? -1.003  -2.588  -21.608 1.00 65.20 ? 323 HOH A O   1 
HETATM 1215 O O   . HOH B 2 .   ? 0.696   -6.511  -20.252 1.00 43.23 ? 324 HOH A O   1 
HETATM 1216 O O   . HOH B 2 .   ? -13.338 -7.187  -2.070  1.00 45.54 ? 325 HOH A O   1 
HETATM 1217 O O   . HOH B 2 .   ? 8.798   3.250   -2.688  1.00 50.01 ? 326 HOH A O   1 
HETATM 1218 O O   . HOH B 2 .   ? 8.966   -7.397  -10.896 1.00 44.03 ? 327 HOH A O   1 
# 
